data_1TG1
# 
_entry.id   1TG1 
# 
_audit_conform.dict_name       mmcif_pdbx.dic 
_audit_conform.dict_version    5.399 
_audit_conform.dict_location   http://mmcif.pdb.org/dictionaries/ascii/mmcif_pdbx.dic 
# 
loop_
_database_2.database_id 
_database_2.database_code 
_database_2.pdbx_database_accession 
_database_2.pdbx_DOI 
PDB   1TG1         pdb_00001tg1 10.2210/pdb1tg1/pdb 
RCSB  RCSB022617   ?            ?                   
WWPDB D_1000022617 ?            ?                   
# 
loop_
_pdbx_audit_revision_history.ordinal 
_pdbx_audit_revision_history.data_content_type 
_pdbx_audit_revision_history.major_revision 
_pdbx_audit_revision_history.minor_revision 
_pdbx_audit_revision_history.revision_date 
1 'Structure model' 1 0 2004-06-08 
2 'Structure model' 1 1 2008-04-30 
3 'Structure model' 1 2 2011-07-13 
4 'Structure model' 1 3 2012-12-12 
5 'Structure model' 1 4 2017-10-11 
6 'Structure model' 1 5 2023-08-23 
7 'Structure model' 2 0 2024-02-28 
8 'Structure model' 2 1 2024-11-20 
# 
_pdbx_audit_revision_details.ordinal             1 
_pdbx_audit_revision_details.revision_ordinal    1 
_pdbx_audit_revision_details.data_content_type   'Structure model' 
_pdbx_audit_revision_details.provider            repository 
_pdbx_audit_revision_details.type                'Initial release' 
_pdbx_audit_revision_details.description         ? 
_pdbx_audit_revision_details.details             ? 
# 
loop_
_pdbx_audit_revision_group.ordinal 
_pdbx_audit_revision_group.revision_ordinal 
_pdbx_audit_revision_group.data_content_type 
_pdbx_audit_revision_group.group 
1  2 'Structure model' 'Version format compliance' 
2  3 'Structure model' 'Atomic model'              
3  3 'Structure model' 'Database references'       
4  3 'Structure model' 'Derived calculations'      
5  3 'Structure model' 'Non-polymer description'   
6  3 'Structure model' 'Structure summary'         
7  3 'Structure model' 'Version format compliance' 
8  4 'Structure model' Other                       
9  5 'Structure model' 'Refinement description'    
10 6 'Structure model' 'Data collection'           
11 6 'Structure model' 'Database references'       
12 6 'Structure model' 'Derived calculations'      
13 6 'Structure model' 'Refinement description'    
14 7 'Structure model' Advisory                    
15 7 'Structure model' 'Atomic model'              
16 7 'Structure model' 'Data collection'           
17 7 'Structure model' 'Database references'       
18 7 'Structure model' 'Derived calculations'      
19 7 'Structure model' 'Source and taxonomy'       
20 7 'Structure model' 'Structure summary'         
21 8 'Structure model' 'Structure summary'         
# 
loop_
_pdbx_audit_revision_category.ordinal 
_pdbx_audit_revision_category.revision_ordinal 
_pdbx_audit_revision_category.data_content_type 
_pdbx_audit_revision_category.category 
1  5 'Structure model' software                        
2  6 'Structure model' chem_comp_atom                  
3  6 'Structure model' chem_comp_bond                  
4  6 'Structure model' database_2                      
5  6 'Structure model' diffrn_source                   
6  6 'Structure model' pdbx_initial_refinement_model   
7  6 'Structure model' struct_conn                     
8  6 'Structure model' struct_site                     
9  7 'Structure model' atom_site                       
10 7 'Structure model' entity                          
11 7 'Structure model' entity_name_com                 
12 7 'Structure model' entity_src_nat                  
13 7 'Structure model' pdbx_distant_solvent_atoms      
14 7 'Structure model' pdbx_entity_nonpoly             
15 7 'Structure model' pdbx_entity_src_syn             
16 7 'Structure model' pdbx_nonpoly_scheme             
17 7 'Structure model' pdbx_poly_seq_scheme            
18 7 'Structure model' pdbx_struct_assembly_gen        
19 7 'Structure model' pdbx_unobs_or_zero_occ_residues 
20 7 'Structure model' struct_asym                     
21 7 'Structure model' struct_conn                     
22 7 'Structure model' struct_ref                      
23 7 'Structure model' struct_site_gen                 
24 8 'Structure model' pdbx_entry_details              
25 8 'Structure model' pdbx_modification_feature       
# 
loop_
_pdbx_audit_revision_item.ordinal 
_pdbx_audit_revision_item.revision_ordinal 
_pdbx_audit_revision_item.data_content_type 
_pdbx_audit_revision_item.item 
1  5 'Structure model' '_software.classification'                 
2  5 'Structure model' '_software.name'                           
3  6 'Structure model' '_database_2.pdbx_DOI'                     
4  6 'Structure model' '_database_2.pdbx_database_accession'      
5  6 'Structure model' '_diffrn_source.pdbx_synchrotron_site'     
6  6 'Structure model' '_struct_conn.pdbx_leaving_atom_flag'      
7  6 'Structure model' '_struct_site.pdbx_auth_asym_id'           
8  6 'Structure model' '_struct_site.pdbx_auth_comp_id'           
9  6 'Structure model' '_struct_site.pdbx_auth_seq_id'            
10 7 'Structure model' '_atom_site.B_iso_or_equiv'                
11 7 'Structure model' '_atom_site.Cartn_x'                       
12 7 'Structure model' '_atom_site.Cartn_y'                       
13 7 'Structure model' '_atom_site.Cartn_z'                       
14 7 'Structure model' '_atom_site.auth_asym_id'                  
15 7 'Structure model' '_atom_site.auth_atom_id'                  
16 7 'Structure model' '_atom_site.auth_comp_id'                  
17 7 'Structure model' '_atom_site.auth_seq_id'                   
18 7 'Structure model' '_atom_site.group_PDB'                     
19 7 'Structure model' '_atom_site.label_asym_id'                 
20 7 'Structure model' '_atom_site.label_atom_id'                 
21 7 'Structure model' '_atom_site.label_comp_id'                 
22 7 'Structure model' '_atom_site.label_entity_id'               
23 7 'Structure model' '_atom_site.label_seq_id'                  
24 7 'Structure model' '_atom_site.occupancy'                     
25 7 'Structure model' '_atom_site.type_symbol'                   
26 7 'Structure model' '_entity_src_nat.pdbx_beg_seq_num'         
27 7 'Structure model' '_entity_src_nat.pdbx_end_seq_num'         
28 7 'Structure model' '_entity_src_nat.pdbx_organism_scientific' 
29 7 'Structure model' '_pdbx_poly_seq_scheme.auth_mon_id'        
30 7 'Structure model' '_pdbx_poly_seq_scheme.auth_seq_num'       
31 7 'Structure model' '_pdbx_poly_seq_scheme.pdb_mon_id'         
32 7 'Structure model' '_pdbx_struct_assembly_gen.asym_id_list'   
33 7 'Structure model' '_struct_conn.ptnr1_label_asym_id'         
34 7 'Structure model' '_struct_conn.ptnr1_label_seq_id'          
35 7 'Structure model' '_struct_ref.db_code'                      
36 7 'Structure model' '_struct_ref.pdbx_align_begin'             
37 7 'Structure model' '_struct_site_gen.label_asym_id'           
38 7 'Structure model' '_struct_site_gen.label_seq_id'            
# 
_pdbx_database_status.status_code                     REL 
_pdbx_database_status.entry_id                        1TG1 
_pdbx_database_status.recvd_initial_deposition_date   2004-05-28 
_pdbx_database_status.deposit_site                    RCSB 
_pdbx_database_status.process_site                    RCSB 
_pdbx_database_status.SG_entry                        . 
_pdbx_database_status.status_code_sf                  ? 
_pdbx_database_status.status_code_mr                  ? 
_pdbx_database_status.status_code_cs                  ? 
_pdbx_database_status.pdb_format_compatible           Y 
_pdbx_database_status.methods_development_category    ? 
_pdbx_database_status.status_code_nmr_data            ? 
# 
loop_
_pdbx_database_related.db_name 
_pdbx_database_related.db_id 
_pdbx_database_related.details 
_pdbx_database_related.content_type 
PDB 1TG4 . unspecified 
PDB 1TGM . unspecified 
PDB 1TH6 . unspecified 
PDB 1TI0 . unspecified 
# 
loop_
_audit_author.name 
_audit_author.pdbx_ordinal 
'Singh, N.'       1 
'Kaur, P.'        2 
'Somvanshi, R.K.' 3 
'Sharma, S.'      4 
'Dey, S.'         5 
'Perbandt, M.'    6 
'Betzel, C.'      7 
'Singh, T.P.'     8 
# 
_citation.id                        primary 
_citation.title                     
;Crystal Structure of the complex formed between russells viper phospholipase A2 and a designed peptide inhibitor Cbz-dehydro-Leu-Val-Arg-Tyr at 1.2A resolution
;
_citation.journal_abbrev            'To be Published' 
_citation.journal_volume            ? 
_citation.page_first                ? 
_citation.page_last                 ? 
_citation.year                      ? 
_citation.journal_id_ASTM           ? 
_citation.country                   ? 
_citation.journal_id_ISSN           ? 
_citation.journal_id_CSD            0353 
_citation.book_publisher            ? 
_citation.pdbx_database_id_PubMed   ? 
_citation.pdbx_database_id_DOI      ? 
# 
loop_
_citation_author.citation_id 
_citation_author.name 
_citation_author.ordinal 
_citation_author.identifier_ORCID 
primary 'Singh, N.'       1 ? 
primary 'Kaur, P.'        2 ? 
primary 'Somvanshi, R.K.' 3 ? 
primary 'Sharma, S.'      4 ? 
primary 'Dey, S.'         5 ? 
primary 'Perbandt, M.'    6 ? 
primary 'Betzel, C.'      7 ? 
primary 'Singh, T.P.'     8 ? 
# 
loop_
_entity.id 
_entity.type 
_entity.src_method 
_entity.pdbx_description 
_entity.formula_weight 
_entity.pdbx_number_of_molecules 
_entity.pdbx_ec 
_entity.pdbx_mutation 
_entity.pdbx_fragment 
_entity.details 
1 polymer     nat 'Phospholipase A2'  13629.767 1   3.1.1.4 ? ? ? 
2 polymer     syn 'peptide inhibitor' 703.249   1   ?       ? ? ? 
3 non-polymer syn 'SULFATE ION'       96.063    3   ?       ? ? ? 
4 non-polymer syn 'ACETIC ACID'       60.052    1   ?       ? ? ? 
5 non-polymer syn METHANOL            32.042    2   ?       ? ? ? 
6 water       nat water               18.015    207 ?       ? ? ? 
# 
loop_
_entity_poly.entity_id 
_entity_poly.type 
_entity_poly.nstd_linkage 
_entity_poly.nstd_monomer 
_entity_poly.pdbx_seq_one_letter_code 
_entity_poly.pdbx_seq_one_letter_code_can 
_entity_poly.pdbx_strand_id 
_entity_poly.pdbx_target_identifier 
1 'polypeptide(L)' no no  
;SLLEFGKMILEETGKLAIPSYSSYGCYCGWGGKGTPKDATDRCCFVHDCCYGNLPDCNPKSDRYKYKRVNGAIVCEKGTS
CENRICECDKAAAICFRQNLNTYSKKYMLYPDFLCKGELKC
;
;SLLEFGKMILEETGKLAIPSYSSYGCYCGWGGKGTPKDATDRCCFVHDCCYGNLPDCNPKSDRYKYKRVNGAIVCEKGTS
CENRICECDKAAAICFRQNLNTYSKKYMLYPDFLCKGELKC
;
A ? 
2 'polypeptide(L)' no yes '(PHQ)LVRY' XLVRY C ? 
# 
loop_
_pdbx_entity_nonpoly.entity_id 
_pdbx_entity_nonpoly.name 
_pdbx_entity_nonpoly.comp_id 
3 'SULFATE ION' SO4 
4 'ACETIC ACID' ACY 
5 METHANOL      MOH 
6 water         HOH 
# 
loop_
_entity_poly_seq.entity_id 
_entity_poly_seq.num 
_entity_poly_seq.mon_id 
_entity_poly_seq.hetero 
1 1   SER n 
1 2   LEU n 
1 3   LEU n 
1 4   GLU n 
1 5   PHE n 
1 6   GLY n 
1 7   LYS n 
1 8   MET n 
1 9   ILE n 
1 10  LEU n 
1 11  GLU n 
1 12  GLU n 
1 13  THR n 
1 14  GLY n 
1 15  LYS n 
1 16  LEU n 
1 17  ALA n 
1 18  ILE n 
1 19  PRO n 
1 20  SER n 
1 21  TYR n 
1 22  SER n 
1 23  SER n 
1 24  TYR n 
1 25  GLY n 
1 26  CYS n 
1 27  TYR n 
1 28  CYS n 
1 29  GLY n 
1 30  TRP n 
1 31  GLY n 
1 32  GLY n 
1 33  LYS n 
1 34  GLY n 
1 35  THR n 
1 36  PRO n 
1 37  LYS n 
1 38  ASP n 
1 39  ALA n 
1 40  THR n 
1 41  ASP n 
1 42  ARG n 
1 43  CYS n 
1 44  CYS n 
1 45  PHE n 
1 46  VAL n 
1 47  HIS n 
1 48  ASP n 
1 49  CYS n 
1 50  CYS n 
1 51  TYR n 
1 52  GLY n 
1 53  ASN n 
1 54  LEU n 
1 55  PRO n 
1 56  ASP n 
1 57  CYS n 
1 58  ASN n 
1 59  PRO n 
1 60  LYS n 
1 61  SER n 
1 62  ASP n 
1 63  ARG n 
1 64  TYR n 
1 65  LYS n 
1 66  TYR n 
1 67  LYS n 
1 68  ARG n 
1 69  VAL n 
1 70  ASN n 
1 71  GLY n 
1 72  ALA n 
1 73  ILE n 
1 74  VAL n 
1 75  CYS n 
1 76  GLU n 
1 77  LYS n 
1 78  GLY n 
1 79  THR n 
1 80  SER n 
1 81  CYS n 
1 82  GLU n 
1 83  ASN n 
1 84  ARG n 
1 85  ILE n 
1 86  CYS n 
1 87  GLU n 
1 88  CYS n 
1 89  ASP n 
1 90  LYS n 
1 91  ALA n 
1 92  ALA n 
1 93  ALA n 
1 94  ILE n 
1 95  CYS n 
1 96  PHE n 
1 97  ARG n 
1 98  GLN n 
1 99  ASN n 
1 100 LEU n 
1 101 ASN n 
1 102 THR n 
1 103 TYR n 
1 104 SER n 
1 105 LYS n 
1 106 LYS n 
1 107 TYR n 
1 108 MET n 
1 109 LEU n 
1 110 TYR n 
1 111 PRO n 
1 112 ASP n 
1 113 PHE n 
1 114 LEU n 
1 115 CYS n 
1 116 LYS n 
1 117 GLY n 
1 118 GLU n 
1 119 LEU n 
1 120 LYS n 
1 121 CYS n 
2 1   PHQ n 
2 2   LEU n 
2 3   VAL n 
2 4   ARG n 
2 5   TYR n 
# 
_entity_src_nat.entity_id                  1 
_entity_src_nat.pdbx_src_id                1 
_entity_src_nat.pdbx_alt_source_flag       sample 
_entity_src_nat.pdbx_beg_seq_num           1 
_entity_src_nat.pdbx_end_seq_num           121 
_entity_src_nat.common_name                ? 
_entity_src_nat.pdbx_organism_scientific   'Daboia russelii russelii' 
_entity_src_nat.pdbx_ncbi_taxonomy_id      31159 
_entity_src_nat.genus                      Daboia 
_entity_src_nat.species                    'Daboia russellii' 
_entity_src_nat.strain                     russellii 
_entity_src_nat.tissue                     'snake venom' 
_entity_src_nat.tissue_fraction            ? 
_entity_src_nat.pdbx_secretion             ? 
_entity_src_nat.pdbx_fragment              ? 
_entity_src_nat.pdbx_variant               ? 
_entity_src_nat.pdbx_cell_line             ? 
_entity_src_nat.pdbx_atcc                  ? 
_entity_src_nat.pdbx_cellular_location     ? 
_entity_src_nat.pdbx_organ                 ? 
_entity_src_nat.pdbx_organelle             ? 
_entity_src_nat.pdbx_cell                  ? 
_entity_src_nat.pdbx_plasmid_name          ? 
_entity_src_nat.pdbx_plasmid_details       ? 
_entity_src_nat.details                    ? 
# 
_pdbx_entity_src_syn.entity_id              2 
_pdbx_entity_src_syn.pdbx_src_id            1 
_pdbx_entity_src_syn.pdbx_alt_source_flag   sample 
_pdbx_entity_src_syn.pdbx_beg_seq_num       1 
_pdbx_entity_src_syn.pdbx_end_seq_num       5 
_pdbx_entity_src_syn.organism_scientific    'synthetic construct' 
_pdbx_entity_src_syn.organism_common_name   ? 
_pdbx_entity_src_syn.ncbi_taxonomy_id       32630 
_pdbx_entity_src_syn.details                ? 
# 
loop_
_chem_comp.id 
_chem_comp.type 
_chem_comp.mon_nstd_flag 
_chem_comp.name 
_chem_comp.pdbx_synonyms 
_chem_comp.formula 
_chem_comp.formula_weight 
ACY non-polymer         . 'ACETIC ACID'            ? 'C2 H4 O2'       60.052  
ALA 'L-peptide linking' y ALANINE                  ? 'C3 H7 N O2'     89.093  
ARG 'L-peptide linking' y ARGININE                 ? 'C6 H15 N4 O2 1' 175.209 
ASN 'L-peptide linking' y ASPARAGINE               ? 'C4 H8 N2 O3'    132.118 
ASP 'L-peptide linking' y 'ASPARTIC ACID'          ? 'C4 H7 N O4'     133.103 
CYS 'L-peptide linking' y CYSTEINE                 ? 'C3 H7 N O2 S'   121.158 
GLN 'L-peptide linking' y GLUTAMINE                ? 'C5 H10 N2 O3'   146.144 
GLU 'L-peptide linking' y 'GLUTAMIC ACID'          ? 'C5 H9 N O4'     147.129 
GLY 'peptide linking'   y GLYCINE                  ? 'C2 H5 N O2'     75.067  
HIS 'L-peptide linking' y HISTIDINE                ? 'C6 H10 N3 O2 1' 156.162 
HOH non-polymer         . WATER                    ? 'H2 O'           18.015  
ILE 'L-peptide linking' y ISOLEUCINE               ? 'C6 H13 N O2'    131.173 
LEU 'L-peptide linking' y LEUCINE                  ? 'C6 H13 N O2'    131.173 
LYS 'L-peptide linking' y LYSINE                   ? 'C6 H15 N2 O2 1' 147.195 
MET 'L-peptide linking' y METHIONINE               ? 'C5 H11 N O2 S'  149.211 
MOH non-polymer         . METHANOL                 ? 'C H4 O'         32.042  
PHE 'L-peptide linking' y PHENYLALANINE            ? 'C9 H11 N O2'    165.189 
PHQ non-polymer         . 'benzyl chlorocarbonate' ? 'C8 H7 Cl O2'    170.593 
PRO 'L-peptide linking' y PROLINE                  ? 'C5 H9 N O2'     115.130 
SER 'L-peptide linking' y SERINE                   ? 'C3 H7 N O3'     105.093 
SO4 non-polymer         . 'SULFATE ION'            ? 'O4 S -2'        96.063  
THR 'L-peptide linking' y THREONINE                ? 'C4 H9 N O3'     119.119 
TRP 'L-peptide linking' y TRYPTOPHAN               ? 'C11 H12 N2 O2'  204.225 
TYR 'L-peptide linking' y TYROSINE                 ? 'C9 H11 N O3'    181.189 
VAL 'L-peptide linking' y VALINE                   ? 'C5 H11 N O2'    117.146 
# 
loop_
_pdbx_poly_seq_scheme.asym_id 
_pdbx_poly_seq_scheme.entity_id 
_pdbx_poly_seq_scheme.seq_id 
_pdbx_poly_seq_scheme.mon_id 
_pdbx_poly_seq_scheme.ndb_seq_num 
_pdbx_poly_seq_scheme.pdb_seq_num 
_pdbx_poly_seq_scheme.auth_seq_num 
_pdbx_poly_seq_scheme.pdb_mon_id 
_pdbx_poly_seq_scheme.auth_mon_id 
_pdbx_poly_seq_scheme.pdb_strand_id 
_pdbx_poly_seq_scheme.pdb_ins_code 
_pdbx_poly_seq_scheme.hetero 
A 1 1   SER 1   1   1   SER SER A . n 
A 1 2   LEU 2   2   2   LEU LEU A . n 
A 1 3   LEU 3   3   3   LEU LEU A . n 
A 1 4   GLU 4   4   4   GLU GLU A . n 
A 1 5   PHE 5   5   5   PHE PHE A . n 
A 1 6   GLY 6   6   6   GLY GLY A . n 
A 1 7   LYS 7   7   7   LYS LYS A . n 
A 1 8   MET 8   8   8   MET MET A . n 
A 1 9   ILE 9   9   9   ILE ILE A . n 
A 1 10  LEU 10  10  10  LEU LEU A . n 
A 1 11  GLU 11  11  11  GLU GLU A . n 
A 1 12  GLU 12  12  12  GLU GLU A . n 
A 1 13  THR 13  13  13  THR THR A . n 
A 1 14  GLY 14  14  14  GLY GLY A . n 
A 1 15  LYS 15  16  16  LYS LYS A . n 
A 1 16  LEU 16  17  17  LEU LEU A . n 
A 1 17  ALA 17  18  18  ALA ALA A . n 
A 1 18  ILE 18  19  19  ILE ILE A . n 
A 1 19  PRO 19  20  20  PRO PRO A . n 
A 1 20  SER 20  21  21  SER SER A . n 
A 1 21  TYR 21  22  22  TYR TYR A . n 
A 1 22  SER 22  23  23  SER SER A . n 
A 1 23  SER 23  24  24  SER SER A . n 
A 1 24  TYR 24  25  25  TYR TYR A . n 
A 1 25  GLY 25  26  26  GLY GLY A . n 
A 1 26  CYS 26  27  27  CYS CYS A . n 
A 1 27  TYR 27  28  28  TYR TYR A . n 
A 1 28  CYS 28  29  29  CYS CYS A . n 
A 1 29  GLY 29  30  30  GLY GLY A . n 
A 1 30  TRP 30  31  31  TRP TRP A . n 
A 1 31  GLY 31  32  32  GLY GLY A . n 
A 1 32  GLY 32  33  33  GLY GLY A . n 
A 1 33  LYS 33  34  34  LYS LYS A . n 
A 1 34  GLY 34  35  35  GLY GLY A . n 
A 1 35  THR 35  36  36  THR THR A . n 
A 1 36  PRO 36  37  37  PRO PRO A . n 
A 1 37  LYS 37  38  38  LYS LYS A . n 
A 1 38  ASP 38  39  39  ASP ASP A . n 
A 1 39  ALA 39  40  40  ALA ALA A . n 
A 1 40  THR 40  41  41  THR THR A . n 
A 1 41  ASP 41  42  42  ASP ASP A . n 
A 1 42  ARG 42  43  43  ARG ARG A . n 
A 1 43  CYS 43  44  44  CYS CYS A . n 
A 1 44  CYS 44  45  45  CYS CYS A . n 
A 1 45  PHE 45  46  46  PHE PHE A . n 
A 1 46  VAL 46  47  47  VAL VAL A . n 
A 1 47  HIS 47  48  48  HIS HIS A . n 
A 1 48  ASP 48  49  49  ASP ASP A . n 
A 1 49  CYS 49  50  50  CYS CYS A . n 
A 1 50  CYS 50  51  51  CYS CYS A . n 
A 1 51  TYR 51  52  52  TYR TYR A . n 
A 1 52  GLY 52  53  53  GLY GLY A . n 
A 1 53  ASN 53  54  54  ASN ASN A . n 
A 1 54  LEU 54  55  55  LEU LEU A . n 
A 1 55  PRO 55  56  56  PRO PRO A . n 
A 1 56  ASP 56  59  59  ASP ASP A . n 
A 1 57  CYS 57  61  61  CYS CYS A . n 
A 1 58  ASN 58  67  67  ASN ASN A . n 
A 1 59  PRO 59  68  68  PRO PRO A . n 
A 1 60  LYS 60  69  69  LYS LYS A . n 
A 1 61  SER 61  70  70  SER SER A . n 
A 1 62  ASP 62  71  71  ASP ASP A . n 
A 1 63  ARG 63  72  72  ARG ARG A . n 
A 1 64  TYR 64  73  73  TYR TYR A . n 
A 1 65  LYS 65  74  74  LYS LYS A . n 
A 1 66  TYR 66  75  75  TYR TYR A . n 
A 1 67  LYS 67  76  76  LYS LYS A . n 
A 1 68  ARG 68  77  77  ARG ARG A . n 
A 1 69  VAL 69  78  78  VAL VAL A . n 
A 1 70  ASN 70  79  79  ASN ASN A . n 
A 1 71  GLY 71  80  80  GLY GLY A . n 
A 1 72  ALA 72  81  81  ALA ALA A . n 
A 1 73  ILE 73  82  82  ILE ILE A . n 
A 1 74  VAL 74  83  83  VAL VAL A . n 
A 1 75  CYS 75  84  84  CYS CYS A . n 
A 1 76  GLU 76  85  85  GLU GLU A . n 
A 1 77  LYS 77  86  86  LYS LYS A . n 
A 1 78  GLY 78  88  88  GLY GLY A . n 
A 1 79  THR 79  89  89  THR THR A . n 
A 1 80  SER 80  90  90  SER SER A . n 
A 1 81  CYS 81  91  91  CYS CYS A . n 
A 1 82  GLU 82  92  92  GLU GLU A . n 
A 1 83  ASN 83  93  93  ASN ASN A . n 
A 1 84  ARG 84  94  94  ARG ARG A . n 
A 1 85  ILE 85  95  95  ILE ILE A . n 
A 1 86  CYS 86  96  96  CYS CYS A . n 
A 1 87  GLU 87  97  97  GLU GLU A . n 
A 1 88  CYS 88  98  98  CYS CYS A . n 
A 1 89  ASP 89  99  99  ASP ASP A . n 
A 1 90  LYS 90  100 100 LYS LYS A . n 
A 1 91  ALA 91  101 101 ALA ALA A . n 
A 1 92  ALA 92  102 102 ALA ALA A . n 
A 1 93  ALA 93  103 103 ALA ALA A . n 
A 1 94  ILE 94  104 104 ILE ILE A . n 
A 1 95  CYS 95  105 105 CYS CYS A . n 
A 1 96  PHE 96  106 106 PHE PHE A . n 
A 1 97  ARG 97  107 107 ARG ARG A . n 
A 1 98  GLN 98  108 108 GLN GLN A . n 
A 1 99  ASN 99  109 109 ASN ASN A . n 
A 1 100 LEU 100 110 110 LEU LEU A . n 
A 1 101 ASN 101 111 111 ASN ASN A . n 
A 1 102 THR 102 112 112 THR THR A . n 
A 1 103 TYR 103 113 113 TYR TYR A . n 
A 1 104 SER 104 114 114 SER SER A . n 
A 1 105 LYS 105 115 115 LYS LYS A . n 
A 1 106 LYS 106 116 116 LYS LYS A . n 
A 1 107 TYR 107 117 117 TYR TYR A . n 
A 1 108 MET 108 118 118 MET MET A . n 
A 1 109 LEU 109 119 119 LEU LEU A . n 
A 1 110 TYR 110 120 120 TYR TYR A . n 
A 1 111 PRO 111 121 121 PRO PRO A . n 
A 1 112 ASP 112 122 122 ASP ASP A . n 
A 1 113 PHE 113 124 124 PHE PHE A . n 
A 1 114 LEU 114 125 125 LEU LEU A . n 
A 1 115 CYS 115 126 126 CYS CYS A . n 
A 1 116 LYS 116 127 127 LYS LYS A . n 
A 1 117 GLY 117 128 128 GLY GLY A . n 
A 1 118 GLU 118 129 129 GLU GLU A . n 
A 1 119 LEU 119 130 130 LEU LEU A . n 
A 1 120 LYS 120 131 131 LYS LYS A . n 
A 1 121 CYS 121 133 133 CYS CYS A . n 
B 2 1   PHQ 1   1   1   PHQ CBZ C . n 
B 2 2   LEU 2   2   2   LEU LEU C . n 
B 2 3   VAL 3   3   3   VAL VAL C . n 
B 2 4   ARG 4   4   4   ARG ARG C . n 
B 2 5   TYR 5   5   5   TYR TYR C . n 
# 
loop_
_pdbx_nonpoly_scheme.asym_id 
_pdbx_nonpoly_scheme.entity_id 
_pdbx_nonpoly_scheme.mon_id 
_pdbx_nonpoly_scheme.ndb_seq_num 
_pdbx_nonpoly_scheme.pdb_seq_num 
_pdbx_nonpoly_scheme.auth_seq_num 
_pdbx_nonpoly_scheme.pdb_mon_id 
_pdbx_nonpoly_scheme.auth_mon_id 
_pdbx_nonpoly_scheme.pdb_strand_id 
_pdbx_nonpoly_scheme.pdb_ins_code 
C 3 SO4 1   301 301 SO4 SO4 A . 
D 3 SO4 1   302 302 SO4 SO4 A . 
E 3 SO4 1   303 303 SO4 SO4 A . 
F 4 ACY 1   304 304 ACY ACY A . 
G 5 MOH 1   305 305 MOH MOH A . 
H 5 MOH 1   306 306 MOH MOH A . 
I 6 HOH 1   307 1   HOH HOH A . 
I 6 HOH 2   308 2   HOH HOH A . 
I 6 HOH 3   309 3   HOH HOH A . 
I 6 HOH 4   310 4   HOH HOH A . 
I 6 HOH 5   311 5   HOH HOH A . 
I 6 HOH 6   312 6   HOH HOH A . 
I 6 HOH 7   313 7   HOH HOH A . 
I 6 HOH 8   314 8   HOH HOH A . 
I 6 HOH 9   315 9   HOH HOH A . 
I 6 HOH 10  316 10  HOH HOH A . 
I 6 HOH 11  317 11  HOH HOH A . 
I 6 HOH 12  318 12  HOH HOH A . 
I 6 HOH 13  319 13  HOH HOH A . 
I 6 HOH 14  320 14  HOH HOH A . 
I 6 HOH 15  321 15  HOH HOH A . 
I 6 HOH 16  322 16  HOH HOH A . 
I 6 HOH 17  323 17  HOH HOH A . 
I 6 HOH 18  324 18  HOH HOH A . 
I 6 HOH 19  325 19  HOH HOH A . 
I 6 HOH 20  326 20  HOH HOH A . 
I 6 HOH 21  327 21  HOH HOH A . 
I 6 HOH 22  328 22  HOH HOH A . 
I 6 HOH 23  329 23  HOH HOH A . 
I 6 HOH 24  330 24  HOH HOH A . 
I 6 HOH 25  331 25  HOH HOH A . 
I 6 HOH 26  332 26  HOH HOH A . 
I 6 HOH 27  333 27  HOH HOH A . 
I 6 HOH 28  334 28  HOH HOH A . 
I 6 HOH 29  335 29  HOH HOH A . 
I 6 HOH 30  336 30  HOH HOH A . 
I 6 HOH 31  337 31  HOH HOH A . 
I 6 HOH 32  338 32  HOH HOH A . 
I 6 HOH 33  339 33  HOH HOH A . 
I 6 HOH 34  340 34  HOH HOH A . 
I 6 HOH 35  341 35  HOH HOH A . 
I 6 HOH 36  342 36  HOH HOH A . 
I 6 HOH 37  343 37  HOH HOH A . 
I 6 HOH 38  344 38  HOH HOH A . 
I 6 HOH 39  345 39  HOH HOH A . 
I 6 HOH 40  346 40  HOH HOH A . 
I 6 HOH 41  347 41  HOH HOH A . 
I 6 HOH 42  348 42  HOH HOH A . 
I 6 HOH 43  349 43  HOH HOH A . 
I 6 HOH 44  350 44  HOH HOH A . 
I 6 HOH 45  351 45  HOH HOH A . 
I 6 HOH 46  352 46  HOH HOH A . 
I 6 HOH 47  353 47  HOH HOH A . 
I 6 HOH 48  354 48  HOH HOH A . 
I 6 HOH 49  355 49  HOH HOH A . 
I 6 HOH 50  356 50  HOH HOH A . 
I 6 HOH 51  357 51  HOH HOH A . 
I 6 HOH 52  358 52  HOH HOH A . 
I 6 HOH 53  359 53  HOH HOH A . 
I 6 HOH 54  360 54  HOH HOH A . 
I 6 HOH 55  361 55  HOH HOH A . 
I 6 HOH 56  362 56  HOH HOH A . 
I 6 HOH 57  363 57  HOH HOH A . 
I 6 HOH 58  364 58  HOH HOH A . 
I 6 HOH 59  365 59  HOH HOH A . 
I 6 HOH 60  366 60  HOH HOH A . 
I 6 HOH 61  367 61  HOH HOH A . 
I 6 HOH 62  368 62  HOH HOH A . 
I 6 HOH 63  369 63  HOH HOH A . 
I 6 HOH 64  370 64  HOH HOH A . 
I 6 HOH 65  371 65  HOH HOH A . 
I 6 HOH 66  372 66  HOH HOH A . 
I 6 HOH 67  373 67  HOH HOH A . 
I 6 HOH 68  374 68  HOH HOH A . 
I 6 HOH 69  375 69  HOH HOH A . 
I 6 HOH 70  376 70  HOH HOH A . 
I 6 HOH 71  377 71  HOH HOH A . 
I 6 HOH 72  378 72  HOH HOH A . 
I 6 HOH 73  379 73  HOH HOH A . 
I 6 HOH 74  380 74  HOH HOH A . 
I 6 HOH 75  381 75  HOH HOH A . 
I 6 HOH 76  382 76  HOH HOH A . 
I 6 HOH 77  383 77  HOH HOH A . 
I 6 HOH 78  384 78  HOH HOH A . 
I 6 HOH 79  385 79  HOH HOH A . 
I 6 HOH 80  386 80  HOH HOH A . 
I 6 HOH 81  387 81  HOH HOH A . 
I 6 HOH 82  388 82  HOH HOH A . 
I 6 HOH 83  389 83  HOH HOH A . 
I 6 HOH 84  390 84  HOH HOH A . 
I 6 HOH 85  391 85  HOH HOH A . 
I 6 HOH 86  392 86  HOH HOH A . 
I 6 HOH 87  393 87  HOH HOH A . 
I 6 HOH 88  394 88  HOH HOH A . 
I 6 HOH 89  395 89  HOH HOH A . 
I 6 HOH 90  396 90  HOH HOH A . 
I 6 HOH 91  397 91  HOH HOH A . 
I 6 HOH 92  398 92  HOH HOH A . 
I 6 HOH 93  399 93  HOH HOH A . 
I 6 HOH 94  400 94  HOH HOH A . 
I 6 HOH 95  401 95  HOH HOH A . 
I 6 HOH 96  402 96  HOH HOH A . 
I 6 HOH 97  403 97  HOH HOH A . 
I 6 HOH 98  404 98  HOH HOH A . 
I 6 HOH 99  405 99  HOH HOH A . 
I 6 HOH 100 406 100 HOH HOH A . 
I 6 HOH 101 407 101 HOH HOH A . 
I 6 HOH 102 408 102 HOH HOH A . 
I 6 HOH 103 409 103 HOH HOH A . 
I 6 HOH 104 410 104 HOH HOH A . 
I 6 HOH 105 411 105 HOH HOH A . 
I 6 HOH 106 412 106 HOH HOH A . 
I 6 HOH 107 413 107 HOH HOH A . 
I 6 HOH 108 414 108 HOH HOH A . 
I 6 HOH 109 415 109 HOH HOH A . 
I 6 HOH 110 416 110 HOH HOH A . 
I 6 HOH 111 417 111 HOH HOH A . 
I 6 HOH 112 418 112 HOH HOH A . 
I 6 HOH 113 419 113 HOH HOH A . 
I 6 HOH 114 420 114 HOH HOH A . 
I 6 HOH 115 421 115 HOH HOH A . 
I 6 HOH 116 422 116 HOH HOH A . 
I 6 HOH 117 423 117 HOH HOH A . 
I 6 HOH 118 424 118 HOH HOH A . 
I 6 HOH 119 425 119 HOH HOH A . 
I 6 HOH 120 426 120 HOH HOH A . 
I 6 HOH 121 427 121 HOH HOH A . 
I 6 HOH 122 428 122 HOH HOH A . 
I 6 HOH 123 429 123 HOH HOH A . 
I 6 HOH 124 430 124 HOH HOH A . 
I 6 HOH 125 431 125 HOH HOH A . 
I 6 HOH 126 432 126 HOH HOH A . 
I 6 HOH 127 433 127 HOH HOH A . 
I 6 HOH 128 434 128 HOH HOH A . 
I 6 HOH 129 435 129 HOH HOH A . 
I 6 HOH 130 436 130 HOH HOH A . 
I 6 HOH 131 437 131 HOH HOH A . 
I 6 HOH 132 438 132 HOH HOH A . 
I 6 HOH 133 439 133 HOH HOH A . 
I 6 HOH 134 440 134 HOH HOH A . 
I 6 HOH 135 441 135 HOH HOH A . 
I 6 HOH 136 442 136 HOH HOH A . 
I 6 HOH 137 443 137 HOH HOH A . 
I 6 HOH 138 444 138 HOH HOH A . 
I 6 HOH 139 445 139 HOH HOH A . 
I 6 HOH 140 446 140 HOH HOH A . 
I 6 HOH 141 447 141 HOH HOH A . 
I 6 HOH 142 448 142 HOH HOH A . 
I 6 HOH 143 449 143 HOH HOH A . 
I 6 HOH 144 450 144 HOH HOH A . 
I 6 HOH 145 451 145 HOH HOH A . 
I 6 HOH 146 452 146 HOH HOH A . 
I 6 HOH 147 453 147 HOH HOH A . 
I 6 HOH 148 454 148 HOH HOH A . 
I 6 HOH 149 455 149 HOH HOH A . 
I 6 HOH 150 456 150 HOH HOH A . 
I 6 HOH 151 457 151 HOH HOH A . 
I 6 HOH 152 458 152 HOH HOH A . 
I 6 HOH 153 459 153 HOH HOH A . 
I 6 HOH 154 460 154 HOH HOH A . 
I 6 HOH 155 461 155 HOH HOH A . 
I 6 HOH 156 462 156 HOH HOH A . 
I 6 HOH 157 463 157 HOH HOH A . 
I 6 HOH 158 464 158 HOH HOH A . 
I 6 HOH 159 465 159 HOH HOH A . 
I 6 HOH 160 466 160 HOH HOH A . 
I 6 HOH 161 467 161 HOH HOH A . 
I 6 HOH 162 468 162 HOH HOH A . 
I 6 HOH 163 469 163 HOH HOH A . 
I 6 HOH 164 470 164 HOH HOH A . 
I 6 HOH 165 471 165 HOH HOH A . 
I 6 HOH 166 472 166 HOH HOH A . 
I 6 HOH 167 473 167 HOH HOH A . 
I 6 HOH 168 474 168 HOH HOH A . 
I 6 HOH 169 475 169 HOH HOH A . 
I 6 HOH 170 476 170 HOH HOH A . 
I 6 HOH 171 477 171 HOH HOH A . 
I 6 HOH 172 478 172 HOH HOH A . 
I 6 HOH 173 479 173 HOH HOH A . 
I 6 HOH 174 480 174 HOH HOH A . 
I 6 HOH 175 481 175 HOH HOH A . 
I 6 HOH 176 482 176 HOH HOH A . 
I 6 HOH 177 483 177 HOH HOH A . 
I 6 HOH 178 484 178 HOH HOH A . 
I 6 HOH 179 485 179 HOH HOH A . 
I 6 HOH 180 486 180 HOH HOH A . 
I 6 HOH 181 487 181 HOH HOH A . 
I 6 HOH 182 488 182 HOH HOH A . 
I 6 HOH 183 489 183 HOH HOH A . 
I 6 HOH 184 490 184 HOH HOH A . 
I 6 HOH 185 491 186 HOH HOH A . 
I 6 HOH 186 492 187 HOH HOH A . 
I 6 HOH 187 493 188 HOH HOH A . 
I 6 HOH 188 494 189 HOH HOH A . 
I 6 HOH 189 495 190 HOH HOH A . 
I 6 HOH 190 496 191 HOH HOH A . 
I 6 HOH 191 497 192 HOH HOH A . 
I 6 HOH 192 498 193 HOH HOH A . 
I 6 HOH 193 499 195 HOH HOH A . 
I 6 HOH 194 500 196 HOH HOH A . 
I 6 HOH 195 501 197 HOH HOH A . 
I 6 HOH 196 502 198 HOH HOH A . 
I 6 HOH 197 503 199 HOH HOH A . 
I 6 HOH 198 504 200 HOH HOH A . 
I 6 HOH 199 505 201 HOH HOH A . 
I 6 HOH 200 506 202 HOH HOH A . 
I 6 HOH 201 507 203 HOH HOH A . 
I 6 HOH 202 508 204 HOH HOH A . 
I 6 HOH 203 509 205 HOH HOH A . 
J 6 HOH 1   185 185 HOH HOH C . 
J 6 HOH 2   194 194 HOH HOH C . 
J 6 HOH 3   206 206 HOH HOH C . 
J 6 HOH 4   207 207 HOH HOH C . 
# 
loop_
_software.name 
_software.classification 
_software.version 
_software.citation_id 
_software.pdbx_ordinal 
REFMAC    refinement        5.0 ? 1 
MAR345    'data collection' .   ? 2 
SCALEPACK 'data scaling'    .   ? 3 
AMoRE     phasing           .   ? 4 
# 
_cell.entry_id           1TG1 
_cell.length_a           52.496 
_cell.length_b           52.496 
_cell.length_c           47.930 
_cell.angle_alpha        90.00 
_cell.angle_beta         90.00 
_cell.angle_gamma        90.00 
_cell.Z_PDB              4 
_cell.pdbx_unique_axis   ? 
_cell.length_a_esd       ? 
_cell.length_b_esd       ? 
_cell.length_c_esd       ? 
_cell.angle_alpha_esd    ? 
_cell.angle_beta_esd     ? 
_cell.angle_gamma_esd    ? 
# 
_symmetry.entry_id                         1TG1 
_symmetry.space_group_name_H-M             'P 43' 
_symmetry.pdbx_full_space_group_name_H-M   ? 
_symmetry.cell_setting                     ? 
_symmetry.Int_Tables_number                78 
_symmetry.space_group_name_Hall            ? 
# 
_exptl.entry_id          1TG1 
_exptl.method            'X-RAY DIFFRACTION' 
_exptl.crystals_number   1 
# 
_exptl_crystal.id                    1 
_exptl_crystal.density_meas          ? 
_exptl_crystal.density_Matthews      2.48 
_exptl_crystal.density_percent_sol   48.9 
_exptl_crystal.description           ? 
_exptl_crystal.F_000                 ? 
_exptl_crystal.preparation           ? 
# 
_exptl_crystal_grow.crystal_id      1 
_exptl_crystal_grow.method          'VAPOR DIFFUSION, SITTING DROP' 
_exptl_crystal_grow.temp            298 
_exptl_crystal_grow.temp_details    ? 
_exptl_crystal_grow.pH              7.0 
_exptl_crystal_grow.pdbx_details    '0.2M AMMONIUM SULPHATE, 30% PEG, pH 7.0, VAPOR DIFFUSION, SITTING DROP, temperature 298K' 
_exptl_crystal_grow.pdbx_pH_range   . 
# 
_diffrn.id                     1 
_diffrn.ambient_temp           200 
_diffrn.ambient_temp_details   ? 
_diffrn.crystal_id             1 
# 
_diffrn_detector.diffrn_id              1 
_diffrn_detector.detector               CCD 
_diffrn_detector.type                   MARRESEARCH 
_diffrn_detector.pdbx_collection_date   2004-05-06 
_diffrn_detector.details                mirror 
# 
_diffrn_radiation.diffrn_id                        1 
_diffrn_radiation.wavelength_id                    1 
_diffrn_radiation.pdbx_monochromatic_or_laue_m_l   M 
_diffrn_radiation.monochromator                    Mirror 
_diffrn_radiation.pdbx_diffrn_protocol             'SINGLE WAVELENGTH' 
_diffrn_radiation.pdbx_scattering_type             x-ray 
# 
_diffrn_radiation_wavelength.id           1 
_diffrn_radiation_wavelength.wavelength   0.981 
_diffrn_radiation_wavelength.wt           1.0 
# 
_diffrn_source.diffrn_id                   1 
_diffrn_source.source                      SYNCHROTRON 
_diffrn_source.type                        'EMBL/DESY, HAMBURG BEAMLINE X11' 
_diffrn_source.pdbx_synchrotron_site       'EMBL/DESY, HAMBURG' 
_diffrn_source.pdbx_synchrotron_beamline   X11 
_diffrn_source.pdbx_wavelength             ? 
_diffrn_source.pdbx_wavelength_list        0.981 
# 
_reflns.entry_id                     1TG1 
_reflns.observed_criterion_sigma_F   0.0 
_reflns.observed_criterion_sigma_I   0.0 
_reflns.d_resolution_high            1.2 
_reflns.d_resolution_low             30.0 
_reflns.number_all                   ? 
_reflns.number_obs                   35174 
_reflns.percent_possible_obs         100 
_reflns.pdbx_Rmerge_I_obs            ? 
_reflns.pdbx_Rsym_value              0.077 
_reflns.pdbx_netI_over_sigmaI        20.1 
_reflns.B_iso_Wilson_estimate        10.5 
_reflns.pdbx_redundancy              5.8 
_reflns.R_free_details               ? 
_reflns.limit_h_max                  ? 
_reflns.limit_h_min                  ? 
_reflns.limit_k_max                  ? 
_reflns.limit_k_min                  ? 
_reflns.limit_l_max                  ? 
_reflns.limit_l_min                  ? 
_reflns.observed_criterion_F_max     ? 
_reflns.observed_criterion_F_min     ? 
_reflns.pdbx_chi_squared             ? 
_reflns.pdbx_scaling_rejects         ? 
_reflns.pdbx_ordinal                 1 
_reflns.pdbx_diffrn_id               1 
# 
_reflns_shell.d_res_high             1.2 
_reflns_shell.d_res_low              1.27 
_reflns_shell.percent_possible_all   99.4 
_reflns_shell.Rmerge_I_obs           ? 
_reflns_shell.pdbx_Rsym_value        0.454 
_reflns_shell.meanI_over_sigI_obs    2.2 
_reflns_shell.pdbx_redundancy        ? 
_reflns_shell.percent_possible_obs   ? 
_reflns_shell.number_unique_all      ? 
_reflns_shell.number_measured_all    ? 
_reflns_shell.number_measured_obs    ? 
_reflns_shell.number_unique_obs      ? 
_reflns_shell.pdbx_chi_squared       ? 
_reflns_shell.pdbx_ordinal           1 
_reflns_shell.pdbx_diffrn_id         1 
# 
_refine.entry_id                                 1TG1 
_refine.ls_number_reflns_obs                     35174 
_refine.ls_number_reflns_all                     35174 
_refine.pdbx_ls_sigma_I                          0.0 
_refine.pdbx_ls_sigma_F                          0.0 
_refine.pdbx_data_cutoff_high_absF               ? 
_refine.pdbx_data_cutoff_low_absF                ? 
_refine.pdbx_data_cutoff_high_rms_absF           ? 
_refine.ls_d_res_low                             29.36 
_refine.ls_d_res_high                            1.25 
_refine.ls_percent_reflns_obs                    100.00 
_refine.ls_R_factor_obs                          0.1884 
_refine.ls_R_factor_all                          0.1884 
_refine.ls_R_factor_R_work                       0.18816 
_refine.ls_R_factor_R_free                       0.1971 
_refine.ls_R_factor_R_free_error                 ? 
_refine.ls_R_factor_R_free_error_details         ? 
_refine.ls_percent_reflns_R_free                 2.6 
_refine.ls_number_reflns_R_free                  921 
_refine.ls_number_parameters                     ? 
_refine.ls_number_restraints                     ? 
_refine.occupancy_min                            ? 
_refine.occupancy_max                            ? 
_refine.correlation_coeff_Fo_to_Fc               0.961 
_refine.correlation_coeff_Fo_to_Fc_free          0.961 
_refine.B_iso_mean                               12.325 
_refine.aniso_B[1][1]                            0.09 
_refine.aniso_B[2][2]                            0.09 
_refine.aniso_B[3][3]                            -0.18 
_refine.aniso_B[1][2]                            0.00 
_refine.aniso_B[1][3]                            0.00 
_refine.aniso_B[2][3]                            0.00 
_refine.solvent_model_details                    'BABINET MODEL WITH MASK' 
_refine.solvent_model_param_ksol                 ? 
_refine.solvent_model_param_bsol                 ? 
_refine.pdbx_solvent_vdw_probe_radii             1.40 
_refine.pdbx_solvent_ion_probe_radii             0.80 
_refine.pdbx_solvent_shrinkage_radii             0.80 
_refine.pdbx_ls_cross_valid_method               THROUGHOUT 
_refine.details                                  'HYDROGENS HAVE BEEN ADDED IN THE RIDING POSITIONS' 
_refine.pdbx_starting_model                      'PDB entry 1skg' 
_refine.pdbx_method_to_determine_struct          'MOLECULAR REPLACEMENT' 
_refine.pdbx_isotropic_thermal_model             isotropic 
_refine.pdbx_stereochemistry_target_values       'MAXIMUM LIKELIHOOD' 
_refine.pdbx_stereochem_target_val_spec_case     ? 
_refine.pdbx_R_Free_selection_details            RANDOM 
_refine.pdbx_overall_ESU_R                       0.048 
_refine.pdbx_overall_ESU_R_Free                  0.046 
_refine.overall_SU_ML                            0.041 
_refine.overall_SU_B                             0.907 
_refine.ls_redundancy_reflns_obs                 ? 
_refine.B_iso_min                                ? 
_refine.B_iso_max                                ? 
_refine.overall_SU_R_Cruickshank_DPI             ? 
_refine.overall_SU_R_free                        ? 
_refine.pdbx_refine_id                           'X-RAY DIFFRACTION' 
_refine.pdbx_overall_phase_error                 ? 
_refine.ls_wR_factor_R_free                      ? 
_refine.ls_wR_factor_R_work                      ? 
_refine.overall_FOM_free_R_set                   ? 
_refine.overall_FOM_work_R_set                   ? 
_refine.pdbx_diffrn_id                           1 
_refine.pdbx_TLS_residual_ADP_flag               ? 
_refine.pdbx_overall_SU_R_free_Cruickshank_DPI   ? 
_refine.pdbx_overall_SU_R_Blow_DPI               ? 
_refine.pdbx_overall_SU_R_free_Blow_DPI          ? 
# 
_refine_analyze.entry_id                        1TG1 
_refine_analyze.Luzzati_coordinate_error_obs    0.21 
_refine_analyze.Luzzati_sigma_a_obs             0.23 
_refine_analyze.Luzzati_d_res_low_obs           ? 
_refine_analyze.Luzzati_coordinate_error_free   ? 
_refine_analyze.Luzzati_sigma_a_free            ? 
_refine_analyze.Luzzati_d_res_low_free          ? 
_refine_analyze.number_disordered_residues      ? 
_refine_analyze.occupancy_sum_non_hydrogen      ? 
_refine_analyze.occupancy_sum_hydrogen          ? 
_refine_analyze.pdbx_Luzzati_d_res_high_obs     ? 
_refine_analyze.pdbx_refine_id                  'X-RAY DIFFRACTION' 
# 
_refine_hist.pdbx_refine_id                   'X-RAY DIFFRACTION' 
_refine_hist.cycle_id                         LAST 
_refine_hist.pdbx_number_atoms_protein        982 
_refine_hist.pdbx_number_atoms_nucleic_acid   0 
_refine_hist.pdbx_number_atoms_ligand         33 
_refine_hist.number_atoms_solvent             207 
_refine_hist.number_atoms_total               1222 
_refine_hist.d_res_high                       1.25 
_refine_hist.d_res_low                        29.36 
# 
loop_
_refine_ls_restr.type 
_refine_ls_restr.dev_ideal 
_refine_ls_restr.dev_ideal_target 
_refine_ls_restr.weight 
_refine_ls_restr.number 
_refine_ls_restr.pdbx_refine_id 
_refine_ls_restr.pdbx_restraint_function 
r_bond_refined_d         0.013  0.021  ? 1027 'X-RAY DIFFRACTION' ? 
r_bond_other_d           0.002  0.020  ? 870  'X-RAY DIFFRACTION' ? 
r_angle_refined_deg      2.026  2.015  ? 1368 'X-RAY DIFFRACTION' ? 
r_angle_other_deg        1.046  3.000  ? 2047 'X-RAY DIFFRACTION' ? 
r_dihedral_angle_1_deg   6.902  3.000  ? 116  'X-RAY DIFFRACTION' ? 
r_dihedral_angle_2_deg   ?      ?      ? ?    'X-RAY DIFFRACTION' ? 
r_dihedral_angle_3_deg   18.731 15.000 ? 194  'X-RAY DIFFRACTION' ? 
r_dihedral_angle_4_deg   ?      ?      ? ?    'X-RAY DIFFRACTION' ? 
r_chiral_restr           0.098  0.200  ? 139  'X-RAY DIFFRACTION' ? 
r_gen_planes_refined     0.009  0.020  ? 1070 'X-RAY DIFFRACTION' ? 
r_gen_planes_other       0.006  0.020  ? 207  'X-RAY DIFFRACTION' ? 
r_nbd_refined            0.434  0.300  ? 315  'X-RAY DIFFRACTION' ? 
r_nbd_other              0.245  0.300  ? 898  'X-RAY DIFFRACTION' ? 
r_nbtor_refined          ?      ?      ? ?    'X-RAY DIFFRACTION' ? 
r_nbtor_other            ?      ?      ? ?    'X-RAY DIFFRACTION' ? 
r_xyhbond_nbd_refined    0.195  0.500  ? 148  'X-RAY DIFFRACTION' ? 
r_xyhbond_nbd_other      0.119  0.500  ? 3    'X-RAY DIFFRACTION' ? 
r_metal_ion_refined      ?      ?      ? ?    'X-RAY DIFFRACTION' ? 
r_metal_ion_other        ?      ?      ? ?    'X-RAY DIFFRACTION' ? 
r_symmetry_vdw_refined   0.235  0.300  ? 18   'X-RAY DIFFRACTION' ? 
r_symmetry_vdw_other     0.237  0.300  ? 32   'X-RAY DIFFRACTION' ? 
r_symmetry_hbond_refined 0.217  0.500  ? 28   'X-RAY DIFFRACTION' ? 
r_symmetry_hbond_other   ?      ?      ? ?    'X-RAY DIFFRACTION' ? 
r_mcbond_it              0.648  1.500  ? 616  'X-RAY DIFFRACTION' ? 
r_mcbond_other           ?      ?      ? ?    'X-RAY DIFFRACTION' ? 
r_mcangle_it             1.200  2.000  ? 967  'X-RAY DIFFRACTION' ? 
r_scbond_it              1.454  3.000  ? 411  'X-RAY DIFFRACTION' ? 
r_scangle_it             2.243  4.500  ? 401  'X-RAY DIFFRACTION' ? 
r_rigid_bond_restr       ?      ?      ? ?    'X-RAY DIFFRACTION' ? 
r_sphericity_free        ?      ?      ? ?    'X-RAY DIFFRACTION' ? 
r_sphericity_bonded      ?      ?      ? ?    'X-RAY DIFFRACTION' ? 
# 
_refine_ls_shell.pdbx_total_number_of_bins_used   20 
_refine_ls_shell.d_res_high                       1.250 
_refine_ls_shell.d_res_low                        1.282 
_refine_ls_shell.number_reflns_R_work             2566 
_refine_ls_shell.R_factor_R_work                  0.283 
_refine_ls_shell.percent_reflns_obs               ? 
_refine_ls_shell.R_factor_R_free                  0.287 
_refine_ls_shell.R_factor_R_free_error            ? 
_refine_ls_shell.percent_reflns_R_free            ? 
_refine_ls_shell.number_reflns_R_free             73 
_refine_ls_shell.number_reflns_obs                ? 
_refine_ls_shell.redundancy_reflns_obs            ? 
_refine_ls_shell.number_reflns_all                ? 
_refine_ls_shell.pdbx_refine_id                   'X-RAY DIFFRACTION' 
_refine_ls_shell.R_factor_all                     ? 
# 
_struct.entry_id                  1TG1 
_struct.title                     
;Crystal Structure of the complex formed between russells viper phospholipase A2 and a designed peptide inhibitor PHQ-Leu-Val-Arg-Tyr at 1.2A resolution
;
_struct.pdbx_model_details        ? 
_struct.pdbx_CASP_flag            ? 
_struct.pdbx_model_type_details   ? 
# 
_struct_keywords.entry_id        1TG1 
_struct_keywords.pdbx_keywords   'HYDROLASE/HYDROLASE INHIBITOR' 
_struct_keywords.text            'PHOSPHOLIPASE A2, HYDROLASE-HYDROLASE INHIBITOR COMPLEX' 
# 
loop_
_struct_asym.id 
_struct_asym.pdbx_blank_PDB_chainid_flag 
_struct_asym.pdbx_modified 
_struct_asym.entity_id 
_struct_asym.details 
A N N 1 ? 
B N N 2 ? 
C N N 3 ? 
D N N 3 ? 
E N N 3 ? 
F N N 4 ? 
G N N 5 ? 
H N N 5 ? 
I N N 6 ? 
J N N 6 ? 
# 
loop_
_struct_ref.id 
_struct_ref.db_name 
_struct_ref.db_code 
_struct_ref.pdbx_db_accession 
_struct_ref.pdbx_db_isoform 
_struct_ref.entity_id 
_struct_ref.pdbx_seq_one_letter_code 
_struct_ref.pdbx_align_begin 
1 UNP PA2B8_DABRR P59071 ? 1 
;SLLEFGKMILEETGKLAIPSYSSYGCYCGWGGKGTPKDATDRCCFVHDCCYGNLPDCNPKSDRYKYKRVNGAIVCEKGTS
CENRICECDKAAAICFRQNLNTYSKKYMLYPDFLCKGELKC
;
1 
2 PDB 1TG1        1TG1   ? 2 ? 1 
# 
loop_
_struct_ref_seq.align_id 
_struct_ref_seq.ref_id 
_struct_ref_seq.pdbx_PDB_id_code 
_struct_ref_seq.pdbx_strand_id 
_struct_ref_seq.seq_align_beg 
_struct_ref_seq.pdbx_seq_align_beg_ins_code 
_struct_ref_seq.seq_align_end 
_struct_ref_seq.pdbx_seq_align_end_ins_code 
_struct_ref_seq.pdbx_db_accession 
_struct_ref_seq.db_align_beg 
_struct_ref_seq.pdbx_db_align_beg_ins_code 
_struct_ref_seq.db_align_end 
_struct_ref_seq.pdbx_db_align_end_ins_code 
_struct_ref_seq.pdbx_auth_seq_align_beg 
_struct_ref_seq.pdbx_auth_seq_align_end 
1 1 1TG1 A 1 ? 121 ? P59071 1 ? 121 ? 1 133 
2 2 1TG1 C 1 ? 5   ? 1TG1   1 ? 5   ? 1 5   
# 
_pdbx_struct_assembly.id                   1 
_pdbx_struct_assembly.details              author_and_software_defined_assembly 
_pdbx_struct_assembly.method_details       PISA 
_pdbx_struct_assembly.oligomeric_details   dimeric 
_pdbx_struct_assembly.oligomeric_count     2 
# 
loop_
_pdbx_struct_assembly_prop.biol_id 
_pdbx_struct_assembly_prop.type 
_pdbx_struct_assembly_prop.value 
_pdbx_struct_assembly_prop.details 
1 'ABSA (A^2)' 1820 ? 
1 MORE         -37  ? 
1 'SSA (A^2)'  7580 ? 
# 
_pdbx_struct_assembly_gen.assembly_id       1 
_pdbx_struct_assembly_gen.oper_expression   1 
_pdbx_struct_assembly_gen.asym_id_list      A,B,C,D,E,F,G,H,I,J 
# 
_pdbx_struct_oper_list.id                   1 
_pdbx_struct_oper_list.type                 'identity operation' 
_pdbx_struct_oper_list.name                 1_555 
_pdbx_struct_oper_list.symmetry_operation   x,y,z 
_pdbx_struct_oper_list.matrix[1][1]         1.0000000000 
_pdbx_struct_oper_list.matrix[1][2]         0.0000000000 
_pdbx_struct_oper_list.matrix[1][3]         0.0000000000 
_pdbx_struct_oper_list.vector[1]            0.0000000000 
_pdbx_struct_oper_list.matrix[2][1]         0.0000000000 
_pdbx_struct_oper_list.matrix[2][2]         1.0000000000 
_pdbx_struct_oper_list.matrix[2][3]         0.0000000000 
_pdbx_struct_oper_list.vector[2]            0.0000000000 
_pdbx_struct_oper_list.matrix[3][1]         0.0000000000 
_pdbx_struct_oper_list.matrix[3][2]         0.0000000000 
_pdbx_struct_oper_list.matrix[3][3]         1.0000000000 
_pdbx_struct_oper_list.vector[3]            0.0000000000 
# 
loop_
_struct_conf.conf_type_id 
_struct_conf.id 
_struct_conf.pdbx_PDB_helix_id 
_struct_conf.beg_label_comp_id 
_struct_conf.beg_label_asym_id 
_struct_conf.beg_label_seq_id 
_struct_conf.pdbx_beg_PDB_ins_code 
_struct_conf.end_label_comp_id 
_struct_conf.end_label_asym_id 
_struct_conf.end_label_seq_id 
_struct_conf.pdbx_end_PDB_ins_code 
_struct_conf.beg_auth_comp_id 
_struct_conf.beg_auth_asym_id 
_struct_conf.beg_auth_seq_id 
_struct_conf.end_auth_comp_id 
_struct_conf.end_auth_asym_id 
_struct_conf.end_auth_seq_id 
_struct_conf.pdbx_PDB_helix_class 
_struct_conf.details 
_struct_conf.pdbx_PDB_helix_length 
HELX_P HELX_P1 1 SER A 1   ? GLY A 14  ? SER A 1   GLY A 14  1 ? 14 
HELX_P HELX_P2 2 LEU A 16  ? TYR A 21  ? LEU A 17  TYR A 22  1 ? 6  
HELX_P HELX_P3 3 ASP A 38  ? ASN A 53  ? ASP A 39  ASN A 54  1 ? 16 
HELX_P HELX_P4 4 THR A 79  ? ASN A 99  ? THR A 89  ASN A 109 1 ? 21 
HELX_P HELX_P5 5 LEU A 100 ? TYR A 103 ? LEU A 110 TYR A 113 5 ? 4  
HELX_P HELX_P6 6 SER A 104 ? MET A 108 ? SER A 114 MET A 118 5 ? 5  
HELX_P HELX_P7 7 PRO A 111 ? CYS A 115 ? PRO A 121 CYS A 126 5 ? 5  
# 
_struct_conf_type.id          HELX_P 
_struct_conf_type.criteria    ? 
_struct_conf_type.reference   ? 
# 
loop_
_struct_conn.id 
_struct_conn.conn_type_id 
_struct_conn.pdbx_leaving_atom_flag 
_struct_conn.pdbx_PDB_id 
_struct_conn.ptnr1_label_asym_id 
_struct_conn.ptnr1_label_comp_id 
_struct_conn.ptnr1_label_seq_id 
_struct_conn.ptnr1_label_atom_id 
_struct_conn.pdbx_ptnr1_label_alt_id 
_struct_conn.pdbx_ptnr1_PDB_ins_code 
_struct_conn.pdbx_ptnr1_standard_comp_id 
_struct_conn.ptnr1_symmetry 
_struct_conn.ptnr2_label_asym_id 
_struct_conn.ptnr2_label_comp_id 
_struct_conn.ptnr2_label_seq_id 
_struct_conn.ptnr2_label_atom_id 
_struct_conn.pdbx_ptnr2_label_alt_id 
_struct_conn.pdbx_ptnr2_PDB_ins_code 
_struct_conn.ptnr1_auth_asym_id 
_struct_conn.ptnr1_auth_comp_id 
_struct_conn.ptnr1_auth_seq_id 
_struct_conn.ptnr2_auth_asym_id 
_struct_conn.ptnr2_auth_comp_id 
_struct_conn.ptnr2_auth_seq_id 
_struct_conn.ptnr2_symmetry 
_struct_conn.pdbx_ptnr3_label_atom_id 
_struct_conn.pdbx_ptnr3_label_seq_id 
_struct_conn.pdbx_ptnr3_label_comp_id 
_struct_conn.pdbx_ptnr3_label_asym_id 
_struct_conn.pdbx_ptnr3_label_alt_id 
_struct_conn.pdbx_ptnr3_PDB_ins_code 
_struct_conn.details 
_struct_conn.pdbx_dist_value 
_struct_conn.pdbx_value_order 
_struct_conn.pdbx_role 
disulf1 disulf ?    ? A CYS 26 SG ? ? ? 1_555 A CYS 115 SG ? ? A CYS 27 A CYS 126 1_555 ? ? ? ? ? ? ? 2.035 ? ? 
disulf2 disulf ?    ? A CYS 28 SG ? ? ? 1_555 A CYS 44  SG ? ? A CYS 29 A CYS 45  1_555 ? ? ? ? ? ? ? 2.025 ? ? 
disulf3 disulf ?    ? A CYS 43 SG ? ? ? 1_555 A CYS 95  SG ? ? A CYS 44 A CYS 105 1_555 ? ? ? ? ? ? ? 2.035 ? ? 
disulf4 disulf ?    ? A CYS 49 SG ? ? ? 1_555 A CYS 121 SG ? ? A CYS 50 A CYS 133 1_555 ? ? ? ? ? ? ? 2.031 ? ? 
disulf5 disulf ?    ? A CYS 50 SG ? ? ? 1_555 A CYS 88  SG ? ? A CYS 51 A CYS 98  1_555 ? ? ? ? ? ? ? 2.031 ? ? 
disulf6 disulf ?    ? A CYS 57 SG ? ? ? 1_555 A CYS 81  SG ? ? A CYS 61 A CYS 91  1_555 ? ? ? ? ? ? ? 2.035 ? ? 
disulf7 disulf ?    ? A CYS 75 SG ? ? ? 1_555 A CYS 86  SG ? ? A CYS 84 A CYS 96  1_555 ? ? ? ? ? ? ? 2.049 ? ? 
covale1 covale both ? B PHQ 1  C1 ? ? ? 1_555 B LEU 2   N  ? ? C PHQ 1  C LEU 2   1_555 ? ? ? ? ? ? ? 1.389 ? ? 
# 
loop_
_struct_conn_type.id 
_struct_conn_type.criteria 
_struct_conn_type.reference 
disulf ? ? 
covale ? ? 
# 
loop_
_pdbx_modification_feature.ordinal 
_pdbx_modification_feature.label_comp_id 
_pdbx_modification_feature.label_asym_id 
_pdbx_modification_feature.label_seq_id 
_pdbx_modification_feature.label_alt_id 
_pdbx_modification_feature.modified_residue_label_comp_id 
_pdbx_modification_feature.modified_residue_label_asym_id 
_pdbx_modification_feature.modified_residue_label_seq_id 
_pdbx_modification_feature.modified_residue_label_alt_id 
_pdbx_modification_feature.auth_comp_id 
_pdbx_modification_feature.auth_asym_id 
_pdbx_modification_feature.auth_seq_id 
_pdbx_modification_feature.PDB_ins_code 
_pdbx_modification_feature.symmetry 
_pdbx_modification_feature.modified_residue_auth_comp_id 
_pdbx_modification_feature.modified_residue_auth_asym_id 
_pdbx_modification_feature.modified_residue_auth_seq_id 
_pdbx_modification_feature.modified_residue_PDB_ins_code 
_pdbx_modification_feature.modified_residue_symmetry 
_pdbx_modification_feature.comp_id_linking_atom 
_pdbx_modification_feature.modified_residue_id_linking_atom 
_pdbx_modification_feature.modified_residue_id 
_pdbx_modification_feature.ref_pcm_id 
_pdbx_modification_feature.ref_comp_id 
_pdbx_modification_feature.type 
_pdbx_modification_feature.category 
1 PHQ B 1  ? .   . .   . PHQ C 1  ? 1_555 .   . .   . .     .  .  ? 1 PHQ None 'Non-standard residue' 
2 CYS A 26 ? CYS A 115 ? CYS A 27 ? 1_555 CYS A 126 ? 1_555 SG SG . . .   None 'Disulfide bridge'     
3 CYS A 28 ? CYS A 44  ? CYS A 29 ? 1_555 CYS A 45  ? 1_555 SG SG . . .   None 'Disulfide bridge'     
4 CYS A 43 ? CYS A 95  ? CYS A 44 ? 1_555 CYS A 105 ? 1_555 SG SG . . .   None 'Disulfide bridge'     
5 CYS A 49 ? CYS A 121 ? CYS A 50 ? 1_555 CYS A 133 ? 1_555 SG SG . . .   None 'Disulfide bridge'     
6 CYS A 50 ? CYS A 88  ? CYS A 51 ? 1_555 CYS A 98  ? 1_555 SG SG . . .   None 'Disulfide bridge'     
7 CYS A 57 ? CYS A 81  ? CYS A 61 ? 1_555 CYS A 91  ? 1_555 SG SG . . .   None 'Disulfide bridge'     
8 CYS A 75 ? CYS A 86  ? CYS A 84 ? 1_555 CYS A 96  ? 1_555 SG SG . . .   None 'Disulfide bridge'     
# 
_struct_mon_prot_cis.pdbx_id                1 
_struct_mon_prot_cis.label_comp_id          ILE 
_struct_mon_prot_cis.label_seq_id           18 
_struct_mon_prot_cis.label_asym_id          A 
_struct_mon_prot_cis.label_alt_id           . 
_struct_mon_prot_cis.pdbx_PDB_ins_code      ? 
_struct_mon_prot_cis.auth_comp_id           ILE 
_struct_mon_prot_cis.auth_seq_id            19 
_struct_mon_prot_cis.auth_asym_id           A 
_struct_mon_prot_cis.pdbx_label_comp_id_2   PRO 
_struct_mon_prot_cis.pdbx_label_seq_id_2    19 
_struct_mon_prot_cis.pdbx_label_asym_id_2   A 
_struct_mon_prot_cis.pdbx_PDB_ins_code_2    ? 
_struct_mon_prot_cis.pdbx_auth_comp_id_2    PRO 
_struct_mon_prot_cis.pdbx_auth_seq_id_2     20 
_struct_mon_prot_cis.pdbx_auth_asym_id_2    A 
_struct_mon_prot_cis.pdbx_PDB_model_num     1 
_struct_mon_prot_cis.pdbx_omega_angle       7.17 
# 
_struct_sheet.id               A 
_struct_sheet.type             ? 
_struct_sheet.number_strands   2 
_struct_sheet.details          ? 
# 
_struct_sheet_order.sheet_id     A 
_struct_sheet_order.range_id_1   1 
_struct_sheet_order.range_id_2   2 
_struct_sheet_order.offset       ? 
_struct_sheet_order.sense        anti-parallel 
# 
loop_
_struct_sheet_range.sheet_id 
_struct_sheet_range.id 
_struct_sheet_range.beg_label_comp_id 
_struct_sheet_range.beg_label_asym_id 
_struct_sheet_range.beg_label_seq_id 
_struct_sheet_range.pdbx_beg_PDB_ins_code 
_struct_sheet_range.end_label_comp_id 
_struct_sheet_range.end_label_asym_id 
_struct_sheet_range.end_label_seq_id 
_struct_sheet_range.pdbx_end_PDB_ins_code 
_struct_sheet_range.beg_auth_comp_id 
_struct_sheet_range.beg_auth_asym_id 
_struct_sheet_range.beg_auth_seq_id 
_struct_sheet_range.end_auth_comp_id 
_struct_sheet_range.end_auth_asym_id 
_struct_sheet_range.end_auth_seq_id 
A 1 TYR A 66 ? VAL A 69 ? TYR A 75 VAL A 78 
A 2 ALA A 72 ? CYS A 75 ? ALA A 81 CYS A 84 
# 
_pdbx_struct_sheet_hbond.sheet_id                A 
_pdbx_struct_sheet_hbond.range_id_1              1 
_pdbx_struct_sheet_hbond.range_id_2              2 
_pdbx_struct_sheet_hbond.range_1_label_atom_id   N 
_pdbx_struct_sheet_hbond.range_1_label_comp_id   LYS 
_pdbx_struct_sheet_hbond.range_1_label_asym_id   A 
_pdbx_struct_sheet_hbond.range_1_label_seq_id    67 
_pdbx_struct_sheet_hbond.range_1_PDB_ins_code    ? 
_pdbx_struct_sheet_hbond.range_1_auth_atom_id    N 
_pdbx_struct_sheet_hbond.range_1_auth_comp_id    LYS 
_pdbx_struct_sheet_hbond.range_1_auth_asym_id    A 
_pdbx_struct_sheet_hbond.range_1_auth_seq_id     76 
_pdbx_struct_sheet_hbond.range_2_label_atom_id   O 
_pdbx_struct_sheet_hbond.range_2_label_comp_id   VAL 
_pdbx_struct_sheet_hbond.range_2_label_asym_id   A 
_pdbx_struct_sheet_hbond.range_2_label_seq_id    74 
_pdbx_struct_sheet_hbond.range_2_PDB_ins_code    ? 
_pdbx_struct_sheet_hbond.range_2_auth_atom_id    O 
_pdbx_struct_sheet_hbond.range_2_auth_comp_id    VAL 
_pdbx_struct_sheet_hbond.range_2_auth_asym_id    A 
_pdbx_struct_sheet_hbond.range_2_auth_seq_id     83 
# 
loop_
_struct_site.id 
_struct_site.pdbx_evidence_code 
_struct_site.pdbx_auth_asym_id 
_struct_site.pdbx_auth_comp_id 
_struct_site.pdbx_auth_seq_id 
_struct_site.pdbx_auth_ins_code 
_struct_site.pdbx_num_residues 
_struct_site.details 
AC1 Software A SO4 301 ? 4  'BINDING SITE FOR RESIDUE SO4 A 301'            
AC2 Software A SO4 302 ? 7  'BINDING SITE FOR RESIDUE SO4 A 302'            
AC3 Software A SO4 303 ? 4  'BINDING SITE FOR RESIDUE SO4 A 303'            
AC4 Software A ACY 304 ? 3  'BINDING SITE FOR RESIDUE ACY A 304'            
AC5 Software ? ?   ?   ? 26 'BINDING SITE FOR CHAIN C OF PEPTIDE INHIBITOR' 
# 
loop_
_struct_site_gen.id 
_struct_site_gen.site_id 
_struct_site_gen.pdbx_num_res 
_struct_site_gen.label_comp_id 
_struct_site_gen.label_asym_id 
_struct_site_gen.label_seq_id 
_struct_site_gen.pdbx_auth_ins_code 
_struct_site_gen.auth_comp_id 
_struct_site_gen.auth_asym_id 
_struct_site_gen.auth_seq_id 
_struct_site_gen.label_atom_id 
_struct_site_gen.label_alt_id 
_struct_site_gen.symmetry 
_struct_site_gen.details 
1  AC1 4  ARG A 42  ? ARG A 43  . ? 1_555 ? 
2  AC1 4  HOH I .   ? HOH A 401 . ? 1_555 ? 
3  AC1 4  HOH I .   ? HOH A 414 . ? 1_555 ? 
4  AC1 4  PHQ B 1   ? PHQ C 1   . ? 2_565 ? 
5  AC2 7  GLU A 4   ? GLU A 4   . ? 1_555 ? 
6  AC2 7  ARG A 63  ? ARG A 72  . ? 1_555 ? 
7  AC2 7  LYS A 65  ? LYS A 74  . ? 1_555 ? 
8  AC2 7  HOH I .   ? HOH A 374 . ? 1_555 ? 
9  AC2 7  HOH I .   ? HOH A 383 . ? 3_654 ? 
10 AC2 7  HOH I .   ? HOH A 389 . ? 1_555 ? 
11 AC2 7  HOH I .   ? HOH A 418 . ? 1_555 ? 
12 AC3 4  SER A 104 ? SER A 114 . ? 1_555 ? 
13 AC3 4  LYS A 105 ? LYS A 115 . ? 1_555 ? 
14 AC3 4  LYS A 120 ? LYS A 131 . ? 4_465 ? 
15 AC3 4  HOH I .   ? HOH A 497 . ? 1_555 ? 
16 AC4 3  LYS A 37  ? LYS A 38  . ? 1_555 ? 
17 AC4 3  TYR A 107 ? TYR A 117 . ? 1_555 ? 
18 AC4 3  HOH I .   ? HOH A 410 . ? 1_555 ? 
19 AC5 26 LEU A 2   ? LEU A 2   . ? 1_555 ? 
20 AC5 26 LEU A 3   ? LEU A 3   . ? 1_555 ? 
21 AC5 26 ILE A 18  ? ILE A 19  . ? 1_555 ? 
22 AC5 26 TYR A 21  ? TYR A 22  . ? 1_555 ? 
23 AC5 26 SER A 22  ? SER A 23  . ? 1_555 ? 
24 AC5 26 TYR A 27  ? TYR A 28  . ? 1_555 ? 
25 AC5 26 CYS A 28  ? CYS A 29  . ? 1_555 ? 
26 AC5 26 GLY A 29  ? GLY A 30  . ? 1_555 ? 
27 AC5 26 TRP A 30  ? TRP A 31  . ? 1_555 ? 
28 AC5 26 GLY A 31  ? GLY A 32  . ? 1_555 ? 
29 AC5 26 CYS A 44  ? CYS A 45  . ? 1_555 ? 
30 AC5 26 HIS A 47  ? HIS A 48  . ? 1_555 ? 
31 AC5 26 ASP A 48  ? ASP A 49  . ? 1_555 ? 
32 AC5 26 TYR A 51  ? TYR A 52  . ? 1_555 ? 
33 AC5 26 ASN A 101 ? ASN A 111 . ? 2_564 ? 
34 AC5 26 THR A 102 ? THR A 112 . ? 2_564 ? 
35 AC5 26 SO4 C .   ? SO4 A 301 . ? 2_564 ? 
36 AC5 26 HOH I .   ? HOH A 400 . ? 1_555 ? 
37 AC5 26 HOH I .   ? HOH A 402 . ? 2_564 ? 
38 AC5 26 HOH I .   ? HOH A 417 . ? 1_555 ? 
39 AC5 26 HOH I .   ? HOH A 438 . ? 1_555 ? 
40 AC5 26 HOH I .   ? HOH A 470 . ? 1_555 ? 
41 AC5 26 HOH I .   ? HOH A 480 . ? 2_564 ? 
42 AC5 26 HOH J .   ? HOH C 185 . ? 1_555 ? 
43 AC5 26 HOH J .   ? HOH C 206 . ? 1_555 ? 
44 AC5 26 HOH J .   ? HOH C 207 . ? 1_555 ? 
# 
_pdbx_entry_details.entry_id                   1TG1 
_pdbx_entry_details.compound_details           ? 
_pdbx_entry_details.source_details             ? 
_pdbx_entry_details.nonpolymer_details         ? 
_pdbx_entry_details.sequence_details           ? 
_pdbx_entry_details.has_ligand_of_interest     ? 
_pdbx_entry_details.has_protein_modification   Y 
# 
loop_
_pdbx_validate_rmsd_bond.id 
_pdbx_validate_rmsd_bond.PDB_model_num 
_pdbx_validate_rmsd_bond.auth_atom_id_1 
_pdbx_validate_rmsd_bond.auth_asym_id_1 
_pdbx_validate_rmsd_bond.auth_comp_id_1 
_pdbx_validate_rmsd_bond.auth_seq_id_1 
_pdbx_validate_rmsd_bond.PDB_ins_code_1 
_pdbx_validate_rmsd_bond.label_alt_id_1 
_pdbx_validate_rmsd_bond.auth_atom_id_2 
_pdbx_validate_rmsd_bond.auth_asym_id_2 
_pdbx_validate_rmsd_bond.auth_comp_id_2 
_pdbx_validate_rmsd_bond.auth_seq_id_2 
_pdbx_validate_rmsd_bond.PDB_ins_code_2 
_pdbx_validate_rmsd_bond.label_alt_id_2 
_pdbx_validate_rmsd_bond.bond_value 
_pdbx_validate_rmsd_bond.bond_target_value 
_pdbx_validate_rmsd_bond.bond_deviation 
_pdbx_validate_rmsd_bond.bond_standard_deviation 
_pdbx_validate_rmsd_bond.linker_flag 
1 1 CA C LEU 2 ? ? CB C LEU 2 ? ? 1.349 1.533 -0.184 0.023 N 
2 1 CA C VAL 3 ? ? C  C VAL 3 ? ? 1.682 1.525 0.157  0.026 N 
# 
loop_
_pdbx_validate_rmsd_angle.id 
_pdbx_validate_rmsd_angle.PDB_model_num 
_pdbx_validate_rmsd_angle.auth_atom_id_1 
_pdbx_validate_rmsd_angle.auth_asym_id_1 
_pdbx_validate_rmsd_angle.auth_comp_id_1 
_pdbx_validate_rmsd_angle.auth_seq_id_1 
_pdbx_validate_rmsd_angle.PDB_ins_code_1 
_pdbx_validate_rmsd_angle.label_alt_id_1 
_pdbx_validate_rmsd_angle.auth_atom_id_2 
_pdbx_validate_rmsd_angle.auth_asym_id_2 
_pdbx_validate_rmsd_angle.auth_comp_id_2 
_pdbx_validate_rmsd_angle.auth_seq_id_2 
_pdbx_validate_rmsd_angle.PDB_ins_code_2 
_pdbx_validate_rmsd_angle.label_alt_id_2 
_pdbx_validate_rmsd_angle.auth_atom_id_3 
_pdbx_validate_rmsd_angle.auth_asym_id_3 
_pdbx_validate_rmsd_angle.auth_comp_id_3 
_pdbx_validate_rmsd_angle.auth_seq_id_3 
_pdbx_validate_rmsd_angle.PDB_ins_code_3 
_pdbx_validate_rmsd_angle.label_alt_id_3 
_pdbx_validate_rmsd_angle.angle_value 
_pdbx_validate_rmsd_angle.angle_target_value 
_pdbx_validate_rmsd_angle.angle_deviation 
_pdbx_validate_rmsd_angle.angle_standard_deviation 
_pdbx_validate_rmsd_angle.linker_flag 
1 1 CA A GLY 32 ? ? C  A GLY 32 ? ? O  A GLY 32 ? ? 108.23 120.60 -12.37 1.80 N 
2 1 CA A GLY 32 ? ? C  A GLY 32 ? ? N  A GLY 33 ? ? 132.61 116.20 16.41  2.00 Y 
3 1 CA C LEU 2  ? ? CB C LEU 2  ? ? CG C LEU 2  ? ? 132.08 115.30 16.78  2.30 N 
4 1 CB C ARG 4  ? ? CA C ARG 4  ? ? C  C ARG 4  ? ? 98.39  110.40 -12.01 2.00 N 
5 1 CA C ARG 4  ? ? CB C ARG 4  ? ? CG C ARG 4  ? ? 129.76 113.40 16.36  2.20 N 
6 1 CG C ARG 4  ? ? CD C ARG 4  ? ? NE C ARG 4  ? ? 162.97 111.80 51.17  2.10 N 
7 1 CD C ARG 4  ? ? NE C ARG 4  ? ? CZ C ARG 4  ? ? 166.04 123.60 42.44  1.40 N 
# 
loop_
_pdbx_validate_torsion.id 
_pdbx_validate_torsion.PDB_model_num 
_pdbx_validate_torsion.auth_comp_id 
_pdbx_validate_torsion.auth_asym_id 
_pdbx_validate_torsion.auth_seq_id 
_pdbx_validate_torsion.PDB_ins_code 
_pdbx_validate_torsion.label_alt_id 
_pdbx_validate_torsion.phi 
_pdbx_validate_torsion.psi 
1 1 SER A 24 ? ? -148.20 30.85  
2 1 TRP A 31 ? ? -166.17 27.38  
3 1 ASN A 79 ? ? 27.22   64.26  
4 1 VAL C 3  ? ? -34.47  164.11 
5 1 ARG C 4  ? ? -153.27 56.97  
# 
loop_
_pdbx_validate_peptide_omega.id 
_pdbx_validate_peptide_omega.PDB_model_num 
_pdbx_validate_peptide_omega.auth_comp_id_1 
_pdbx_validate_peptide_omega.auth_asym_id_1 
_pdbx_validate_peptide_omega.auth_seq_id_1 
_pdbx_validate_peptide_omega.PDB_ins_code_1 
_pdbx_validate_peptide_omega.label_alt_id_1 
_pdbx_validate_peptide_omega.auth_comp_id_2 
_pdbx_validate_peptide_omega.auth_asym_id_2 
_pdbx_validate_peptide_omega.auth_seq_id_2 
_pdbx_validate_peptide_omega.PDB_ins_code_2 
_pdbx_validate_peptide_omega.label_alt_id_2 
_pdbx_validate_peptide_omega.omega 
1 1 TRP A 31 ? ? GLY A 32 ? ? 140.43 
2 1 GLY A 32 ? ? GLY A 33 ? ? 146.42 
# 
_pdbx_validate_main_chain_plane.id                       1 
_pdbx_validate_main_chain_plane.PDB_model_num            1 
_pdbx_validate_main_chain_plane.auth_comp_id             GLY 
_pdbx_validate_main_chain_plane.auth_asym_id             A 
_pdbx_validate_main_chain_plane.auth_seq_id              32 
_pdbx_validate_main_chain_plane.PDB_ins_code             ? 
_pdbx_validate_main_chain_plane.label_alt_id             ? 
_pdbx_validate_main_chain_plane.improper_torsion_angle   17.67 
# 
_pdbx_molecule_features.prd_id    PRD_000272 
_pdbx_molecule_features.name      CBZ-DEHYDRO-LEU-VAL-ARG-TYR 
_pdbx_molecule_features.type      Peptide-like 
_pdbx_molecule_features.class     Inhibitor 
_pdbx_molecule_features.details   ? 
# 
_pdbx_molecule.instance_id   1 
_pdbx_molecule.prd_id        PRD_000272 
_pdbx_molecule.asym_id       B 
# 
loop_
_pdbx_distant_solvent_atoms.id 
_pdbx_distant_solvent_atoms.PDB_model_num 
_pdbx_distant_solvent_atoms.auth_atom_id 
_pdbx_distant_solvent_atoms.label_alt_id 
_pdbx_distant_solvent_atoms.auth_asym_id 
_pdbx_distant_solvent_atoms.auth_comp_id 
_pdbx_distant_solvent_atoms.auth_seq_id 
_pdbx_distant_solvent_atoms.PDB_ins_code 
_pdbx_distant_solvent_atoms.neighbor_macromolecule_distance 
_pdbx_distant_solvent_atoms.neighbor_ligand_distance 
1 1 O ? A HOH 400 ? 6.14 .    
2 1 O ? A HOH 415 ? 6.08 .    
3 1 O ? A HOH 445 ? 6.25 .    
4 1 O ? A HOH 495 ? 7.29 .    
5 1 O ? A HOH 498 ? .    5.84 
# 
loop_
_chem_comp_atom.comp_id 
_chem_comp_atom.atom_id 
_chem_comp_atom.type_symbol 
_chem_comp_atom.pdbx_aromatic_flag 
_chem_comp_atom.pdbx_stereo_config 
_chem_comp_atom.pdbx_ordinal 
ACY C    C  N N 1   
ACY O    O  N N 2   
ACY OXT  O  N N 3   
ACY CH3  C  N N 4   
ACY HXT  H  N N 5   
ACY H1   H  N N 6   
ACY H2   H  N N 7   
ACY H3   H  N N 8   
ALA N    N  N N 9   
ALA CA   C  N S 10  
ALA C    C  N N 11  
ALA O    O  N N 12  
ALA CB   C  N N 13  
ALA OXT  O  N N 14  
ALA H    H  N N 15  
ALA H2   H  N N 16  
ALA HA   H  N N 17  
ALA HB1  H  N N 18  
ALA HB2  H  N N 19  
ALA HB3  H  N N 20  
ALA HXT  H  N N 21  
ARG N    N  N N 22  
ARG CA   C  N S 23  
ARG C    C  N N 24  
ARG O    O  N N 25  
ARG CB   C  N N 26  
ARG CG   C  N N 27  
ARG CD   C  N N 28  
ARG NE   N  N N 29  
ARG CZ   C  N N 30  
ARG NH1  N  N N 31  
ARG NH2  N  N N 32  
ARG OXT  O  N N 33  
ARG H    H  N N 34  
ARG H2   H  N N 35  
ARG HA   H  N N 36  
ARG HB2  H  N N 37  
ARG HB3  H  N N 38  
ARG HG2  H  N N 39  
ARG HG3  H  N N 40  
ARG HD2  H  N N 41  
ARG HD3  H  N N 42  
ARG HE   H  N N 43  
ARG HH11 H  N N 44  
ARG HH12 H  N N 45  
ARG HH21 H  N N 46  
ARG HH22 H  N N 47  
ARG HXT  H  N N 48  
ASN N    N  N N 49  
ASN CA   C  N S 50  
ASN C    C  N N 51  
ASN O    O  N N 52  
ASN CB   C  N N 53  
ASN CG   C  N N 54  
ASN OD1  O  N N 55  
ASN ND2  N  N N 56  
ASN OXT  O  N N 57  
ASN H    H  N N 58  
ASN H2   H  N N 59  
ASN HA   H  N N 60  
ASN HB2  H  N N 61  
ASN HB3  H  N N 62  
ASN HD21 H  N N 63  
ASN HD22 H  N N 64  
ASN HXT  H  N N 65  
ASP N    N  N N 66  
ASP CA   C  N S 67  
ASP C    C  N N 68  
ASP O    O  N N 69  
ASP CB   C  N N 70  
ASP CG   C  N N 71  
ASP OD1  O  N N 72  
ASP OD2  O  N N 73  
ASP OXT  O  N N 74  
ASP H    H  N N 75  
ASP H2   H  N N 76  
ASP HA   H  N N 77  
ASP HB2  H  N N 78  
ASP HB3  H  N N 79  
ASP HD2  H  N N 80  
ASP HXT  H  N N 81  
CYS N    N  N N 82  
CYS CA   C  N R 83  
CYS C    C  N N 84  
CYS O    O  N N 85  
CYS CB   C  N N 86  
CYS SG   S  N N 87  
CYS OXT  O  N N 88  
CYS H    H  N N 89  
CYS H2   H  N N 90  
CYS HA   H  N N 91  
CYS HB2  H  N N 92  
CYS HB3  H  N N 93  
CYS HG   H  N N 94  
CYS HXT  H  N N 95  
GLN N    N  N N 96  
GLN CA   C  N S 97  
GLN C    C  N N 98  
GLN O    O  N N 99  
GLN CB   C  N N 100 
GLN CG   C  N N 101 
GLN CD   C  N N 102 
GLN OE1  O  N N 103 
GLN NE2  N  N N 104 
GLN OXT  O  N N 105 
GLN H    H  N N 106 
GLN H2   H  N N 107 
GLN HA   H  N N 108 
GLN HB2  H  N N 109 
GLN HB3  H  N N 110 
GLN HG2  H  N N 111 
GLN HG3  H  N N 112 
GLN HE21 H  N N 113 
GLN HE22 H  N N 114 
GLN HXT  H  N N 115 
GLU N    N  N N 116 
GLU CA   C  N S 117 
GLU C    C  N N 118 
GLU O    O  N N 119 
GLU CB   C  N N 120 
GLU CG   C  N N 121 
GLU CD   C  N N 122 
GLU OE1  O  N N 123 
GLU OE2  O  N N 124 
GLU OXT  O  N N 125 
GLU H    H  N N 126 
GLU H2   H  N N 127 
GLU HA   H  N N 128 
GLU HB2  H  N N 129 
GLU HB3  H  N N 130 
GLU HG2  H  N N 131 
GLU HG3  H  N N 132 
GLU HE2  H  N N 133 
GLU HXT  H  N N 134 
GLY N    N  N N 135 
GLY CA   C  N N 136 
GLY C    C  N N 137 
GLY O    O  N N 138 
GLY OXT  O  N N 139 
GLY H    H  N N 140 
GLY H2   H  N N 141 
GLY HA2  H  N N 142 
GLY HA3  H  N N 143 
GLY HXT  H  N N 144 
HIS N    N  N N 145 
HIS CA   C  N S 146 
HIS C    C  N N 147 
HIS O    O  N N 148 
HIS CB   C  N N 149 
HIS CG   C  Y N 150 
HIS ND1  N  Y N 151 
HIS CD2  C  Y N 152 
HIS CE1  C  Y N 153 
HIS NE2  N  Y N 154 
HIS OXT  O  N N 155 
HIS H    H  N N 156 
HIS H2   H  N N 157 
HIS HA   H  N N 158 
HIS HB2  H  N N 159 
HIS HB3  H  N N 160 
HIS HD1  H  N N 161 
HIS HD2  H  N N 162 
HIS HE1  H  N N 163 
HIS HE2  H  N N 164 
HIS HXT  H  N N 165 
HOH O    O  N N 166 
HOH H1   H  N N 167 
HOH H2   H  N N 168 
ILE N    N  N N 169 
ILE CA   C  N S 170 
ILE C    C  N N 171 
ILE O    O  N N 172 
ILE CB   C  N S 173 
ILE CG1  C  N N 174 
ILE CG2  C  N N 175 
ILE CD1  C  N N 176 
ILE OXT  O  N N 177 
ILE H    H  N N 178 
ILE H2   H  N N 179 
ILE HA   H  N N 180 
ILE HB   H  N N 181 
ILE HG12 H  N N 182 
ILE HG13 H  N N 183 
ILE HG21 H  N N 184 
ILE HG22 H  N N 185 
ILE HG23 H  N N 186 
ILE HD11 H  N N 187 
ILE HD12 H  N N 188 
ILE HD13 H  N N 189 
ILE HXT  H  N N 190 
LEU N    N  N N 191 
LEU CA   C  N S 192 
LEU C    C  N N 193 
LEU O    O  N N 194 
LEU CB   C  N N 195 
LEU CG   C  N N 196 
LEU CD1  C  N N 197 
LEU CD2  C  N N 198 
LEU OXT  O  N N 199 
LEU H    H  N N 200 
LEU H2   H  N N 201 
LEU HA   H  N N 202 
LEU HB2  H  N N 203 
LEU HB3  H  N N 204 
LEU HG   H  N N 205 
LEU HD11 H  N N 206 
LEU HD12 H  N N 207 
LEU HD13 H  N N 208 
LEU HD21 H  N N 209 
LEU HD22 H  N N 210 
LEU HD23 H  N N 211 
LEU HXT  H  N N 212 
LYS N    N  N N 213 
LYS CA   C  N S 214 
LYS C    C  N N 215 
LYS O    O  N N 216 
LYS CB   C  N N 217 
LYS CG   C  N N 218 
LYS CD   C  N N 219 
LYS CE   C  N N 220 
LYS NZ   N  N N 221 
LYS OXT  O  N N 222 
LYS H    H  N N 223 
LYS H2   H  N N 224 
LYS HA   H  N N 225 
LYS HB2  H  N N 226 
LYS HB3  H  N N 227 
LYS HG2  H  N N 228 
LYS HG3  H  N N 229 
LYS HD2  H  N N 230 
LYS HD3  H  N N 231 
LYS HE2  H  N N 232 
LYS HE3  H  N N 233 
LYS HZ1  H  N N 234 
LYS HZ2  H  N N 235 
LYS HZ3  H  N N 236 
LYS HXT  H  N N 237 
MET N    N  N N 238 
MET CA   C  N S 239 
MET C    C  N N 240 
MET O    O  N N 241 
MET CB   C  N N 242 
MET CG   C  N N 243 
MET SD   S  N N 244 
MET CE   C  N N 245 
MET OXT  O  N N 246 
MET H    H  N N 247 
MET H2   H  N N 248 
MET HA   H  N N 249 
MET HB2  H  N N 250 
MET HB3  H  N N 251 
MET HG2  H  N N 252 
MET HG3  H  N N 253 
MET HE1  H  N N 254 
MET HE2  H  N N 255 
MET HE3  H  N N 256 
MET HXT  H  N N 257 
MOH C    C  N N 258 
MOH O    O  N N 259 
MOH H1   H  N N 260 
MOH H2   H  N N 261 
MOH H3   H  N N 262 
MOH HO   H  N N 263 
PHE N    N  N N 264 
PHE CA   C  N S 265 
PHE C    C  N N 266 
PHE O    O  N N 267 
PHE CB   C  N N 268 
PHE CG   C  Y N 269 
PHE CD1  C  Y N 270 
PHE CD2  C  Y N 271 
PHE CE1  C  Y N 272 
PHE CE2  C  Y N 273 
PHE CZ   C  Y N 274 
PHE OXT  O  N N 275 
PHE H    H  N N 276 
PHE H2   H  N N 277 
PHE HA   H  N N 278 
PHE HB2  H  N N 279 
PHE HB3  H  N N 280 
PHE HD1  H  N N 281 
PHE HD2  H  N N 282 
PHE HE1  H  N N 283 
PHE HE2  H  N N 284 
PHE HZ   H  N N 285 
PHE HXT  H  N N 286 
PHQ C1   C  N N 287 
PHQ O1   O  N N 288 
PHQ O2   O  N N 289 
PHQ C2   C  N N 290 
PHQ C3   C  Y N 291 
PHQ C4   C  Y N 292 
PHQ C5   C  Y N 293 
PHQ C6   C  Y N 294 
PHQ C7   C  Y N 295 
PHQ C8   C  Y N 296 
PHQ CL1  CL N N 297 
PHQ H21  H  N N 298 
PHQ H22  H  N N 299 
PHQ H41  H  N N 300 
PHQ H51  H  N N 301 
PHQ H61  H  N N 302 
PHQ H71  H  N N 303 
PHQ H81  H  N N 304 
PRO N    N  N N 305 
PRO CA   C  N S 306 
PRO C    C  N N 307 
PRO O    O  N N 308 
PRO CB   C  N N 309 
PRO CG   C  N N 310 
PRO CD   C  N N 311 
PRO OXT  O  N N 312 
PRO H    H  N N 313 
PRO HA   H  N N 314 
PRO HB2  H  N N 315 
PRO HB3  H  N N 316 
PRO HG2  H  N N 317 
PRO HG3  H  N N 318 
PRO HD2  H  N N 319 
PRO HD3  H  N N 320 
PRO HXT  H  N N 321 
SER N    N  N N 322 
SER CA   C  N S 323 
SER C    C  N N 324 
SER O    O  N N 325 
SER CB   C  N N 326 
SER OG   O  N N 327 
SER OXT  O  N N 328 
SER H    H  N N 329 
SER H2   H  N N 330 
SER HA   H  N N 331 
SER HB2  H  N N 332 
SER HB3  H  N N 333 
SER HG   H  N N 334 
SER HXT  H  N N 335 
SO4 S    S  N N 336 
SO4 O1   O  N N 337 
SO4 O2   O  N N 338 
SO4 O3   O  N N 339 
SO4 O4   O  N N 340 
THR N    N  N N 341 
THR CA   C  N S 342 
THR C    C  N N 343 
THR O    O  N N 344 
THR CB   C  N R 345 
THR OG1  O  N N 346 
THR CG2  C  N N 347 
THR OXT  O  N N 348 
THR H    H  N N 349 
THR H2   H  N N 350 
THR HA   H  N N 351 
THR HB   H  N N 352 
THR HG1  H  N N 353 
THR HG21 H  N N 354 
THR HG22 H  N N 355 
THR HG23 H  N N 356 
THR HXT  H  N N 357 
TRP N    N  N N 358 
TRP CA   C  N S 359 
TRP C    C  N N 360 
TRP O    O  N N 361 
TRP CB   C  N N 362 
TRP CG   C  Y N 363 
TRP CD1  C  Y N 364 
TRP CD2  C  Y N 365 
TRP NE1  N  Y N 366 
TRP CE2  C  Y N 367 
TRP CE3  C  Y N 368 
TRP CZ2  C  Y N 369 
TRP CZ3  C  Y N 370 
TRP CH2  C  Y N 371 
TRP OXT  O  N N 372 
TRP H    H  N N 373 
TRP H2   H  N N 374 
TRP HA   H  N N 375 
TRP HB2  H  N N 376 
TRP HB3  H  N N 377 
TRP HD1  H  N N 378 
TRP HE1  H  N N 379 
TRP HE3  H  N N 380 
TRP HZ2  H  N N 381 
TRP HZ3  H  N N 382 
TRP HH2  H  N N 383 
TRP HXT  H  N N 384 
TYR N    N  N N 385 
TYR CA   C  N S 386 
TYR C    C  N N 387 
TYR O    O  N N 388 
TYR CB   C  N N 389 
TYR CG   C  Y N 390 
TYR CD1  C  Y N 391 
TYR CD2  C  Y N 392 
TYR CE1  C  Y N 393 
TYR CE2  C  Y N 394 
TYR CZ   C  Y N 395 
TYR OH   O  N N 396 
TYR OXT  O  N N 397 
TYR H    H  N N 398 
TYR H2   H  N N 399 
TYR HA   H  N N 400 
TYR HB2  H  N N 401 
TYR HB3  H  N N 402 
TYR HD1  H  N N 403 
TYR HD2  H  N N 404 
TYR HE1  H  N N 405 
TYR HE2  H  N N 406 
TYR HH   H  N N 407 
TYR HXT  H  N N 408 
VAL N    N  N N 409 
VAL CA   C  N S 410 
VAL C    C  N N 411 
VAL O    O  N N 412 
VAL CB   C  N N 413 
VAL CG1  C  N N 414 
VAL CG2  C  N N 415 
VAL OXT  O  N N 416 
VAL H    H  N N 417 
VAL H2   H  N N 418 
VAL HA   H  N N 419 
VAL HB   H  N N 420 
VAL HG11 H  N N 421 
VAL HG12 H  N N 422 
VAL HG13 H  N N 423 
VAL HG21 H  N N 424 
VAL HG22 H  N N 425 
VAL HG23 H  N N 426 
VAL HXT  H  N N 427 
# 
loop_
_chem_comp_bond.comp_id 
_chem_comp_bond.atom_id_1 
_chem_comp_bond.atom_id_2 
_chem_comp_bond.value_order 
_chem_comp_bond.pdbx_aromatic_flag 
_chem_comp_bond.pdbx_stereo_config 
_chem_comp_bond.pdbx_ordinal 
ACY C   O    doub N N 1   
ACY C   OXT  sing N N 2   
ACY C   CH3  sing N N 3   
ACY OXT HXT  sing N N 4   
ACY CH3 H1   sing N N 5   
ACY CH3 H2   sing N N 6   
ACY CH3 H3   sing N N 7   
ALA N   CA   sing N N 8   
ALA N   H    sing N N 9   
ALA N   H2   sing N N 10  
ALA CA  C    sing N N 11  
ALA CA  CB   sing N N 12  
ALA CA  HA   sing N N 13  
ALA C   O    doub N N 14  
ALA C   OXT  sing N N 15  
ALA CB  HB1  sing N N 16  
ALA CB  HB2  sing N N 17  
ALA CB  HB3  sing N N 18  
ALA OXT HXT  sing N N 19  
ARG N   CA   sing N N 20  
ARG N   H    sing N N 21  
ARG N   H2   sing N N 22  
ARG CA  C    sing N N 23  
ARG CA  CB   sing N N 24  
ARG CA  HA   sing N N 25  
ARG C   O    doub N N 26  
ARG C   OXT  sing N N 27  
ARG CB  CG   sing N N 28  
ARG CB  HB2  sing N N 29  
ARG CB  HB3  sing N N 30  
ARG CG  CD   sing N N 31  
ARG CG  HG2  sing N N 32  
ARG CG  HG3  sing N N 33  
ARG CD  NE   sing N N 34  
ARG CD  HD2  sing N N 35  
ARG CD  HD3  sing N N 36  
ARG NE  CZ   sing N N 37  
ARG NE  HE   sing N N 38  
ARG CZ  NH1  sing N N 39  
ARG CZ  NH2  doub N N 40  
ARG NH1 HH11 sing N N 41  
ARG NH1 HH12 sing N N 42  
ARG NH2 HH21 sing N N 43  
ARG NH2 HH22 sing N N 44  
ARG OXT HXT  sing N N 45  
ASN N   CA   sing N N 46  
ASN N   H    sing N N 47  
ASN N   H2   sing N N 48  
ASN CA  C    sing N N 49  
ASN CA  CB   sing N N 50  
ASN CA  HA   sing N N 51  
ASN C   O    doub N N 52  
ASN C   OXT  sing N N 53  
ASN CB  CG   sing N N 54  
ASN CB  HB2  sing N N 55  
ASN CB  HB3  sing N N 56  
ASN CG  OD1  doub N N 57  
ASN CG  ND2  sing N N 58  
ASN ND2 HD21 sing N N 59  
ASN ND2 HD22 sing N N 60  
ASN OXT HXT  sing N N 61  
ASP N   CA   sing N N 62  
ASP N   H    sing N N 63  
ASP N   H2   sing N N 64  
ASP CA  C    sing N N 65  
ASP CA  CB   sing N N 66  
ASP CA  HA   sing N N 67  
ASP C   O    doub N N 68  
ASP C   OXT  sing N N 69  
ASP CB  CG   sing N N 70  
ASP CB  HB2  sing N N 71  
ASP CB  HB3  sing N N 72  
ASP CG  OD1  doub N N 73  
ASP CG  OD2  sing N N 74  
ASP OD2 HD2  sing N N 75  
ASP OXT HXT  sing N N 76  
CYS N   CA   sing N N 77  
CYS N   H    sing N N 78  
CYS N   H2   sing N N 79  
CYS CA  C    sing N N 80  
CYS CA  CB   sing N N 81  
CYS CA  HA   sing N N 82  
CYS C   O    doub N N 83  
CYS C   OXT  sing N N 84  
CYS CB  SG   sing N N 85  
CYS CB  HB2  sing N N 86  
CYS CB  HB3  sing N N 87  
CYS SG  HG   sing N N 88  
CYS OXT HXT  sing N N 89  
GLN N   CA   sing N N 90  
GLN N   H    sing N N 91  
GLN N   H2   sing N N 92  
GLN CA  C    sing N N 93  
GLN CA  CB   sing N N 94  
GLN CA  HA   sing N N 95  
GLN C   O    doub N N 96  
GLN C   OXT  sing N N 97  
GLN CB  CG   sing N N 98  
GLN CB  HB2  sing N N 99  
GLN CB  HB3  sing N N 100 
GLN CG  CD   sing N N 101 
GLN CG  HG2  sing N N 102 
GLN CG  HG3  sing N N 103 
GLN CD  OE1  doub N N 104 
GLN CD  NE2  sing N N 105 
GLN NE2 HE21 sing N N 106 
GLN NE2 HE22 sing N N 107 
GLN OXT HXT  sing N N 108 
GLU N   CA   sing N N 109 
GLU N   H    sing N N 110 
GLU N   H2   sing N N 111 
GLU CA  C    sing N N 112 
GLU CA  CB   sing N N 113 
GLU CA  HA   sing N N 114 
GLU C   O    doub N N 115 
GLU C   OXT  sing N N 116 
GLU CB  CG   sing N N 117 
GLU CB  HB2  sing N N 118 
GLU CB  HB3  sing N N 119 
GLU CG  CD   sing N N 120 
GLU CG  HG2  sing N N 121 
GLU CG  HG3  sing N N 122 
GLU CD  OE1  doub N N 123 
GLU CD  OE2  sing N N 124 
GLU OE2 HE2  sing N N 125 
GLU OXT HXT  sing N N 126 
GLY N   CA   sing N N 127 
GLY N   H    sing N N 128 
GLY N   H2   sing N N 129 
GLY CA  C    sing N N 130 
GLY CA  HA2  sing N N 131 
GLY CA  HA3  sing N N 132 
GLY C   O    doub N N 133 
GLY C   OXT  sing N N 134 
GLY OXT HXT  sing N N 135 
HIS N   CA   sing N N 136 
HIS N   H    sing N N 137 
HIS N   H2   sing N N 138 
HIS CA  C    sing N N 139 
HIS CA  CB   sing N N 140 
HIS CA  HA   sing N N 141 
HIS C   O    doub N N 142 
HIS C   OXT  sing N N 143 
HIS CB  CG   sing N N 144 
HIS CB  HB2  sing N N 145 
HIS CB  HB3  sing N N 146 
HIS CG  ND1  sing Y N 147 
HIS CG  CD2  doub Y N 148 
HIS ND1 CE1  doub Y N 149 
HIS ND1 HD1  sing N N 150 
HIS CD2 NE2  sing Y N 151 
HIS CD2 HD2  sing N N 152 
HIS CE1 NE2  sing Y N 153 
HIS CE1 HE1  sing N N 154 
HIS NE2 HE2  sing N N 155 
HIS OXT HXT  sing N N 156 
HOH O   H1   sing N N 157 
HOH O   H2   sing N N 158 
ILE N   CA   sing N N 159 
ILE N   H    sing N N 160 
ILE N   H2   sing N N 161 
ILE CA  C    sing N N 162 
ILE CA  CB   sing N N 163 
ILE CA  HA   sing N N 164 
ILE C   O    doub N N 165 
ILE C   OXT  sing N N 166 
ILE CB  CG1  sing N N 167 
ILE CB  CG2  sing N N 168 
ILE CB  HB   sing N N 169 
ILE CG1 CD1  sing N N 170 
ILE CG1 HG12 sing N N 171 
ILE CG1 HG13 sing N N 172 
ILE CG2 HG21 sing N N 173 
ILE CG2 HG22 sing N N 174 
ILE CG2 HG23 sing N N 175 
ILE CD1 HD11 sing N N 176 
ILE CD1 HD12 sing N N 177 
ILE CD1 HD13 sing N N 178 
ILE OXT HXT  sing N N 179 
LEU N   CA   sing N N 180 
LEU N   H    sing N N 181 
LEU N   H2   sing N N 182 
LEU CA  C    sing N N 183 
LEU CA  CB   sing N N 184 
LEU CA  HA   sing N N 185 
LEU C   O    doub N N 186 
LEU C   OXT  sing N N 187 
LEU CB  CG   sing N N 188 
LEU CB  HB2  sing N N 189 
LEU CB  HB3  sing N N 190 
LEU CG  CD1  sing N N 191 
LEU CG  CD2  sing N N 192 
LEU CG  HG   sing N N 193 
LEU CD1 HD11 sing N N 194 
LEU CD1 HD12 sing N N 195 
LEU CD1 HD13 sing N N 196 
LEU CD2 HD21 sing N N 197 
LEU CD2 HD22 sing N N 198 
LEU CD2 HD23 sing N N 199 
LEU OXT HXT  sing N N 200 
LYS N   CA   sing N N 201 
LYS N   H    sing N N 202 
LYS N   H2   sing N N 203 
LYS CA  C    sing N N 204 
LYS CA  CB   sing N N 205 
LYS CA  HA   sing N N 206 
LYS C   O    doub N N 207 
LYS C   OXT  sing N N 208 
LYS CB  CG   sing N N 209 
LYS CB  HB2  sing N N 210 
LYS CB  HB3  sing N N 211 
LYS CG  CD   sing N N 212 
LYS CG  HG2  sing N N 213 
LYS CG  HG3  sing N N 214 
LYS CD  CE   sing N N 215 
LYS CD  HD2  sing N N 216 
LYS CD  HD3  sing N N 217 
LYS CE  NZ   sing N N 218 
LYS CE  HE2  sing N N 219 
LYS CE  HE3  sing N N 220 
LYS NZ  HZ1  sing N N 221 
LYS NZ  HZ2  sing N N 222 
LYS NZ  HZ3  sing N N 223 
LYS OXT HXT  sing N N 224 
MET N   CA   sing N N 225 
MET N   H    sing N N 226 
MET N   H2   sing N N 227 
MET CA  C    sing N N 228 
MET CA  CB   sing N N 229 
MET CA  HA   sing N N 230 
MET C   O    doub N N 231 
MET C   OXT  sing N N 232 
MET CB  CG   sing N N 233 
MET CB  HB2  sing N N 234 
MET CB  HB3  sing N N 235 
MET CG  SD   sing N N 236 
MET CG  HG2  sing N N 237 
MET CG  HG3  sing N N 238 
MET SD  CE   sing N N 239 
MET CE  HE1  sing N N 240 
MET CE  HE2  sing N N 241 
MET CE  HE3  sing N N 242 
MET OXT HXT  sing N N 243 
MOH C   O    sing N N 244 
MOH C   H1   sing N N 245 
MOH C   H2   sing N N 246 
MOH C   H3   sing N N 247 
MOH O   HO   sing N N 248 
PHE N   CA   sing N N 249 
PHE N   H    sing N N 250 
PHE N   H2   sing N N 251 
PHE CA  C    sing N N 252 
PHE CA  CB   sing N N 253 
PHE CA  HA   sing N N 254 
PHE C   O    doub N N 255 
PHE C   OXT  sing N N 256 
PHE CB  CG   sing N N 257 
PHE CB  HB2  sing N N 258 
PHE CB  HB3  sing N N 259 
PHE CG  CD1  doub Y N 260 
PHE CG  CD2  sing Y N 261 
PHE CD1 CE1  sing Y N 262 
PHE CD1 HD1  sing N N 263 
PHE CD2 CE2  doub Y N 264 
PHE CD2 HD2  sing N N 265 
PHE CE1 CZ   doub Y N 266 
PHE CE1 HE1  sing N N 267 
PHE CE2 CZ   sing Y N 268 
PHE CE2 HE2  sing N N 269 
PHE CZ  HZ   sing N N 270 
PHE OXT HXT  sing N N 271 
PHQ C1  O1   doub N N 272 
PHQ C1  O2   sing N N 273 
PHQ C1  CL1  sing N N 274 
PHQ O2  C2   sing N N 275 
PHQ C2  C3   sing N N 276 
PHQ C2  H21  sing N N 277 
PHQ C2  H22  sing N N 278 
PHQ C3  C4   doub Y N 279 
PHQ C3  C8   sing Y N 280 
PHQ C4  C5   sing Y N 281 
PHQ C4  H41  sing N N 282 
PHQ C5  C6   doub Y N 283 
PHQ C5  H51  sing N N 284 
PHQ C6  C7   sing Y N 285 
PHQ C6  H61  sing N N 286 
PHQ C7  C8   doub Y N 287 
PHQ C7  H71  sing N N 288 
PHQ C8  H81  sing N N 289 
PRO N   CA   sing N N 290 
PRO N   CD   sing N N 291 
PRO N   H    sing N N 292 
PRO CA  C    sing N N 293 
PRO CA  CB   sing N N 294 
PRO CA  HA   sing N N 295 
PRO C   O    doub N N 296 
PRO C   OXT  sing N N 297 
PRO CB  CG   sing N N 298 
PRO CB  HB2  sing N N 299 
PRO CB  HB3  sing N N 300 
PRO CG  CD   sing N N 301 
PRO CG  HG2  sing N N 302 
PRO CG  HG3  sing N N 303 
PRO CD  HD2  sing N N 304 
PRO CD  HD3  sing N N 305 
PRO OXT HXT  sing N N 306 
SER N   CA   sing N N 307 
SER N   H    sing N N 308 
SER N   H2   sing N N 309 
SER CA  C    sing N N 310 
SER CA  CB   sing N N 311 
SER CA  HA   sing N N 312 
SER C   O    doub N N 313 
SER C   OXT  sing N N 314 
SER CB  OG   sing N N 315 
SER CB  HB2  sing N N 316 
SER CB  HB3  sing N N 317 
SER OG  HG   sing N N 318 
SER OXT HXT  sing N N 319 
SO4 S   O1   doub N N 320 
SO4 S   O2   doub N N 321 
SO4 S   O3   sing N N 322 
SO4 S   O4   sing N N 323 
THR N   CA   sing N N 324 
THR N   H    sing N N 325 
THR N   H2   sing N N 326 
THR CA  C    sing N N 327 
THR CA  CB   sing N N 328 
THR CA  HA   sing N N 329 
THR C   O    doub N N 330 
THR C   OXT  sing N N 331 
THR CB  OG1  sing N N 332 
THR CB  CG2  sing N N 333 
THR CB  HB   sing N N 334 
THR OG1 HG1  sing N N 335 
THR CG2 HG21 sing N N 336 
THR CG2 HG22 sing N N 337 
THR CG2 HG23 sing N N 338 
THR OXT HXT  sing N N 339 
TRP N   CA   sing N N 340 
TRP N   H    sing N N 341 
TRP N   H2   sing N N 342 
TRP CA  C    sing N N 343 
TRP CA  CB   sing N N 344 
TRP CA  HA   sing N N 345 
TRP C   O    doub N N 346 
TRP C   OXT  sing N N 347 
TRP CB  CG   sing N N 348 
TRP CB  HB2  sing N N 349 
TRP CB  HB3  sing N N 350 
TRP CG  CD1  doub Y N 351 
TRP CG  CD2  sing Y N 352 
TRP CD1 NE1  sing Y N 353 
TRP CD1 HD1  sing N N 354 
TRP CD2 CE2  doub Y N 355 
TRP CD2 CE3  sing Y N 356 
TRP NE1 CE2  sing Y N 357 
TRP NE1 HE1  sing N N 358 
TRP CE2 CZ2  sing Y N 359 
TRP CE3 CZ3  doub Y N 360 
TRP CE3 HE3  sing N N 361 
TRP CZ2 CH2  doub Y N 362 
TRP CZ2 HZ2  sing N N 363 
TRP CZ3 CH2  sing Y N 364 
TRP CZ3 HZ3  sing N N 365 
TRP CH2 HH2  sing N N 366 
TRP OXT HXT  sing N N 367 
TYR N   CA   sing N N 368 
TYR N   H    sing N N 369 
TYR N   H2   sing N N 370 
TYR CA  C    sing N N 371 
TYR CA  CB   sing N N 372 
TYR CA  HA   sing N N 373 
TYR C   O    doub N N 374 
TYR C   OXT  sing N N 375 
TYR CB  CG   sing N N 376 
TYR CB  HB2  sing N N 377 
TYR CB  HB3  sing N N 378 
TYR CG  CD1  doub Y N 379 
TYR CG  CD2  sing Y N 380 
TYR CD1 CE1  sing Y N 381 
TYR CD1 HD1  sing N N 382 
TYR CD2 CE2  doub Y N 383 
TYR CD2 HD2  sing N N 384 
TYR CE1 CZ   doub Y N 385 
TYR CE1 HE1  sing N N 386 
TYR CE2 CZ   sing Y N 387 
TYR CE2 HE2  sing N N 388 
TYR CZ  OH   sing N N 389 
TYR OH  HH   sing N N 390 
TYR OXT HXT  sing N N 391 
VAL N   CA   sing N N 392 
VAL N   H    sing N N 393 
VAL N   H2   sing N N 394 
VAL CA  C    sing N N 395 
VAL CA  CB   sing N N 396 
VAL CA  HA   sing N N 397 
VAL C   O    doub N N 398 
VAL C   OXT  sing N N 399 
VAL CB  CG1  sing N N 400 
VAL CB  CG2  sing N N 401 
VAL CB  HB   sing N N 402 
VAL CG1 HG11 sing N N 403 
VAL CG1 HG12 sing N N 404 
VAL CG1 HG13 sing N N 405 
VAL CG2 HG21 sing N N 406 
VAL CG2 HG22 sing N N 407 
VAL CG2 HG23 sing N N 408 
VAL OXT HXT  sing N N 409 
# 
_pdbx_initial_refinement_model.id               1 
_pdbx_initial_refinement_model.entity_id_list   ? 
_pdbx_initial_refinement_model.type             'experimental model' 
_pdbx_initial_refinement_model.source_name      PDB 
_pdbx_initial_refinement_model.accession_code   1SKG 
_pdbx_initial_refinement_model.details          'PDB entry 1skg' 
# 
_atom_sites.entry_id                    1TG1 
_atom_sites.fract_transf_matrix[1][1]   -0.01712740 
_atom_sites.fract_transf_matrix[1][2]   -0.00639139 
_atom_sites.fract_transf_matrix[1][3]   -0.00535414 
_atom_sites.fract_transf_matrix[2][1]   -0.00640847 
_atom_sites.fract_transf_matrix[2][2]   0.00226613 
_atom_sites.fract_transf_matrix[2][3]   0.01779496 
_atom_sites.fract_transf_matrix[3][1]   -0.00584188 
_atom_sites.fract_transf_matrix[3][2]   0.01949720 
_atom_sites.fract_transf_matrix[3][3]   -0.00458674 
_atom_sites.fract_transf_vector[1]      0.159354 
_atom_sites.fract_transf_vector[2]      0.472261 
_atom_sites.fract_transf_vector[3]      -0.007563 
# 
loop_
_atom_type.symbol 
C 
N 
O 
S 
# 
loop_
_atom_site.group_PDB 
_atom_site.id 
_atom_site.type_symbol 
_atom_site.label_atom_id 
_atom_site.label_alt_id 
_atom_site.label_comp_id 
_atom_site.label_asym_id 
_atom_site.label_entity_id 
_atom_site.label_seq_id 
_atom_site.pdbx_PDB_ins_code 
_atom_site.Cartn_x 
_atom_site.Cartn_y 
_atom_site.Cartn_z 
_atom_site.occupancy 
_atom_site.B_iso_or_equiv 
_atom_site.pdbx_formal_charge 
_atom_site.auth_seq_id 
_atom_site.auth_comp_id 
_atom_site.auth_asym_id 
_atom_site.auth_atom_id 
_atom_site.pdbx_PDB_model_num 
ATOM   1    N N   . SER A 1 1   ? -0.415  -5.732  -9.539  1.00 9.22  ? 1   SER A N   1 
ATOM   2    C CA  . SER A 1 1   ? 0.626   -6.629  -8.956  1.00 9.80  ? 1   SER A CA  1 
ATOM   3    C C   . SER A 1 1   ? 1.520   -5.835  -8.009  1.00 9.82  ? 1   SER A C   1 
ATOM   4    O O   . SER A 1 1   ? 1.588   -4.613  -8.104  1.00 9.44  ? 1   SER A O   1 
ATOM   5    C CB  . SER A 1 1   ? 1.473   -7.231  -10.071 1.00 9.94  ? 1   SER A CB  1 
ATOM   6    O OG  . SER A 1 1   ? 2.264   -6.212  -10.658 1.00 11.31 ? 1   SER A OG  1 
ATOM   7    N N   . LEU A 1 2   ? 2.086   -6.497  -7.013  1.00 10.77 ? 2   LEU A N   1 
ATOM   8    C CA  . LEU A 1 2   ? 3.088   -5.903  -6.140  1.00 11.43 ? 2   LEU A CA  1 
ATOM   9    C C   . LEU A 1 2   ? 4.151   -5.065  -6.855  1.00 11.60 ? 2   LEU A C   1 
ATOM   10   O O   . LEU A 1 2   ? 4.491   -3.979  -6.388  1.00 11.06 ? 2   LEU A O   1 
ATOM   11   C CB  . LEU A 1 2   ? 3.747   -6.993  -5.298  1.00 12.01 ? 2   LEU A CB  1 
ATOM   12   C CG  . LEU A 1 2   ? 4.630   -6.494  -4.155  1.00 13.73 ? 2   LEU A CG  1 
ATOM   13   C CD1 . LEU A 1 2   ? 3.913   -5.494  -3.257  1.00 14.32 ? 2   LEU A CD1 1 
ATOM   14   C CD2 . LEU A 1 2   ? 5.103   -7.677  -3.354  1.00 15.20 ? 2   LEU A CD2 1 
ATOM   15   N N   . LEU A 1 3   ? 4.678   -5.550  -7.973  1.00 11.53 ? 3   LEU A N   1 
ATOM   16   C CA  . LEU A 1 3   ? 5.692   -4.791  -8.706  1.00 12.41 ? 3   LEU A CA  1 
ATOM   17   C C   . LEU A 1 3   ? 5.128   -3.506  -9.276  1.00 11.90 ? 3   LEU A C   1 
ATOM   18   O O   . LEU A 1 3   ? 5.794   -2.465  -9.244  1.00 11.82 ? 3   LEU A O   1 
ATOM   19   C CB  . LEU A 1 3   ? 6.285   -5.612  -9.837  1.00 13.29 ? 3   LEU A CB  1 
ATOM   20   C CG  . LEU A 1 3   ? 7.458   -6.495  -9.449  1.00 17.06 ? 3   LEU A CG  1 
ATOM   21   C CD1 . LEU A 1 3   ? 7.915   -7.174  -10.711 1.00 19.02 ? 3   LEU A CD1 1 
ATOM   22   C CD2 . LEU A 1 3   ? 8.599   -5.703  -8.829  1.00 18.31 ? 3   LEU A CD2 1 
ATOM   23   N N   . GLU A 1 4   ? 3.909   -3.564  -9.813  1.00 11.10 ? 4   GLU A N   1 
ATOM   24   C CA  . GLU A 1 4   ? 3.263   -2.373  -10.361 1.00 10.77 ? 4   GLU A CA  1 
ATOM   25   C C   . GLU A 1 4   ? 2.985   -1.389  -9.237  1.00 10.05 ? 4   GLU A C   1 
ATOM   26   O O   . GLU A 1 4   ? 3.175   -0.193  -9.395  1.00 10.23 ? 4   GLU A O   1 
ATOM   27   C CB  . GLU A 1 4   ? 1.946   -2.717  -11.061 1.00 11.10 ? 4   GLU A CB  1 
ATOM   28   C CG  . GLU A 1 4   ? 2.131   -3.367  -12.413 1.00 12.33 ? 4   GLU A CG  1 
ATOM   29   C CD  . GLU A 1 4   ? 0.895   -4.107  -12.885 1.00 11.47 ? 4   GLU A CD  1 
ATOM   30   O OE1 . GLU A 1 4   ? -0.117  -4.160  -12.137 1.00 10.94 ? 4   GLU A OE1 1 
ATOM   31   O OE2 . GLU A 1 4   ? 0.928   -4.617  -14.027 1.00 13.65 ? 4   GLU A OE2 1 
ATOM   32   N N   . PHE A 1 5   ? 2.518   -1.891  -8.103  1.00 8.88  ? 5   PHE A N   1 
ATOM   33   C CA  . PHE A 1 5   ? 2.254   -1.049  -6.942  1.00 9.02  ? 5   PHE A CA  1 
ATOM   34   C C   . PHE A 1 5   ? 3.563   -0.349  -6.561  1.00 8.98  ? 5   PHE A C   1 
ATOM   35   O O   . PHE A 1 5   ? 3.577   0.842   -6.292  1.00 8.75  ? 5   PHE A O   1 
ATOM   36   C CB  . PHE A 1 5   ? 1.721   -1.914  -5.788  1.00 9.00  ? 5   PHE A CB  1 
ATOM   37   C CG  . PHE A 1 5   ? 1.344   -1.158  -4.537  1.00 9.10  ? 5   PHE A CG  1 
ATOM   38   C CD1 . PHE A 1 5   ? 0.736   0.090   -4.588  1.00 8.90  ? 5   PHE A CD1 1 
ATOM   39   C CD2 . PHE A 1 5   ? 1.553   -1.744  -3.300  1.00 9.80  ? 5   PHE A CD2 1 
ATOM   40   C CE1 . PHE A 1 5   ? 0.379   0.741   -3.418  1.00 9.46  ? 5   PHE A CE1 1 
ATOM   41   C CE2 . PHE A 1 5   ? 1.200   -1.095  -2.133  1.00 10.23 ? 5   PHE A CE2 1 
ATOM   42   C CZ  . PHE A 1 5   ? 0.595   0.149   -2.192  1.00 9.93  ? 5   PHE A CZ  1 
ATOM   43   N N   . GLY A 1 6   ? 4.671   -1.082  -6.549  1.00 9.12  ? 6   GLY A N   1 
ATOM   44   C CA  . GLY A 1 6   ? 5.957   -0.503  -6.197  1.00 9.51  ? 6   GLY A CA  1 
ATOM   45   C C   . GLY A 1 6   ? 6.370   0.610   -7.142  1.00 10.10 ? 6   GLY A C   1 
ATOM   46   O O   . GLY A 1 6   ? 6.904   1.636   -6.709  1.00 10.23 ? 6   GLY A O   1 
ATOM   47   N N   . LYS A 1 7   ? 6.154   0.431   -8.437  1.00 10.15 ? 7   LYS A N   1 
ATOM   48   C CA  . LYS A 1 7   ? 6.471   1.469   -9.423  1.00 11.10 ? 7   LYS A CA  1 
ATOM   49   C C   . LYS A 1 7   ? 5.558   2.687   -9.196  1.00 10.67 ? 7   LYS A C   1 
ATOM   50   O O   . LYS A 1 7   ? 6.001   3.836   -9.268  1.00 10.91 ? 7   LYS A O   1 
ATOM   51   C CB  . LYS A 1 7   ? 6.319   0.904   -10.840 1.00 11.60 ? 7   LYS A CB  1 
ATOM   52   C CG  . LYS A 1 7   ? 6.345   1.941   -11.949 1.00 14.36 ? 7   LYS A CG  1 
ATOM   53   C CD  . LYS A 1 7   ? 6.303   1.285   -13.331 1.00 17.28 ? 7   LYS A CD  1 
ATOM   54   C CE  . LYS A 1 7   ? 5.945   2.279   -14.440 1.00 20.24 ? 7   LYS A CE  1 
ATOM   55   N NZ  . LYS A 1 7   ? 4.485   2.381   -14.721 1.00 23.14 ? 7   LYS A NZ  1 
ATOM   56   N N   . MET A 1 8   ? 4.289   2.443   -8.896  1.00 10.30 ? 8   MET A N   1 
ATOM   57   C CA  . MET A 1 8   ? 3.347   3.517   -8.603  1.00 9.70  ? 8   MET A CA  1 
ATOM   58   C C   . MET A 1 8   ? 3.787   4.329   -7.372  1.00 9.45  ? 8   MET A C   1 
ATOM   59   O O   . MET A 1 8   ? 3.719   5.566   -7.369  1.00 9.22  ? 8   MET A O   1 
ATOM   60   C CB  . MET A 1 8   ? 1.961   2.928   -8.364  1.00 9.95  ? 8   MET A CB  1 
ATOM   61   C CG  . MET A 1 8   ? 0.860   3.955   -8.296  1.00 9.90  ? 8   MET A CG  1 
ATOM   62   S SD  . MET A 1 8   ? -0.753  3.251   -7.884  1.00 9.98  ? 8   MET A SD  1 
ATOM   63   C CE  . MET A 1 8   ? -1.250  2.483   -9.437  1.00 10.65 ? 8   MET A CE  1 
ATOM   64   N N   . ILE A 1 9   ? 4.223   3.628   -6.331  1.00 9.11  ? 9   ILE A N   1 
ATOM   65   C CA  . ILE A 1 9   ? 4.728   4.265   -5.119  1.00 9.18  ? 9   ILE A CA  1 
ATOM   66   C C   . ILE A 1 9   ? 5.936   5.153   -5.422  1.00 9.37  ? 9   ILE A C   1 
ATOM   67   O O   . ILE A 1 9   ? 6.009   6.302   -4.952  1.00 9.41  ? 9   ILE A O   1 
ATOM   68   C CB  . ILE A 1 9   ? 5.094   3.194   -4.076  1.00 9.33  ? 9   ILE A CB  1 
ATOM   69   C CG1 . ILE A 1 9   ? 3.825   2.532   -3.539  1.00 8.93  ? 9   ILE A CG1 1 
ATOM   70   C CG2 . ILE A 1 9   ? 5.906   3.813   -2.939  1.00 9.73  ? 9   ILE A CG2 1 
ATOM   71   C CD1 . ILE A 1 9   ? 4.087   1.268   -2.765  1.00 8.70  ? 9   ILE A CD1 1 
ATOM   72   N N   . LEU A 1 10  ? 6.885   4.632   -6.190  1.00 9.52  ? 10  LEU A N   1 
ATOM   73   C CA  . LEU A 1 10  ? 8.080   5.392   -6.551  1.00 10.46 ? 10  LEU A CA  1 
ATOM   74   C C   . LEU A 1 10  ? 7.688   6.631   -7.363  1.00 10.84 ? 10  LEU A C   1 
ATOM   75   O O   . LEU A 1 10  ? 8.176   7.736   -7.098  1.00 10.58 ? 10  LEU A O   1 
ATOM   76   C CB  . LEU A 1 10  ? 9.066   4.503   -7.313  1.00 10.81 ? 10  LEU A CB  1 
ATOM   77   C CG  . LEU A 1 10  ? 10.293  5.248   -7.866  1.00 12.51 ? 10  LEU A CG  1 
ATOM   78   C CD1 . LEU A 1 10  ? 11.120  5.875   -6.749  1.00 13.65 ? 10  LEU A CD1 1 
ATOM   79   C CD2 . LEU A 1 10  ? 11.148  4.319   -8.725  1.00 14.06 ? 10  LEU A CD2 1 
ATOM   80   N N   . GLU A 1 11  ? 6.804   6.468   -8.341  1.00 11.64 ? 11  GLU A N   1 
ATOM   81   C CA  . GLU A 1 11  ? 6.333   7.592   -9.157  1.00 12.24 ? 11  GLU A CA  1 
ATOM   82   C C   . GLU A 1 11  ? 5.728   8.677   -8.312  1.00 11.45 ? 11  GLU A C   1 
ATOM   83   O O   . GLU A 1 11  ? 5.900   9.866   -8.563  1.00 11.11 ? 11  GLU A O   1 
ATOM   84   C CB  . GLU A 1 11  ? 5.205   7.154   -10.090 1.00 13.20 ? 11  GLU A CB  1 
ATOM   85   C CG  . GLU A 1 11  ? 5.638   6.457   -11.344 1.00 15.71 ? 11  GLU A CG  1 
ATOM   86   C CD  . GLU A 1 11  ? 4.479   5.862   -12.131 1.00 17.77 ? 11  GLU A CD  1 
ATOM   87   O OE1 . GLU A 1 11  ? 3.312   5.824   -11.643 1.00 16.80 ? 11  GLU A OE1 1 
ATOM   88   O OE2 . GLU A 1 11  ? 4.749   5.423   -13.258 1.00 21.21 ? 11  GLU A OE2 1 
ATOM   89   N N   . GLU A 1 12  ? 4.944   8.254   -7.337  1.00 10.92 ? 12  GLU A N   1 
ATOM   90   C CA  . GLU A 1 12  ? 4.200   9.182   -6.532  1.00 11.24 ? 12  GLU A CA  1 
ATOM   91   C C   . GLU A 1 12  ? 5.080   9.911   -5.531  1.00 10.89 ? 12  GLU A C   1 
ATOM   92   O O   . GLU A 1 12  ? 4.997   11.135  -5.416  1.00 10.90 ? 12  GLU A O   1 
ATOM   93   C CB  . GLU A 1 12  ? 3.080   8.436   -5.817  1.00 11.83 ? 12  GLU A CB  1 
ATOM   94   C CG  . GLU A 1 12  ? 1.964   9.331   -5.340  1.00 13.18 ? 12  GLU A CG  1 
ATOM   95   C CD  . GLU A 1 12  ? 1.042   9.844   -6.428  1.00 13.78 ? 12  GLU A CD  1 
ATOM   96   O OE1 . GLU A 1 12  ? 0.176   10.659  -6.054  1.00 20.37 ? 12  GLU A OE1 1 
ATOM   97   O OE2 . GLU A 1 12  ? 1.108   9.467   -7.614  1.00 15.82 ? 12  GLU A OE2 1 
ATOM   98   N N   . THR A 1 13  ? 5.941   9.170   -4.838  1.00 10.55 ? 13  THR A N   1 
ATOM   99   C CA  . THR A 1 13  ? 6.689   9.709   -3.705  1.00 11.13 ? 13  THR A CA  1 
ATOM   100  C C   . THR A 1 13  ? 8.172   9.965   -3.914  1.00 11.60 ? 13  THR A C   1 
ATOM   101  O O   . THR A 1 13  ? 8.762   10.708  -3.143  1.00 12.54 ? 13  THR A O   1 
ATOM   102  C CB  . THR A 1 13  ? 6.593   8.751   -2.505  1.00 11.15 ? 13  THR A CB  1 
ATOM   103  O OG1 . THR A 1 13  ? 7.326   7.547   -2.797  1.00 10.60 ? 13  THR A OG1 1 
ATOM   104  C CG2 . THR A 1 13  ? 5.159   8.309   -2.219  1.00 12.25 ? 13  THR A CG2 1 
ATOM   105  N N   . GLY A 1 14  ? 8.786   9.344   -4.915  1.00 11.86 ? 14  GLY A N   1 
ATOM   106  C CA  . GLY A 1 14  ? 10.222  9.466   -5.112  1.00 12.05 ? 14  GLY A CA  1 
ATOM   107  C C   . GLY A 1 14  ? 10.981  8.538   -4.183  1.00 12.85 ? 14  GLY A C   1 
ATOM   108  O O   . GLY A 1 14  ? 12.215  8.439   -4.223  1.00 14.19 ? 14  GLY A O   1 
ATOM   109  N N   . LYS A 1 15  ? 10.258  7.717   -3.252  1.00 12.23 ? 16  LYS A N   1 
ATOM   110  C CA  . LYS A 1 15  ? 10.882  6.665   -2.460  1.00 12.11 ? 16  LYS A CA  1 
ATOM   111  C C   . LYS A 1 15  ? 10.682  5.308   -3.113  1.00 12.06 ? 16  LYS A C   1 
ATOM   112  O O   . LYS A 1 15  ? 9.633   5.033   -3.690  1.00 12.85 ? 16  LYS A O   1 
ATOM   113  C CB  . LYS A 1 15  ? 10.284  6.640   -1.057  1.00 11.58 ? 16  LYS A CB  1 
ATOM   114  C CG  . LYS A 1 15  ? 10.563  7.869   -0.225  1.00 12.55 ? 16  LYS A CG  1 
ATOM   115  C CD  . LYS A 1 15  ? 9.898   7.739   1.125   1.00 13.49 ? 16  LYS A CD  1 
ATOM   116  C CE  . LYS A 1 15  ? 10.254  8.866   2.068   1.00 14.61 ? 16  LYS A CE  1 
ATOM   117  N NZ  . LYS A 1 15  ? 11.659  8.748   2.550   1.00 16.62 ? 16  LYS A NZ  1 
ATOM   118  N N   . LEU A 1 16  ? 11.699  4.465   -3.025  1.00 12.18 ? 17  LEU A N   1 
ATOM   119  C CA  . LEU A 1 16  ? 11.615  3.100   -3.503  1.00 12.40 ? 17  LEU A CA  1 
ATOM   120  C C   . LEU A 1 16  ? 10.721  2.311   -2.553  1.00 11.87 ? 17  LEU A C   1 
ATOM   121  O O   . LEU A 1 16  ? 10.897  2.370   -1.337  1.00 11.97 ? 17  LEU A O   1 
ATOM   122  C CB  . LEU A 1 16  ? 13.003  2.473   -3.510  1.00 13.07 ? 17  LEU A CB  1 
ATOM   123  C CG  . LEU A 1 16  ? 13.975  3.049   -4.529  1.00 14.33 ? 17  LEU A CG  1 
ATOM   124  C CD1 . LEU A 1 16  ? 15.391  2.600   -4.201  1.00 15.92 ? 17  LEU A CD1 1 
ATOM   125  C CD2 . LEU A 1 16  ? 13.577  2.609   -5.925  1.00 15.84 ? 17  LEU A CD2 1 
ATOM   126  N N   . ALA A 1 17  ? 9.774   1.555   -3.104  1.00 11.61 ? 18  ALA A N   1 
ATOM   127  C CA  . ALA A 1 17  ? 8.856   0.770   -2.285  1.00 11.95 ? 18  ALA A CA  1 
ATOM   128  C C   . ALA A 1 17  ? 9.641   -0.138  -1.339  1.00 12.04 ? 18  ALA A C   1 
ATOM   129  O O   . ALA A 1 17  ? 9.325   -0.223  -0.161  1.00 11.95 ? 18  ALA A O   1 
ATOM   130  C CB  . ALA A 1 17  ? 7.905   -0.025  -3.159  1.00 12.13 ? 18  ALA A CB  1 
ATOM   131  N N   . ILE A 1 18  ? 10.637  -0.842  -1.884  1.00 12.26 ? 19  ILE A N   1 
ATOM   132  C CA  . ILE A 1 18  ? 11.621  -1.575  -1.089  1.00 13.37 ? 19  ILE A CA  1 
ATOM   133  C C   . ILE A 1 18  ? 12.855  -0.655  -1.115  1.00 13.71 ? 19  ILE A C   1 
ATOM   134  O O   . ILE A 1 18  ? 13.437  -0.455  -2.180  1.00 14.24 ? 19  ILE A O   1 
ATOM   135  C CB  . ILE A 1 18  ? 12.013  -2.921  -1.736  1.00 13.21 ? 19  ILE A CB  1 
ATOM   136  C CG1 . ILE A 1 18  ? 10.803  -3.806  -1.993  1.00 14.90 ? 19  ILE A CG1 1 
ATOM   137  C CG2 . ILE A 1 18  ? 13.028  -3.663  -0.859  1.00 13.38 ? 19  ILE A CG2 1 
ATOM   138  C CD1 . ILE A 1 18  ? 11.114  -4.943  -2.956  1.00 15.92 ? 19  ILE A CD1 1 
ATOM   139  N N   . PRO A 1 19  ? 13.332  -0.135  0.010   1.00 13.66 ? 20  PRO A N   1 
ATOM   140  C CA  . PRO A 1 19  ? 12.905  -0.440  1.373   1.00 13.24 ? 20  PRO A CA  1 
ATOM   141  C C   . PRO A 1 19  ? 12.032  0.560   2.109   1.00 12.62 ? 20  PRO A C   1 
ATOM   142  O O   . PRO A 1 19  ? 11.805  0.339   3.296   1.00 13.36 ? 20  PRO A O   1 
ATOM   143  C CB  . PRO A 1 19  ? 14.250  -0.414  2.092   1.00 13.63 ? 20  PRO A CB  1 
ATOM   144  C CG  . PRO A 1 19  ? 14.907  0.822   1.464   1.00 14.14 ? 20  PRO A CG  1 
ATOM   145  C CD  . PRO A 1 19  ? 14.474  0.797   0.012   1.00 13.76 ? 20  PRO A CD  1 
ATOM   146  N N   . SER A 1 20  ? 11.560  1.618   1.469   1.00 11.51 ? 21  SER A N   1 
ATOM   147  C CA  . SER A 1 20  ? 10.853  2.655   2.226   1.00 11.47 ? 21  SER A CA  1 
ATOM   148  C C   . SER A 1 20  ? 9.488   2.249   2.768   1.00 11.25 ? 21  SER A C   1 
ATOM   149  O O   . SER A 1 20  ? 9.069   2.766   3.801   1.00 11.47 ? 21  SER A O   1 
ATOM   150  C CB  . SER A 1 20  ? 10.723  3.936   1.406   1.00 11.40 ? 21  SER A CB  1 
ATOM   151  O OG  . SER A 1 20  ? 12.003  4.498   1.152   1.00 12.63 ? 21  SER A OG  1 
ATOM   152  N N   . TYR A 1 21  ? 8.800   1.342   2.089   1.00 11.17 ? 22  TYR A N   1 
ATOM   153  C CA  . TYR A 1 21  ? 7.441   0.996   2.490   1.00 11.93 ? 22  TYR A CA  1 
ATOM   154  C C   . TYR A 1 21  ? 7.255   -0.518  2.762   1.00 13.07 ? 22  TYR A C   1 
ATOM   155  O O   . TYR A 1 21  ? 6.162   -0.973  3.094   1.00 15.01 ? 22  TYR A O   1 
ATOM   156  C CB  . TYR A 1 21  ? 6.463   1.517   1.415   1.00 11.46 ? 22  TYR A CB  1 
ATOM   157  C CG  . TYR A 1 21  ? 6.389   3.040   1.343   1.00 10.84 ? 22  TYR A CG  1 
ATOM   158  C CD1 . TYR A 1 21  ? 5.640   3.756   2.265   1.00 10.98 ? 22  TYR A CD1 1 
ATOM   159  C CD2 . TYR A 1 21  ? 7.055   3.753   0.361   1.00 11.21 ? 22  TYR A CD2 1 
ATOM   160  C CE1 . TYR A 1 21  ? 5.557   5.137   2.211   1.00 10.98 ? 22  TYR A CE1 1 
ATOM   161  C CE2 . TYR A 1 21  ? 6.959   5.136   0.295   1.00 10.60 ? 22  TYR A CE2 1 
ATOM   162  C CZ  . TYR A 1 21  ? 6.213   5.823   1.229   1.00 10.01 ? 22  TYR A CZ  1 
ATOM   163  O OH  . TYR A 1 21  ? 6.126   7.199   1.196   1.00 10.95 ? 22  TYR A OH  1 
ATOM   164  N N   . SER A 1 22  ? 8.328   -1.298  2.687   1.00 13.28 ? 23  SER A N   1 
ATOM   165  C CA  . SER A 1 22  ? 8.170   -2.755  2.568   1.00 13.71 ? 23  SER A CA  1 
ATOM   166  C C   . SER A 1 22  ? 8.183   -3.397  3.929   1.00 13.88 ? 23  SER A C   1 
ATOM   167  O O   . SER A 1 22  ? 7.836   -4.564  4.084   1.00 13.80 ? 23  SER A O   1 
ATOM   168  C CB  . SER A 1 22  ? 9.272   -3.377  1.690   1.00 14.07 ? 23  SER A CB  1 
ATOM   169  O OG  . SER A 1 22  ? 10.546  -2.891  2.038   1.00 15.80 ? 23  SER A OG  1 
ATOM   170  N N   . SER A 1 23  ? 8.600   -2.618  4.915   1.00 13.67 ? 24  SER A N   1 
ATOM   171  C CA  . SER A 1 23  ? 8.734   -3.096  6.281   1.00 14.21 ? 24  SER A CA  1 
ATOM   172  C C   . SER A 1 23  ? 8.458   -1.984  7.298   1.00 13.95 ? 24  SER A C   1 
ATOM   173  O O   . SER A 1 23  ? 8.979   -2.003  8.411   1.00 15.98 ? 24  SER A O   1 
ATOM   174  C CB  . SER A 1 23  ? 10.150  -3.628  6.483   1.00 14.42 ? 24  SER A CB  1 
ATOM   175  O OG  . SER A 1 23  ? 11.075  -2.557  6.480   1.00 17.73 ? 24  SER A OG  1 
ATOM   176  N N   . TYR A 1 24  ? 7.590   -1.057  6.930   1.00 12.84 ? 25  TYR A N   1 
ATOM   177  C CA  . TYR A 1 24  ? 7.344   0.146   7.713   1.00 11.88 ? 25  TYR A CA  1 
ATOM   178  C C   . TYR A 1 24  ? 6.197   -0.039  8.693   1.00 11.52 ? 25  TYR A C   1 
ATOM   179  O O   . TYR A 1 24  ? 5.108   -0.469  8.318   1.00 10.95 ? 25  TYR A O   1 
ATOM   180  C CB  . TYR A 1 24  ? 7.046   1.299   6.743   1.00 11.59 ? 25  TYR A CB  1 
ATOM   181  C CG  . TYR A 1 24  ? 6.924   2.687   7.342   1.00 11.06 ? 25  TYR A CG  1 
ATOM   182  C CD1 . TYR A 1 24  ? 5.754   3.099   7.949   1.00 10.60 ? 25  TYR A CD1 1 
ATOM   183  C CD2 . TYR A 1 24  ? 7.955   3.607   7.228   1.00 11.02 ? 25  TYR A CD2 1 
ATOM   184  C CE1 . TYR A 1 24  ? 5.634   4.372   8.471   1.00 9.49  ? 25  TYR A CE1 1 
ATOM   185  C CE2 . TYR A 1 24  ? 7.837   4.891   7.732   1.00 10.30 ? 25  TYR A CE2 1 
ATOM   186  C CZ  . TYR A 1 24  ? 6.673   5.259   8.350   1.00 9.76  ? 25  TYR A CZ  1 
ATOM   187  O OH  . TYR A 1 24  ? 6.562   6.545   8.845   1.00 10.53 ? 25  TYR A OH  1 
ATOM   188  N N   . GLY A 1 25  ? 6.444   0.271   9.959   1.00 10.90 ? 26  GLY A N   1 
ATOM   189  C CA  . GLY A 1 25  ? 5.413   0.205   10.965  1.00 10.91 ? 26  GLY A CA  1 
ATOM   190  C C   . GLY A 1 25  ? 4.829   -1.181  11.121  1.00 10.88 ? 26  GLY A C   1 
ATOM   191  O O   . GLY A 1 25  ? 5.507   -2.191  10.915  1.00 11.54 ? 26  GLY A O   1 
ATOM   192  N N   . CYS A 1 26  ? 3.553   -1.221  11.478  1.00 10.71 ? 27  CYS A N   1 
ATOM   193  C CA  . CYS A 1 26  ? 2.858   -2.459  11.758  1.00 11.21 ? 27  CYS A CA  1 
ATOM   194  C C   . CYS A 1 26  ? 2.138   -3.046  10.558  1.00 11.46 ? 27  CYS A C   1 
ATOM   195  O O   . CYS A 1 26  ? 1.830   -4.230  10.567  1.00 12.44 ? 27  CYS A O   1 
ATOM   196  C CB  . CYS A 1 26  ? 1.857   -2.237  12.899  1.00 10.97 ? 27  CYS A CB  1 
ATOM   197  S SG  . CYS A 1 26  ? 2.647   -1.904  14.495  1.00 12.27 ? 27  CYS A SG  1 
ATOM   198  N N   . TYR A 1 27  ? 1.882   -2.245  9.524   1.00 11.85 ? 28  TYR A N   1 
ATOM   199  C CA  . TYR A 1 27  ? 1.081   -2.708  8.393   1.00 12.42 ? 28  TYR A CA  1 
ATOM   200  C C   . TYR A 1 27  ? 1.722   -2.681  7.022   1.00 13.14 ? 28  TYR A C   1 
ATOM   201  O O   . TYR A 1 27  ? 1.151   -3.234  6.075   1.00 14.33 ? 28  TYR A O   1 
ATOM   202  C CB  . TYR A 1 27  ? -0.216  -1.907  8.353   1.00 12.34 ? 28  TYR A CB  1 
ATOM   203  C CG  . TYR A 1 27  ? -1.057  -2.306  9.528   1.00 11.44 ? 28  TYR A CG  1 
ATOM   204  C CD1 . TYR A 1 27  ? -0.963  -1.629  10.738  1.00 10.86 ? 28  TYR A CD1 1 
ATOM   205  C CD2 . TYR A 1 27  ? -1.859  -3.429  9.465   1.00 12.60 ? 28  TYR A CD2 1 
ATOM   206  C CE1 . TYR A 1 27  ? -1.689  -2.034  11.833  1.00 12.08 ? 28  TYR A CE1 1 
ATOM   207  C CE2 . TYR A 1 27  ? -2.587  -3.844  10.549  1.00 12.37 ? 28  TYR A CE2 1 
ATOM   208  C CZ  . TYR A 1 27  ? -2.511  -3.142  11.732  1.00 12.25 ? 28  TYR A CZ  1 
ATOM   209  O OH  . TYR A 1 27  ? -3.262  -3.605  12.804  1.00 13.80 ? 28  TYR A OH  1 
ATOM   210  N N   . CYS A 1 28  ? 2.900   -2.095  6.896   1.00 14.46 ? 29  CYS A N   1 
ATOM   211  C CA  . CYS A 1 28  ? 3.395   -1.810  5.556   1.00 15.23 ? 29  CYS A CA  1 
ATOM   212  C C   . CYS A 1 28  ? 4.265   -2.958  5.145   1.00 17.51 ? 29  CYS A C   1 
ATOM   213  O O   . CYS A 1 28  ? 5.291   -3.222  5.786   1.00 18.44 ? 29  CYS A O   1 
ATOM   214  C CB  . CYS A 1 28  ? 4.190   -0.505  5.464   1.00 15.04 ? 29  CYS A CB  1 
ATOM   215  S SG  . CYS A 1 28  ? 3.224   1.021   5.603   1.00 11.79 ? 29  CYS A SG  1 
ATOM   216  N N   . GLY A 1 29  ? 3.842   -3.646  4.095   1.00 19.48 ? 30  GLY A N   1 
ATOM   217  C CA  . GLY A 1 29  ? 4.603   -4.727  3.509   1.00 21.48 ? 30  GLY A CA  1 
ATOM   218  C C   . GLY A 1 29  ? 4.405   -6.037  4.222   1.00 23.21 ? 30  GLY A C   1 
ATOM   219  O O   . GLY A 1 29  ? 4.808   -7.080  3.702   1.00 23.85 ? 30  GLY A O   1 
ATOM   220  N N   . TRP A 1 30  ? 3.786   -5.992  5.401   1.00 25.11 ? 31  TRP A N   1 
ATOM   221  C CA  . TRP A 1 30  ? 3.633   -7.179  6.229   1.00 26.54 ? 31  TRP A CA  1 
ATOM   222  C C   . TRP A 1 30  ? 2.606   -7.023  7.393   1.00 26.69 ? 31  TRP A C   1 
ATOM   223  O O   . TRP A 1 30  ? 2.852   -7.521  8.489   1.00 27.50 ? 31  TRP A O   1 
ATOM   224  C CB  . TRP A 1 30  ? 5.029   -7.651  6.689   1.00 27.16 ? 31  TRP A CB  1 
ATOM   225  C CG  . TRP A 1 30  ? 5.163   -9.090  7.133   1.00 29.76 ? 31  TRP A CG  1 
ATOM   226  C CD1 . TRP A 1 30  ? 5.238   -9.535  8.417   1.00 31.76 ? 31  TRP A CD1 1 
ATOM   227  C CD2 . TRP A 1 30  ? 5.303   -10.258 6.301   1.00 32.68 ? 31  TRP A CD2 1 
ATOM   228  N NE1 . TRP A 1 30  ? 5.388   -10.901 8.441   1.00 32.66 ? 31  TRP A NE1 1 
ATOM   229  C CE2 . TRP A 1 30  ? 5.429   -11.371 7.157   1.00 33.23 ? 31  TRP A CE2 1 
ATOM   230  C CE3 . TRP A 1 30  ? 5.318   -10.481 4.919   1.00 34.16 ? 31  TRP A CE3 1 
ATOM   231  C CZ2 . TRP A 1 30  ? 5.571   -12.674 6.681   1.00 34.33 ? 31  TRP A CZ2 1 
ATOM   232  C CZ3 . TRP A 1 30  ? 5.453   -11.776 4.448   1.00 34.98 ? 31  TRP A CZ3 1 
ATOM   233  C CH2 . TRP A 1 30  ? 5.581   -12.854 5.326   1.00 34.98 ? 31  TRP A CH2 1 
ATOM   234  N N   . GLY A 1 31  ? 1.613   -6.139  7.201   1.00 26.83 ? 32  GLY A N   1 
ATOM   235  C CA  . GLY A 1 31  ? 0.211   -6.353  7.621   1.00 26.57 ? 32  GLY A CA  1 
ATOM   236  C C   . GLY A 1 31  ? -0.143  -7.183  8.842   1.00 26.10 ? 32  GLY A C   1 
ATOM   237  O O   . GLY A 1 31  ? 0.539   -8.171  8.835   1.00 27.16 ? 32  GLY A O   1 
ATOM   238  N N   . GLY A 1 32  ? -0.623  -6.864  10.035  1.00 25.48 ? 33  GLY A N   1 
ATOM   239  C CA  . GLY A 1 32  ? -1.512  -7.879  10.612  1.00 24.02 ? 33  GLY A CA  1 
ATOM   240  C C   . GLY A 1 32  ? -2.217  -7.468  11.880  1.00 23.06 ? 33  GLY A C   1 
ATOM   241  O O   . GLY A 1 32  ? -3.424  -7.678  12.052  1.00 23.08 ? 33  GLY A O   1 
ATOM   242  N N   . LYS A 1 33  ? -1.446  -6.848  12.758  1.00 21.56 ? 34  LYS A N   1 
ATOM   243  C CA  . LYS A 1 33  ? -1.912  -6.506  14.084  1.00 20.66 ? 34  LYS A CA  1 
ATOM   244  C C   . LYS A 1 33  ? -1.248  -5.230  14.562  1.00 18.93 ? 34  LYS A C   1 
ATOM   245  O O   . LYS A 1 33  ? -0.260  -4.779  13.981  1.00 18.10 ? 34  LYS A O   1 
ATOM   246  C CB  . LYS A 1 33  ? -1.592  -7.650  15.055  1.00 21.03 ? 34  LYS A CB  1 
ATOM   247  C CG  . LYS A 1 33  ? -0.117  -7.967  15.184  1.00 23.49 ? 34  LYS A CG  1 
ATOM   248  C CD  . LYS A 1 33  ? 0.171   -8.822  16.414  1.00 26.02 ? 34  LYS A CD  1 
ATOM   249  C CE  . LYS A 1 33  ? -0.561  -10.147 16.370  1.00 27.77 ? 34  LYS A CE  1 
ATOM   250  N NZ  . LYS A 1 33  ? -0.378  -10.929 17.627  1.00 29.69 ? 34  LYS A NZ  1 
ATOM   251  N N   . GLY A 1 34  ? -1.796  -4.655  15.625  1.00 17.22 ? 35  GLY A N   1 
ATOM   252  C CA  . GLY A 1 34  ? -1.238  -3.461  16.224  1.00 16.48 ? 35  GLY A CA  1 
ATOM   253  C C   . GLY A 1 34  ? -1.964  -2.186  15.850  1.00 15.30 ? 35  GLY A C   1 
ATOM   254  O O   . GLY A 1 34  ? -2.773  -2.147  14.918  1.00 14.81 ? 35  GLY A O   1 
ATOM   255  N N   . THR A 1 35  ? -1.692  -1.140  16.609  1.00 14.75 ? 36  THR A N   1 
ATOM   256  C CA  . THR A 1 35  ? -2.185  0.180   16.269  1.00 14.54 ? 36  THR A CA  1 
ATOM   257  C C   . THR A 1 35  ? -1.182  0.758   15.270  1.00 13.20 ? 36  THR A C   1 
ATOM   258  O O   . THR A 1 35  ? 0.009   0.811   15.565  1.00 13.41 ? 36  THR A O   1 
ATOM   259  C CB  . THR A 1 35  ? -2.251  1.052   17.519  1.00 15.07 ? 36  THR A CB  1 
ATOM   260  O OG1 . THR A 1 35  ? -3.277  0.551   18.393  1.00 17.02 ? 36  THR A OG1 1 
ATOM   261  C CG2 . THR A 1 35  ? -2.680  2.474   17.187  1.00 15.92 ? 36  THR A CG2 1 
ATOM   262  N N   . PRO A 1 36  ? -1.629  1.176   14.085  1.00 12.18 ? 37  PRO A N   1 
ATOM   263  C CA  . PRO A 1 36  ? -0.704  1.760   13.112  1.00 11.71 ? 37  PRO A CA  1 
ATOM   264  C C   . PRO A 1 36  ? 0.089   2.884   13.758  1.00 11.64 ? 37  PRO A C   1 
ATOM   265  O O   . PRO A 1 36  ? -0.456  3.648   14.565  1.00 11.92 ? 37  PRO A O   1 
ATOM   266  C CB  . PRO A 1 36  ? -1.633  2.272   12.007  1.00 11.84 ? 37  PRO A CB  1 
ATOM   267  C CG  . PRO A 1 36  ? -2.817  1.403   12.105  1.00 12.05 ? 37  PRO A CG  1 
ATOM   268  C CD  . PRO A 1 36  ? -3.003  1.133   13.567  1.00 11.98 ? 37  PRO A CD  1 
ATOM   269  N N   . LYS A 1 37  ? 1.363   2.989   13.412  1.00 11.19 ? 38  LYS A N   1 
ATOM   270  C CA  . LYS A 1 37  ? 2.263   3.907   14.095  1.00 11.44 ? 38  LYS A CA  1 
ATOM   271  C C   . LYS A 1 37  ? 2.079   5.366   13.762  1.00 10.98 ? 38  LYS A C   1 
ATOM   272  O O   . LYS A 1 37  ? 2.401   6.226   14.575  1.00 11.79 ? 38  LYS A O   1 
ATOM   273  C CB  . LYS A 1 37  ? 3.713   3.529   13.797  1.00 11.56 ? 38  LYS A CB  1 
ATOM   274  C CG  . LYS A 1 37  ? 4.092   2.108   14.202  1.00 12.98 ? 38  LYS A CG  1 
ATOM   275  C CD  . LYS A 1 37  ? 3.664   1.755   15.617  1.00 13.56 ? 38  LYS A CD  1 
ATOM   276  C CE  . LYS A 1 37  ? 4.263   2.696   16.647  1.00 14.15 ? 38  LYS A CE  1 
ATOM   277  N NZ  . LYS A 1 37  ? 3.911   2.305   18.041  1.00 16.84 ? 38  LYS A NZ  1 
ATOM   278  N N   . ASP A 1 38  ? 1.596   5.661   12.560  1.00 10.27 ? 39  ASP A N   1 
ATOM   279  C CA  . ASP A 1 38  ? 1.463   7.025   12.082  1.00 10.13 ? 39  ASP A CA  1 
ATOM   280  C C   . ASP A 1 38  ? 0.579   7.009   10.842  1.00 9.81  ? 39  ASP A C   1 
ATOM   281  O O   . ASP A 1 38  ? 0.029   5.968   10.475  1.00 9.36  ? 39  ASP A O   1 
ATOM   282  C CB  . ASP A 1 38  ? 2.837   7.646   11.817  1.00 9.91  ? 39  ASP A CB  1 
ATOM   283  C CG  . ASP A 1 38  ? 3.572   7.022   10.657  1.00 9.69  ? 39  ASP A CG  1 
ATOM   284  O OD1 . ASP A 1 38  ? 3.078   6.050   10.044  1.00 9.72  ? 39  ASP A OD1 1 
ATOM   285  O OD2 . ASP A 1 38  ? 4.676   7.479   10.294  1.00 10.06 ? 39  ASP A OD2 1 
ATOM   286  N N   . ALA A 1 39  ? 0.416   8.157   10.206  1.00 9.32  ? 40  ALA A N   1 
ATOM   287  C CA  . ALA A 1 39  ? -0.469  8.251   9.052   1.00 9.48  ? 40  ALA A CA  1 
ATOM   288  C C   . ALA A 1 39  ? -0.037  7.344   7.893   1.00 8.96  ? 40  ALA A C   1 
ATOM   289  O O   . ALA A 1 39  ? -0.881  6.743   7.234   1.00 8.53  ? 40  ALA A O   1 
ATOM   290  C CB  . ALA A 1 39  ? -0.583  9.679   8.588   1.00 9.93  ? 40  ALA A CB  1 
ATOM   291  N N   . THR A 1 40  ? 1.264   7.275   7.627   1.00 8.59  ? 41  THR A N   1 
ATOM   292  C CA  . THR A 1 40  ? 1.771   6.405   6.569   1.00 8.21  ? 41  THR A CA  1 
ATOM   293  C C   . THR A 1 40  ? 1.391   4.959   6.855   1.00 7.94  ? 41  THR A C   1 
ATOM   294  O O   . THR A 1 40  ? 0.930   4.244   5.965   1.00 7.89  ? 41  THR A O   1 
ATOM   295  C CB  . THR A 1 40  ? 3.284   6.536   6.449   1.00 8.01  ? 41  THR A CB  1 
ATOM   296  O OG1 . THR A 1 40  ? 3.612   7.796   5.834   1.00 9.59  ? 41  THR A OG1 1 
ATOM   297  C CG2 . THR A 1 40  ? 3.850   5.475   5.512   1.00 8.88  ? 41  THR A CG2 1 
ATOM   298  N N   . ASP A 1 41  ? 1.596   4.525   8.092   1.00 7.96  ? 42  ASP A N   1 
ATOM   299  C CA  . ASP A 1 41  ? 1.208   3.174   8.483   1.00 8.44  ? 42  ASP A CA  1 
ATOM   300  C C   . ASP A 1 41  ? -0.304  2.973   8.312   1.00 8.53  ? 42  ASP A C   1 
ATOM   301  O O   . ASP A 1 41  ? -0.757  1.896   7.937   1.00 8.45  ? 42  ASP A O   1 
ATOM   302  C CB  . ASP A 1 41  ? 1.641   2.905   9.929   1.00 8.12  ? 42  ASP A CB  1 
ATOM   303  C CG  . ASP A 1 41  ? 1.836   1.445   10.243  1.00 9.04  ? 42  ASP A CG  1 
ATOM   304  O OD1 . ASP A 1 41  ? 1.839   0.588   9.333   1.00 10.43 ? 42  ASP A OD1 1 
ATOM   305  O OD2 . ASP A 1 41  ? 2.005   1.090   11.425  1.00 10.15 ? 42  ASP A OD2 1 
ATOM   306  N N   . ARG A 1 42  ? -1.089  4.008   8.571   1.00 8.52  ? 43  ARG A N   1 
ATOM   307  C CA  . ARG A 1 42  ? -2.538  3.911   8.374   1.00 8.53  ? 43  ARG A CA  1 
ATOM   308  C C   . ARG A 1 42  ? -2.870  3.732   6.889   1.00 8.24  ? 43  ARG A C   1 
ATOM   309  O O   . ARG A 1 42  ? -3.830  3.046   6.548   1.00 8.37  ? 43  ARG A O   1 
ATOM   310  C CB  . ARG A 1 42  ? -3.269  5.105   8.966   1.00 8.34  ? 43  ARG A CB  1 
ATOM   311  C CG  . ARG A 1 42  ? -3.311  5.063   10.491  1.00 9.23  ? 43  ARG A CG  1 
ATOM   312  C CD  . ARG A 1 42  ? -4.258  6.058   11.121  1.00 10.30 ? 43  ARG A CD  1 
ATOM   313  N NE  . ARG A 1 42  ? -3.838  7.445   10.969  1.00 10.65 ? 43  ARG A NE  1 
ATOM   314  C CZ  . ARG A 1 42  ? -2.991  8.080   11.775  1.00 11.21 ? 43  ARG A CZ  1 
ATOM   315  N NH1 . ARG A 1 42  ? -2.417  7.443   12.782  1.00 11.26 ? 43  ARG A NH1 1 
ATOM   316  N NH2 . ARG A 1 42  ? -2.688  9.349   11.552  1.00 12.00 ? 43  ARG A NH2 1 
ATOM   317  N N   . CYS A 1 43  ? -2.071  4.322   6.004   1.00 8.40  ? 44  CYS A N   1 
ATOM   318  C CA  . CYS A 1 43  ? -2.261  4.083   4.578   1.00 8.07  ? 44  CYS A CA  1 
ATOM   319  C C   . CYS A 1 43  ? -2.177  2.587   4.309   1.00 7.76  ? 44  CYS A C   1 
ATOM   320  O O   . CYS A 1 43  ? -2.970  2.025   3.548   1.00 7.95  ? 44  CYS A O   1 
ATOM   321  C CB  . CYS A 1 43  ? -1.181  4.761   3.743   1.00 8.35  ? 44  CYS A CB  1 
ATOM   322  S SG  . CYS A 1 43  ? -1.125  6.551   3.838   1.00 8.93  ? 44  CYS A SG  1 
ATOM   323  N N   . CYS A 1 44  ? -1.199  1.931   4.917   1.00 8.12  ? 45  CYS A N   1 
ATOM   324  C CA  . CYS A 1 44  ? -1.006  0.503   4.739   1.00 8.20  ? 45  CYS A CA  1 
ATOM   325  C C   . CYS A 1 44  ? -2.112  -0.309  5.386   1.00 8.33  ? 45  CYS A C   1 
ATOM   326  O O   . CYS A 1 44  ? -2.530  -1.312  4.818   1.00 8.06  ? 45  CYS A O   1 
ATOM   327  C CB  . CYS A 1 44  ? 0.358   0.086   5.265   1.00 8.33  ? 45  CYS A CB  1 
ATOM   328  S SG  . CYS A 1 44  ? 1.692   0.824   4.294   1.00 9.93  ? 45  CYS A SG  1 
ATOM   329  N N   . PHE A 1 45  ? -2.578  0.120   6.555   1.00 8.23  ? 46  PHE A N   1 
ATOM   330  C CA  . PHE A 1 45  ? -3.688  -0.548  7.213   1.00 8.25  ? 46  PHE A CA  1 
ATOM   331  C C   . PHE A 1 45  ? -4.909  -0.575  6.285   1.00 8.01  ? 46  PHE A C   1 
ATOM   332  O O   . PHE A 1 45  ? -5.512  -1.621  6.045   1.00 8.45  ? 46  PHE A O   1 
ATOM   333  C CB  . PHE A 1 45  ? -4.046  0.145   8.526   1.00 8.63  ? 46  PHE A CB  1 
ATOM   334  C CG  . PHE A 1 45  ? -5.213  -0.483  9.218   1.00 9.61  ? 46  PHE A CG  1 
ATOM   335  C CD1 . PHE A 1 45  ? -5.033  -1.565  10.051  1.00 11.80 ? 46  PHE A CD1 1 
ATOM   336  C CD2 . PHE A 1 45  ? -6.498  -0.032  8.989   1.00 10.71 ? 46  PHE A CD2 1 
ATOM   337  C CE1 . PHE A 1 45  ? -6.107  -2.168  10.680  1.00 12.01 ? 46  PHE A CE1 1 
ATOM   338  C CE2 . PHE A 1 45  ? -7.577  -0.637  9.619   1.00 10.34 ? 46  PHE A CE2 1 
ATOM   339  C CZ  . PHE A 1 45  ? -7.373  -1.704  10.461  1.00 11.74 ? 46  PHE A CZ  1 
ATOM   340  N N   . VAL A 1 46  ? -5.261  0.587   5.751   1.00 7.73  ? 47  VAL A N   1 
ATOM   341  C CA  . VAL A 1 46  ? -6.411  0.711   4.875   1.00 7.88  ? 47  VAL A CA  1 
ATOM   342  C C   . VAL A 1 46  ? -6.208  -0.076  3.571   1.00 8.04  ? 47  VAL A C   1 
ATOM   343  O O   . VAL A 1 46  ? -7.129  -0.727  3.084   1.00 8.27  ? 47  VAL A O   1 
ATOM   344  C CB  . VAL A 1 46  ? -6.726  2.194   4.599   1.00 8.48  ? 47  VAL A CB  1 
ATOM   345  C CG1 . VAL A 1 46  ? -7.792  2.321   3.524   1.00 8.17  ? 47  VAL A CG1 1 
ATOM   346  C CG2 . VAL A 1 46  ? -7.175  2.879   5.904   1.00 8.30  ? 47  VAL A CG2 1 
ATOM   347  N N   . HIS A 1 47  ? -4.992  -0.063  3.039   1.00 7.85  ? 48  HIS A N   1 
ATOM   348  C CA  . HIS A 1 47  ? -4.657  -0.813  1.840   1.00 7.92  ? 48  HIS A CA  1 
ATOM   349  C C   . HIS A 1 47  ? -4.833  -2.308  2.092   1.00 8.04  ? 48  HIS A C   1 
ATOM   350  O O   . HIS A 1 47  ? -5.363  -3.022  1.244   1.00 8.15  ? 48  HIS A O   1 
ATOM   351  C CB  . HIS A 1 47  ? -3.225  -0.471  1.434   1.00 7.90  ? 48  HIS A CB  1 
ATOM   352  C CG  . HIS A 1 47  ? -2.789  -1.090  0.140   1.00 8.08  ? 48  HIS A CG  1 
ATOM   353  N ND1 . HIS A 1 47  ? -1.833  -2.082  0.071   1.00 8.53  ? 48  HIS A ND1 1 
ATOM   354  C CD2 . HIS A 1 47  ? -3.154  -0.833  -1.135  1.00 7.59  ? 48  HIS A CD2 1 
ATOM   355  C CE1 . HIS A 1 47  ? -1.648  -2.425  -1.192  1.00 8.24  ? 48  HIS A CE1 1 
ATOM   356  N NE2 . HIS A 1 47  ? -2.442  -1.686  -1.944  1.00 8.32  ? 48  HIS A NE2 1 
ATOM   357  N N   . ASP A 1 48  ? -4.392  -2.773  3.252   1.00 7.90  ? 49  ASP A N   1 
ATOM   358  C CA  . ASP A 1 48  ? -4.594  -4.168  3.638   1.00 9.02  ? 49  ASP A CA  1 
ATOM   359  C C   . ASP A 1 48  ? -6.092  -4.490  3.684   1.00 9.02  ? 49  ASP A C   1 
ATOM   360  O O   . ASP A 1 48  ? -6.531  -5.516  3.171   1.00 9.95  ? 49  ASP A O   1 
ATOM   361  C CB  . ASP A 1 48  ? -3.975  -4.466  5.002   1.00 9.90  ? 49  ASP A CB  1 
ATOM   362  C CG  . ASP A 1 48  ? -2.462  -4.400  5.003   1.00 11.77 ? 49  ASP A CG  1 
ATOM   363  O OD1 . ASP A 1 48  ? -1.837  -4.385  3.926   1.00 12.22 ? 49  ASP A OD1 1 
ATOM   364  O OD2 . ASP A 1 48  ? -1.817  -4.346  6.075   1.00 17.18 ? 49  ASP A OD2 1 
ATOM   365  N N   . CYS A 1 49  ? -6.879  -3.612  4.299   1.00 8.91  ? 50  CYS A N   1 
ATOM   366  C CA  . CYS A 1 49  ? -8.323  -3.781  4.338   1.00 9.03  ? 50  CYS A CA  1 
ATOM   367  C C   . CYS A 1 49  ? -8.913  -3.814  2.931   1.00 9.27  ? 50  CYS A C   1 
ATOM   368  O O   . CYS A 1 49  ? -9.837  -4.573  2.642   1.00 10.06 ? 50  CYS A O   1 
ATOM   369  C CB  . CYS A 1 49  ? -8.965  -2.636  5.120   1.00 9.62  ? 50  CYS A CB  1 
ATOM   370  S SG  . CYS A 1 49  ? -8.567  -2.636  6.884   1.00 9.87  ? 50  CYS A SG  1 
ATOM   371  N N   . CYS A 1 50  ? -8.398  -2.955  2.070   1.00 8.65  ? 51  CYS A N   1 
ATOM   372  C CA  . CYS A 1 50  ? -8.871  -2.832  0.704   1.00 9.10  ? 51  CYS A CA  1 
ATOM   373  C C   . CYS A 1 50  ? -8.653  -4.159  -0.039  1.00 9.15  ? 51  CYS A C   1 
ATOM   374  O O   . CYS A 1 50  ? -9.567  -4.667  -0.702  1.00 9.42  ? 51  CYS A O   1 
ATOM   375  C CB  . CYS A 1 50  ? -8.171  -1.661  0.030   1.00 8.78  ? 51  CYS A CB  1 
ATOM   376  S SG  . CYS A 1 50  ? -9.003  -1.062  -1.484  1.00 8.82  ? 51  CYS A SG  1 
ATOM   377  N N   . TYR A 1 51  ? -7.468  -4.738  0.091   1.00 9.46  ? 52  TYR A N   1 
ATOM   378  C CA  . TYR A 1 51  ? -7.190  -6.047  -0.481  1.00 9.94  ? 52  TYR A CA  1 
ATOM   379  C C   . TYR A 1 51  ? -8.074  -7.111  0.188   1.00 10.62 ? 52  TYR A C   1 
ATOM   380  O O   . TYR A 1 51  ? -8.528  -8.063  -0.461  1.00 11.12 ? 52  TYR A O   1 
ATOM   381  C CB  . TYR A 1 51  ? -5.725  -6.407  -0.275  1.00 9.42  ? 52  TYR A CB  1 
ATOM   382  C CG  . TYR A 1 51  ? -4.740  -5.834  -1.269  1.00 9.84  ? 52  TYR A CG  1 
ATOM   383  C CD1 . TYR A 1 51  ? -5.110  -4.929  -2.255  1.00 9.12  ? 52  TYR A CD1 1 
ATOM   384  C CD2 . TYR A 1 51  ? -3.418  -6.218  -1.203  1.00 9.72  ? 52  TYR A CD2 1 
ATOM   385  C CE1 . TYR A 1 51  ? -4.173  -4.441  -3.146  1.00 8.90  ? 52  TYR A CE1 1 
ATOM   386  C CE2 . TYR A 1 51  ? -2.484  -5.736  -2.073  1.00 9.68  ? 52  TYR A CE2 1 
ATOM   387  C CZ  . TYR A 1 51  ? -2.864  -4.847  -3.047  1.00 8.58  ? 52  TYR A CZ  1 
ATOM   388  O OH  . TYR A 1 51  ? -1.910  -4.378  -3.920  1.00 9.10  ? 52  TYR A OH  1 
ATOM   389  N N   . GLY A 1 52  ? -8.330  -6.941  1.484   1.00 11.28 ? 53  GLY A N   1 
ATOM   390  C CA  . GLY A 1 52  ? -9.167  -7.862  2.250   1.00 12.35 ? 53  GLY A CA  1 
ATOM   391  C C   . GLY A 1 52  ? -10.605 -7.878  1.747   1.00 12.41 ? 53  GLY A C   1 
ATOM   392  O O   . GLY A 1 52  ? -11.328 -8.875  1.928   1.00 14.15 ? 53  GLY A O   1 
ATOM   393  N N   . ASN A 1 53  ? -11.038 -6.781  1.139   1.00 12.86 ? 54  ASN A N   1 
ATOM   394  C CA  . ASN A 1 53  ? -12.352 -6.690  0.516   1.00 13.56 ? 54  ASN A CA  1 
ATOM   395  C C   . ASN A 1 53  ? -12.440 -7.616  -0.727  1.00 13.13 ? 54  ASN A C   1 
ATOM   396  O O   . ASN A 1 53  ? -13.531 -7.829  -1.258  1.00 13.78 ? 54  ASN A O   1 
ATOM   397  C CB  . ASN A 1 53  ? -12.649 -5.254  0.024   1.00 14.00 ? 54  ASN A CB  1 
ATOM   398  C CG  . ASN A 1 53  ? -12.742 -4.196  1.139   1.00 14.47 ? 54  ASN A CG  1 
ATOM   399  O OD1 . ASN A 1 53  ? -13.173 -4.487  2.256   1.00 16.86 ? 54  ASN A OD1 1 
ATOM   400  N ND2 . ASN A 1 53  ? -12.372 -2.930  0.800   1.00 14.03 ? 54  ASN A ND2 1 
ATOM   401  N N   . LEU A 1 54  ? -11.303 -8.154  -1.183  1.00 12.59 ? 55  LEU A N   1 
ATOM   402  C CA  . LEU A 1 54  ? -11.212 -8.890  -2.457  1.00 12.30 ? 55  LEU A CA  1 
ATOM   403  C C   . LEU A 1 54  ? -10.653 -10.301 -2.286  1.00 12.40 ? 55  LEU A C   1 
ATOM   404  O O   . LEU A 1 54  ? -9.646  -10.650 -2.890  1.00 11.05 ? 55  LEU A O   1 
ATOM   405  C CB  . LEU A 1 54  ? -10.299 -8.118  -3.420  1.00 12.51 ? 55  LEU A CB  1 
ATOM   406  C CG  . LEU A 1 54  ? -10.551 -6.615  -3.544  1.00 13.09 ? 55  LEU A CG  1 
ATOM   407  C CD1 . LEU A 1 54  ? -9.462  -5.959  -4.395  1.00 12.51 ? 55  LEU A CD1 1 
ATOM   408  C CD2 . LEU A 1 54  ? -11.924 -6.355  -4.123  1.00 14.87 ? 55  LEU A CD2 1 
ATOM   409  N N   . PRO A 1 55  ? -11.327 -11.144 -1.502  1.00 12.84 ? 56  PRO A N   1 
ATOM   410  C CA  . PRO A 1 55  ? -10.780 -12.458 -1.153  1.00 13.10 ? 56  PRO A CA  1 
ATOM   411  C C   . PRO A 1 55  ? -10.573 -13.403 -2.335  1.00 12.20 ? 56  PRO A C   1 
ATOM   412  O O   . PRO A 1 55  ? -9.832  -14.361 -2.206  1.00 12.86 ? 56  PRO A O   1 
ATOM   413  C CB  . PRO A 1 55  ? -11.849 -13.026 -0.215  1.00 13.57 ? 56  PRO A CB  1 
ATOM   414  C CG  . PRO A 1 55  ? -13.067 -12.343 -0.612  1.00 13.97 ? 56  PRO A CG  1 
ATOM   415  C CD  . PRO A 1 55  ? -12.647 -10.932 -0.890  1.00 13.55 ? 56  PRO A CD  1 
ATOM   416  N N   . ASP A 1 56  ? -11.343 -13.093 -3.487  1.00 11.16 ? 59  ASP A N   1 
ATOM   417  C CA  . ASP A 1 56  ? -11.239 -13.988 -4.635  1.00 11.61 ? 59  ASP A CA  1 
ATOM   418  C C   . ASP A 1 56  ? -10.445 -13.330 -5.759  1.00 11.20 ? 59  ASP A C   1 
ATOM   419  O O   . ASP A 1 56  ? -10.383 -13.823 -6.891  1.00 10.93 ? 59  ASP A O   1 
ATOM   420  C CB  . ASP A 1 56  ? -12.630 -14.367 -5.101  1.00 12.30 ? 59  ASP A CB  1 
ATOM   421  C CG  . ASP A 1 56  ? -13.338 -15.246 -4.107  1.00 13.51 ? 59  ASP A CG  1 
ATOM   422  O OD1 . ASP A 1 56  ? -14.586 -15.286 -4.129  1.00 17.09 ? 59  ASP A OD1 1 
ATOM   423  O OD2 . ASP A 1 56  ? -12.717 -15.932 -3.280  1.00 16.23 ? 59  ASP A OD2 1 
ATOM   424  N N   . CYS A 1 57  ? -9.610  -12.260 -5.375  1.00 9.19  ? 61  CYS A N   1 
ATOM   425  C CA  . CYS A 1 57  ? -8.654  -11.640 -6.272  1.00 9.21  ? 61  CYS A CA  1 
ATOM   426  C C   . CYS A 1 57  ? -7.266  -11.933 -5.757  1.00 9.34  ? 61  CYS A C   1 
ATOM   427  O O   . CYS A 1 57  ? -7.096  -12.392 -4.626  1.00 10.20 ? 61  CYS A O   1 
ATOM   428  C CB  . CYS A 1 57  ? -8.890  -10.136 -6.353  1.00 9.04  ? 61  CYS A CB  1 
ATOM   429  S SG  . CYS A 1 57  ? -10.548 -9.729  -6.937  1.00 9.35  ? 61  CYS A SG  1 
ATOM   430  N N   . ASN A 1 58  ? -6.213  -11.693 -6.582  1.00 9.30  ? 67  ASN A N   1 
ATOM   431  C CA  . ASN A 1 58  ? -4.834  -12.036 -6.261  1.00 9.29  ? 67  ASN A CA  1 
ATOM   432  C C   . ASN A 1 58  ? -3.967  -10.816 -6.541  1.00 9.89  ? 67  ASN A C   1 
ATOM   433  O O   . ASN A 1 58  ? -3.288  -10.746 -7.546  1.00 9.78  ? 67  ASN A O   1 
ATOM   434  C CB  . ASN A 1 58  ? -4.413  -13.252 -7.076  1.00 9.99  ? 67  ASN A CB  1 
ATOM   435  C CG  . ASN A 1 58  ? -5.236  -14.482 -6.726  1.00 10.55 ? 67  ASN A CG  1 
ATOM   436  O OD1 . ASN A 1 58  ? -4.943  -15.168 -5.749  1.00 12.90 ? 67  ASN A OD1 1 
ATOM   437  N ND2 . ASN A 1 58  ? -6.279  -14.747 -7.495  1.00 10.28 ? 67  ASN A ND2 1 
ATOM   438  N N   . PRO A 1 59  ? -4.010  -9.842  -5.630  1.00 10.46 ? 68  PRO A N   1 
ATOM   439  C CA  . PRO A 1 59  ? -3.333  -8.557  -5.838  1.00 11.31 ? 68  PRO A CA  1 
ATOM   440  C C   . PRO A 1 59  ? -1.815  -8.607  -5.915  1.00 11.52 ? 68  PRO A C   1 
ATOM   441  O O   . PRO A 1 59  ? -1.217  -7.681  -6.458  1.00 11.62 ? 68  PRO A O   1 
ATOM   442  C CB  . PRO A 1 59  ? -3.749  -7.719  -4.625  1.00 11.97 ? 68  PRO A CB  1 
ATOM   443  C CG  . PRO A 1 59  ? -4.585  -8.536  -3.788  1.00 12.50 ? 68  PRO A CG  1 
ATOM   444  C CD  . PRO A 1 59  ? -4.703  -9.899  -4.341  1.00 10.34 ? 68  PRO A CD  1 
ATOM   445  N N   . LYS A 1 60  ? -1.184  -9.642  -5.393  1.00 11.45 ? 69  LYS A N   1 
ATOM   446  C CA  . LYS A 1 60  ? 0.266   -9.715  -5.482  1.00 12.17 ? 69  LYS A CA  1 
ATOM   447  C C   . LYS A 1 60  ? 0.726   -9.923  -6.930  1.00 11.29 ? 69  LYS A C   1 
ATOM   448  O O   . LYS A 1 60  ? 1.726   -9.351  -7.365  1.00 11.84 ? 69  LYS A O   1 
ATOM   449  C CB  . LYS A 1 60  ? 0.792   -10.833 -4.577  1.00 13.42 ? 69  LYS A CB  1 
ATOM   450  C CG  . LYS A 1 60  ? 0.359   -10.664 -3.121  1.00 17.76 ? 69  LYS A CG  1 
ATOM   451  C CD  . LYS A 1 60  ? 1.473   -10.277 -2.179  1.00 21.85 ? 69  LYS A CD  1 
ATOM   452  C CE  . LYS A 1 60  ? 1.204   -10.856 -0.799  1.00 23.13 ? 69  LYS A CE  1 
ATOM   453  N NZ  . LYS A 1 60  ? 0.829   -12.294 -0.883  1.00 25.90 ? 69  LYS A NZ  1 
ATOM   454  N N   . SER A 1 61  ? -0.022  -10.718 -7.697  1.00 10.67 ? 70  SER A N   1 
ATOM   455  C CA  . SER A 1 61  ? 0.408   -11.100 -9.036  1.00 10.37 ? 70  SER A CA  1 
ATOM   456  C C   . SER A 1 61  ? -0.411  -10.571 -10.202 1.00 9.43  ? 70  SER A C   1 
ATOM   457  O O   . SER A 1 61  ? 0.116   -10.432 -11.303 1.00 10.39 ? 70  SER A O   1 
ATOM   458  C CB  . SER A 1 61  ? 0.452   -12.627 -9.134  1.00 10.86 ? 70  SER A CB  1 
ATOM   459  O OG  . SER A 1 61  ? -0.843  -13.184 -8.949  1.00 12.52 ? 70  SER A OG  1 
ATOM   460  N N   . ASP A 1 62  ? -1.690  -10.287 -9.983  1.00 8.73  ? 71  ASP A N   1 
ATOM   461  C CA  . ASP A 1 62  ? -2.567  -9.873  -11.071 1.00 8.36  ? 71  ASP A CA  1 
ATOM   462  C C   . ASP A 1 62  ? -2.193  -8.460  -11.489 1.00 8.42  ? 71  ASP A C   1 
ATOM   463  O O   . ASP A 1 62  ? -2.104  -7.577  -10.649 1.00 9.26  ? 71  ASP A O   1 
ATOM   464  C CB  . ASP A 1 62  ? -4.020  -9.967  -10.618 1.00 8.37  ? 71  ASP A CB  1 
ATOM   465  C CG  . ASP A 1 62  ? -5.000  -9.917  -11.756 1.00 7.53  ? 71  ASP A CG  1 
ATOM   466  O OD1 . ASP A 1 62  ? -4.593  -9.762  -12.937 1.00 8.44  ? 71  ASP A OD1 1 
ATOM   467  O OD2 . ASP A 1 62  ? -6.227  -10.040 -11.527 1.00 7.75  ? 71  ASP A OD2 1 
ATOM   468  N N   . ARG A 1 63  ? -1.955  -8.276  -12.782 1.00 8.52  ? 72  ARG A N   1 
ATOM   469  C CA  . ARG A 1 63  ? -1.549  -6.987  -13.338 1.00 8.80  ? 72  ARG A CA  1 
ATOM   470  C C   . ARG A 1 63  ? -2.734  -6.173  -13.841 1.00 9.04  ? 72  ARG A C   1 
ATOM   471  O O   . ARG A 1 63  ? -3.628  -6.700  -14.481 1.00 9.56  ? 72  ARG A O   1 
ATOM   472  C CB  . ARG A 1 63  ? -0.597  -7.207  -14.514 1.00 9.06  ? 72  ARG A CB  1 
ATOM   473  C CG  . ARG A 1 63  ? 0.677   -7.911  -14.122 1.00 10.18 ? 72  ARG A CG  1 
ATOM   474  C CD  . ARG A 1 63  ? 1.737   -7.887  -15.203 1.00 11.30 ? 72  ARG A CD  1 
ATOM   475  N NE  . ARG A 1 63  ? 2.825   -8.810  -14.909 1.00 12.63 ? 72  ARG A NE  1 
ATOM   476  C CZ  . ARG A 1 63  ? 3.969   -8.859  -15.572 1.00 14.49 ? 72  ARG A CZ  1 
ATOM   477  N NH1 . ARG A 1 63  ? 4.891   -9.748  -15.232 1.00 15.40 ? 72  ARG A NH1 1 
ATOM   478  N NH2 . ARG A 1 63  ? 4.191   -8.029  -16.575 1.00 14.02 ? 72  ARG A NH2 1 
ATOM   479  N N   . TYR A 1 64  ? -2.711  -4.878  -13.566 1.00 9.74  ? 73  TYR A N   1 
ATOM   480  C CA  . TYR A 1 64  ? -3.732  -3.965  -14.070 1.00 9.61  ? 73  TYR A CA  1 
ATOM   481  C C   . TYR A 1 64  ? -3.013  -2.902  -14.904 1.00 10.18 ? 73  TYR A C   1 
ATOM   482  O O   . TYR A 1 64  ? -1.796  -2.752  -14.827 1.00 11.43 ? 73  TYR A O   1 
ATOM   483  C CB  . TYR A 1 64  ? -4.503  -3.308  -12.909 1.00 9.17  ? 73  TYR A CB  1 
ATOM   484  C CG  . TYR A 1 64  ? -3.614  -2.698  -11.851 1.00 9.17  ? 73  TYR A CG  1 
ATOM   485  C CD1 . TYR A 1 64  ? -2.990  -1.470  -12.061 1.00 8.50  ? 73  TYR A CD1 1 
ATOM   486  C CD2 . TYR A 1 64  ? -3.365  -3.359  -10.654 1.00 8.48  ? 73  TYR A CD2 1 
ATOM   487  C CE1 . TYR A 1 64  ? -2.165  -0.929  -11.105 1.00 9.13  ? 73  TYR A CE1 1 
ATOM   488  C CE2 . TYR A 1 64  ? -2.549  -2.817  -9.699  1.00 7.90  ? 73  TYR A CE2 1 
ATOM   489  C CZ  . TYR A 1 64  ? -1.947  -1.602  -9.938  1.00 8.65  ? 73  TYR A CZ  1 
ATOM   490  O OH  . TYR A 1 64  ? -1.114  -1.051  -9.000  1.00 10.17 ? 73  TYR A OH  1 
ATOM   491  N N   . LYS A 1 65  ? -3.770  -2.142  -15.682 1.00 10.73 ? 74  LYS A N   1 
ATOM   492  C CA  . LYS A 1 65  ? -3.202  -1.035  -16.437 1.00 11.28 ? 74  LYS A CA  1 
ATOM   493  C C   . LYS A 1 65  ? -3.758  0.281   -15.905 1.00 10.78 ? 74  LYS A C   1 
ATOM   494  O O   . LYS A 1 65  ? -4.924  0.367   -15.524 1.00 11.25 ? 74  LYS A O   1 
ATOM   495  C CB  . LYS A 1 65  ? -3.548  -1.139  -17.925 1.00 12.15 ? 74  LYS A CB  1 
ATOM   496  C CG  . LYS A 1 65  ? -2.985  -2.351  -18.645 1.00 13.55 ? 74  LYS A CG  1 
ATOM   497  C CD  . LYS A 1 65  ? -1.468  -2.362  -18.690 1.00 15.72 ? 74  LYS A CD  1 
ATOM   498  C CE  . LYS A 1 65  ? -0.954  -3.414  -19.661 1.00 16.59 ? 74  LYS A CE  1 
ATOM   499  N NZ  . LYS A 1 65  ? 0.529   -3.402  -19.829 1.00 17.06 ? 74  LYS A NZ  1 
ATOM   500  N N   . TYR A 1 66  ? -2.915  1.298   -15.906 1.00 11.19 ? 75  TYR A N   1 
ATOM   501  C CA  . TYR A 1 66  ? -3.352  2.624   -15.520 1.00 11.48 ? 75  TYR A CA  1 
ATOM   502  C C   . TYR A 1 66  ? -2.563  3.636   -16.322 1.00 12.29 ? 75  TYR A C   1 
ATOM   503  O O   . TYR A 1 66  ? -1.524  3.308   -16.910 1.00 12.72 ? 75  TYR A O   1 
ATOM   504  C CB  . TYR A 1 66  ? -3.195  2.857   -14.015 1.00 11.64 ? 75  TYR A CB  1 
ATOM   505  C CG  . TYR A 1 66  ? -1.780  3.002   -13.521 1.00 10.89 ? 75  TYR A CG  1 
ATOM   506  C CD1 . TYR A 1 66  ? -1.217  4.253   -13.336 1.00 11.38 ? 75  TYR A CD1 1 
ATOM   507  C CD2 . TYR A 1 66  ? -1.016  1.892   -13.218 1.00 10.49 ? 75  TYR A CD2 1 
ATOM   508  C CE1 . TYR A 1 66  ? 0.067   4.392   -12.862 1.00 11.08 ? 75  TYR A CE1 1 
ATOM   509  C CE2 . TYR A 1 66  ? 0.275   2.020   -12.753 1.00 11.48 ? 75  TYR A CE2 1 
ATOM   510  C CZ  . TYR A 1 66  ? 0.808   3.275   -12.572 1.00 10.95 ? 75  TYR A CZ  1 
ATOM   511  O OH  . TYR A 1 66  ? 2.089   3.399   -12.098 1.00 12.17 ? 75  TYR A OH  1 
ATOM   512  N N   . LYS A 1 67  ? -3.067  4.860   -16.366 1.00 12.63 ? 76  LYS A N   1 
ATOM   513  C CA  . LYS A 1 67  ? -2.387  5.940   -17.051 1.00 13.49 ? 76  LYS A CA  1 
ATOM   514  C C   . LYS A 1 67  ? -2.422  7.165   -16.143 1.00 14.09 ? 76  LYS A C   1 
ATOM   515  O O   . LYS A 1 67  ? -3.106  7.177   -15.107 1.00 13.02 ? 76  LYS A O   1 
ATOM   516  C CB  . LYS A 1 67  ? -3.060  6.249   -18.385 1.00 13.82 ? 76  LYS A CB  1 
ATOM   517  C CG  . LYS A 1 67  ? -4.411  6.859   -18.247 1.00 14.53 ? 76  LYS A CG  1 
ATOM   518  C CD  . LYS A 1 67  ? -5.127  6.945   -19.579 1.00 16.16 ? 76  LYS A CD  1 
ATOM   519  C CE  . LYS A 1 67  ? -6.612  7.180   -19.397 1.00 17.39 ? 76  LYS A CE  1 
ATOM   520  N NZ  . LYS A 1 67  ? -7.286  7.413   -20.703 1.00 18.95 ? 76  LYS A NZ  1 
ATOM   521  N N   . ARG A 1 68  ? -1.658  8.182   -16.519 1.00 16.04 ? 77  ARG A N   1 
ATOM   522  C CA  . ARG A 1 68  ? -1.653  9.463   -15.832 1.00 17.54 ? 77  ARG A CA  1 
ATOM   523  C C   . ARG A 1 68  ? -2.409  10.490  -16.698 1.00 18.46 ? 77  ARG A C   1 
ATOM   524  O O   . ARG A 1 68  ? -2.130  10.607  -17.896 1.00 18.96 ? 77  ARG A O   1 
ATOM   525  C CB  . ARG A 1 68  ? -0.213  9.945   -15.642 1.00 18.12 ? 77  ARG A CB  1 
ATOM   526  C CG  . ARG A 1 68  ? 0.655   9.062   -14.790 1.00 18.67 ? 77  ARG A CG  1 
ATOM   527  C CD  . ARG A 1 68  ? 0.505   9.364   -13.314 1.00 18.59 ? 77  ARG A CD  1 
ATOM   528  N NE  . ARG A 1 68  ? 1.209   8.471   -12.420 1.00 18.11 ? 77  ARG A NE  1 
ATOM   529  C CZ  . ARG A 1 68  ? 1.301   8.684   -11.120 1.00 16.59 ? 77  ARG A CZ  1 
ATOM   530  N NH1 . ARG A 1 68  ? 0.705   9.749   -10.592 1.00 17.79 ? 77  ARG A NH1 1 
ATOM   531  N NH2 . ARG A 1 68  ? 1.953   7.841   -10.324 1.00 18.08 ? 77  ARG A NH2 1 
ATOM   532  N N   . VAL A 1 69  ? -3.378  11.201  -16.121 1.00 19.64 ? 78  VAL A N   1 
ATOM   533  C CA  . VAL A 1 69  ? -4.053  12.315  -16.812 1.00 20.68 ? 78  VAL A CA  1 
ATOM   534  C C   . VAL A 1 69  ? -3.533  13.556  -16.016 1.00 21.43 ? 78  VAL A C   1 
ATOM   535  O O   . VAL A 1 69  ? -3.990  13.829  -14.899 1.00 21.34 ? 78  VAL A O   1 
ATOM   536  C CB  . VAL A 1 69  ? -5.575  12.091  -16.886 1.00 20.80 ? 78  VAL A CB  1 
ATOM   537  C CG1 . VAL A 1 69  ? -6.268  13.268  -17.545 1.00 21.35 ? 78  VAL A CG1 1 
ATOM   538  C CG2 . VAL A 1 69  ? -5.862  10.815  -17.694 1.00 21.07 ? 78  VAL A CG2 1 
ATOM   539  N N   . ASN A 1 70  ? -2.532  14.236  -16.607 1.00 22.61 ? 79  ASN A N   1 
ATOM   540  C CA  . ASN A 1 70  ? -1.601  15.162  -15.909 1.00 23.38 ? 79  ASN A CA  1 
ATOM   541  C C   . ASN A 1 70  ? -1.292  14.980  -14.447 1.00 22.98 ? 79  ASN A C   1 
ATOM   542  O O   . ASN A 1 70  ? -1.696  15.821  -13.669 1.00 24.40 ? 79  ASN A O   1 
ATOM   543  C CB  . ASN A 1 70  ? -2.238  16.493  -15.977 1.00 23.89 ? 79  ASN A CB  1 
ATOM   544  C CG  . ASN A 1 70  ? -2.075  17.041  -17.298 1.00 25.22 ? 79  ASN A CG  1 
ATOM   545  O OD1 . ASN A 1 70  ? -2.503  16.415  -18.264 1.00 28.24 ? 79  ASN A OD1 1 
ATOM   546  N ND2 . ASN A 1 70  ? -1.278  18.081  -17.411 1.00 27.58 ? 79  ASN A ND2 1 
ATOM   547  N N   . GLY A 1 71  ? -0.672  13.915  -13.990 1.00 22.13 ? 80  GLY A N   1 
ATOM   548  C CA  . GLY A 1 71  ? -0.539  13.856  -12.545 1.00 20.57 ? 80  GLY A CA  1 
ATOM   549  C C   . GLY A 1 71  ? -1.475  12.799  -11.982 1.00 18.90 ? 80  GLY A C   1 
ATOM   550  O O   . GLY A 1 71  ? -1.038  11.908  -11.256 1.00 18.79 ? 80  GLY A O   1 
ATOM   551  N N   . ALA A 1 72  ? -2.750  12.850  -12.362 1.00 16.99 ? 81  ALA A N   1 
ATOM   552  C CA  . ALA A 1 72  ? -3.744  11.951  -11.780 1.00 15.66 ? 81  ALA A CA  1 
ATOM   553  C C   . ALA A 1 72  ? -3.671  10.520  -12.311 1.00 14.40 ? 81  ALA A C   1 
ATOM   554  O O   . ALA A 1 72  ? -3.500  10.289  -13.503 1.00 14.81 ? 81  ALA A O   1 
ATOM   555  C CB  . ALA A 1 72  ? -5.150  12.509  -11.973 1.00 15.94 ? 81  ALA A CB  1 
ATOM   556  N N   . ILE A 1 73  ? -3.799  9.562   -11.402 1.00 13.15 ? 82  ILE A N   1 
ATOM   557  C CA  . ILE A 1 73  ? -3.823  8.156   -11.766 1.00 12.33 ? 82  ILE A CA  1 
ATOM   558  C C   . ILE A 1 73  ? -5.227  7.785   -12.224 1.00 11.67 ? 82  ILE A C   1 
ATOM   559  O O   . ILE A 1 73  ? -6.201  8.079   -11.551 1.00 12.33 ? 82  ILE A O   1 
ATOM   560  C CB  . ILE A 1 73  ? -3.445  7.299   -10.543 1.00 11.76 ? 82  ILE A CB  1 
ATOM   561  C CG1 . ILE A 1 73  ? -2.009  7.600   -10.117 1.00 12.57 ? 82  ILE A CG1 1 
ATOM   562  C CG2 . ILE A 1 73  ? -3.633  5.814   -10.844 1.00 11.81 ? 82  ILE A CG2 1 
ATOM   563  C CD1 . ILE A 1 73  ? -1.664  7.040   -8.768  1.00 12.92 ? 82  ILE A CD1 1 
ATOM   564  N N   . VAL A 1 74  ? -5.314  7.175   -13.406 1.00 11.34 ? 83  VAL A N   1 
ATOM   565  C CA  . VAL A 1 74  ? -6.584  6.694   -13.926 1.00 11.44 ? 83  VAL A CA  1 
ATOM   566  C C   . VAL A 1 74  ? -6.467  5.207   -14.229 1.00 11.26 ? 83  VAL A C   1 
ATOM   567  O O   . VAL A 1 74  ? -5.748  4.809   -15.137 1.00 11.24 ? 83  VAL A O   1 
ATOM   568  C CB  . VAL A 1 74  ? -7.030  7.448   -15.189 1.00 12.06 ? 83  VAL A CB  1 
ATOM   569  C CG1 . VAL A 1 74  ? -8.349  6.891   -15.695 1.00 12.75 ? 83  VAL A CG1 1 
ATOM   570  C CG2 . VAL A 1 74  ? -7.167  8.951   -14.901 1.00 13.37 ? 83  VAL A CG2 1 
ATOM   571  N N   . CYS A 1 75  ? -7.160  4.394   -13.442 1.00 10.90 ? 84  CYS A N   1 
ATOM   572  C CA  . CYS A 1 75  ? -7.175  2.957   -13.652 1.00 11.39 ? 84  CYS A CA  1 
ATOM   573  C C   . CYS A 1 75  ? -7.952  2.660   -14.930 1.00 12.07 ? 84  CYS A C   1 
ATOM   574  O O   . CYS A 1 75  ? -9.069  3.151   -15.100 1.00 13.88 ? 84  CYS A O   1 
ATOM   575  C CB  . CYS A 1 75  ? -7.831  2.271   -12.457 1.00 11.56 ? 84  CYS A CB  1 
ATOM   576  S SG  . CYS A 1 75  ? -6.872  2.397   -10.925 1.00 10.52 ? 84  CYS A SG  1 
ATOM   577  N N   . GLU A 1 76  ? -7.353  1.884   -15.827 1.00 11.85 ? 85  GLU A N   1 
ATOM   578  C CA  . GLU A 1 76  ? -7.986  1.513   -17.088 1.00 12.66 ? 85  GLU A CA  1 
ATOM   579  C C   . GLU A 1 76  ? -8.759  0.213   -16.872 1.00 13.27 ? 85  GLU A C   1 
ATOM   580  O O   . GLU A 1 76  ? -8.487  -0.537  -15.937 1.00 14.91 ? 85  GLU A O   1 
ATOM   581  C CB  . GLU A 1 76  ? -6.927  1.431   -18.186 1.00 12.75 ? 85  GLU A CB  1 
ATOM   582  C CG  . GLU A 1 76  ? -6.364  2.821   -18.484 1.00 13.09 ? 85  GLU A CG  1 
ATOM   583  C CD  . GLU A 1 76  ? -5.148  2.838   -19.392 1.00 14.22 ? 85  GLU A CD  1 
ATOM   584  O OE1 . GLU A 1 76  ? -4.059  2.470   -18.925 1.00 15.80 ? 85  GLU A OE1 1 
ATOM   585  O OE2 . GLU A 1 76  ? -5.267  3.270   -20.557 1.00 16.67 ? 85  GLU A OE2 1 
ATOM   586  N N   . LYS A 1 77  ? -9.741  -0.054  -17.718 1.00 13.01 ? 86  LYS A N   1 
ATOM   587  C CA  . LYS A 1 77  ? -10.631 -1.188  -17.504 1.00 13.81 ? 86  LYS A CA  1 
ATOM   588  C C   . LYS A 1 77  ? -9.984  -2.508  -17.896 1.00 13.56 ? 86  LYS A C   1 
ATOM   589  O O   . LYS A 1 77  ? -9.415  -2.659  -18.969 1.00 14.91 ? 86  LYS A O   1 
ATOM   590  C CB  . LYS A 1 77  ? -11.936 -1.003  -18.267 1.00 14.34 ? 86  LYS A CB  1 
ATOM   591  C CG  . LYS A 1 77  ? -13.000 -2.018  -17.890 1.00 16.75 ? 86  LYS A CG  1 
ATOM   592  C CD  . LYS A 1 77  ? -14.333 -1.665  -18.513 1.00 19.38 ? 86  LYS A CD  1 
ATOM   593  C CE  . LYS A 1 77  ? -15.407 -2.693  -18.210 1.00 21.32 ? 86  LYS A CE  1 
ATOM   594  N NZ  . LYS A 1 77  ? -16.765 -2.086  -18.295 1.00 23.24 ? 86  LYS A NZ  1 
ATOM   595  N N   . GLY A 1 78  ? -9.874  -3.452  -16.892 1.00 11.13 ? 88  GLY A N   1 
ATOM   596  C CA  . GLY A 1 78  ? -9.450  -4.824  -17.067 1.00 10.54 ? 88  GLY A CA  1 
ATOM   597  C C   . GLY A 1 78  ? -10.554 -5.711  -16.539 1.00 10.29 ? 88  GLY A C   1 
ATOM   598  O O   . GLY A 1 78  ? -11.736 -5.430  -16.719 1.00 11.22 ? 88  GLY A O   1 
ATOM   599  N N   . THR A 1 79  ? -10.165 -6.799  -15.884 1.00 9.94  ? 89  THR A N   1 
ATOM   600  C CA  . THR A 1 79  ? -11.138 -7.662  -15.230 1.00 9.26  ? 89  THR A CA  1 
ATOM   601  C C   . THR A 1 79  ? -11.648 -6.926  -13.984 1.00 9.37  ? 89  THR A C   1 
ATOM   602  O O   . THR A 1 79  ? -11.038 -5.944  -13.552 1.00 9.12  ? 89  THR A O   1 
ATOM   603  C CB  . THR A 1 79  ? -10.517 -8.990  -14.803 1.00 8.95  ? 89  THR A CB  1 
ATOM   604  O OG1 . THR A 1 79  ? -9.516  -8.744  -13.796 1.00 9.20  ? 89  THR A OG1 1 
ATOM   605  C CG2 . THR A 1 79  ? -9.811  -9.678  -15.951 1.00 9.56  ? 89  THR A CG2 1 
ATOM   606  N N   . SER A 1 80  ? -12.737 -7.399  -13.383 1.00 9.39  ? 90  SER A N   1 
ATOM   607  C CA  . SER A 1 80  ? -13.264 -6.778  -12.168 1.00 9.84  ? 90  SER A CA  1 
ATOM   608  C C   . SER A 1 80  ? -12.183 -6.761  -11.076 1.00 9.41  ? 90  SER A C   1 
ATOM   609  O O   . SER A 1 80  ? -11.978 -5.749  -10.409 1.00 9.27  ? 90  SER A O   1 
ATOM   610  C CB  . SER A 1 80  ? -14.540 -7.471  -11.684 1.00 10.53 ? 90  SER A CB  1 
ATOM   611  O OG  . SER A 1 80  ? -15.597 -7.364  -12.631 1.00 15.58 ? 90  SER A OG  1 
ATOM   612  N N   . CYS A 1 81  ? -11.490 -7.875  -10.898 1.00 8.26  ? 91  CYS A N   1 
ATOM   613  C CA  . CYS A 1 81  ? -10.431 -7.942  -9.901  1.00 8.46  ? 91  CYS A CA  1 
ATOM   614  C C   . CYS A 1 81  ? -9.363  -6.892  -10.183 1.00 8.04  ? 91  CYS A C   1 
ATOM   615  O O   . CYS A 1 81  ? -8.938  -6.181  -9.271  1.00 8.31  ? 91  CYS A O   1 
ATOM   616  C CB  . CYS A 1 81  ? -9.806  -9.337  -9.865  1.00 8.58  ? 91  CYS A CB  1 
ATOM   617  S SG  . CYS A 1 81  ? -10.689 -10.520 -8.806  1.00 9.20  ? 91  CYS A SG  1 
ATOM   618  N N   . GLU A 1 82  ? -8.924  -6.790  -11.430 1.00 7.78  ? 92  GLU A N   1 
ATOM   619  C CA  . GLU A 1 82  ? -7.878  -5.844  -11.782 1.00 8.15  ? 92  GLU A CA  1 
ATOM   620  C C   . GLU A 1 82  ? -8.308  -4.410  -11.483 1.00 8.14  ? 92  GLU A C   1 
ATOM   621  O O   . GLU A 1 82  ? -7.527  -3.621  -10.944 1.00 8.48  ? 92  GLU A O   1 
ATOM   622  C CB  . GLU A 1 82  ? -7.471  -6.034  -13.243 1.00 8.09  ? 92  GLU A CB  1 
ATOM   623  C CG  . GLU A 1 82  ? -6.649  -7.307  -13.411 1.00 8.33  ? 92  GLU A CG  1 
ATOM   624  C CD  . GLU A 1 82  ? -6.588  -7.871  -14.819 1.00 8.93  ? 92  GLU A CD  1 
ATOM   625  O OE1 . GLU A 1 82  ? -7.201  -7.312  -15.744 1.00 8.38  ? 92  GLU A OE1 1 
ATOM   626  O OE2 . GLU A 1 82  ? -5.907  -8.915  -14.992 1.00 8.20  ? 92  GLU A OE2 1 
ATOM   627  N N   . ASN A 1 83  ? -9.547  -4.074  -11.805 1.00 8.51  ? 93  ASN A N   1 
ATOM   628  C CA  . ASN A 1 83  ? -10.043 -2.726  -11.559 1.00 8.83  ? 93  ASN A CA  1 
ATOM   629  C C   . ASN A 1 83  ? -10.023 -2.401  -10.075 1.00 8.58  ? 93  ASN A C   1 
ATOM   630  O O   . ASN A 1 83  ? -9.617  -1.320  -9.667  1.00 8.81  ? 93  ASN A O   1 
ATOM   631  C CB  . ASN A 1 83  ? -11.473 -2.582  -12.069 1.00 9.70  ? 93  ASN A CB  1 
ATOM   632  C CG  . ASN A 1 83  ? -11.601 -2.828  -13.557 1.00 10.39 ? 93  ASN A CG  1 
ATOM   633  O OD1 . ASN A 1 83  ? -10.635 -2.710  -14.307 1.00 12.01 ? 93  ASN A OD1 1 
ATOM   634  N ND2 . ASN A 1 83  ? -12.812 -3.170  -13.993 1.00 13.15 ? 93  ASN A ND2 1 
ATOM   635  N N   . ARG A 1 84  ? -10.469 -3.347  -9.268  1.00 8.62  ? 94  ARG A N   1 
ATOM   636  C CA  . ARG A 1 84  ? -10.581 -3.120  -7.829  1.00 8.52  ? 94  ARG A CA  1 
ATOM   637  C C   . ARG A 1 84  ? -9.213  -3.091  -7.173  1.00 8.12  ? 94  ARG A C   1 
ATOM   638  O O   . ARG A 1 84  ? -8.967  -2.291  -6.285  1.00 7.94  ? 94  ARG A O   1 
ATOM   639  C CB  . ARG A 1 84  ? -11.469 -4.186  -7.195  1.00 9.07  ? 94  ARG A CB  1 
ATOM   640  C CG  . ARG A 1 84  ? -12.895 -4.161  -7.718  1.00 11.43 ? 94  ARG A CG  1 
ATOM   641  C CD  . ARG A 1 84  ? -13.626 -5.468  -7.475  1.00 14.73 ? 94  ARG A CD  1 
ATOM   642  N NE  . ARG A 1 84  ? -14.254 -5.479  -6.164  1.00 16.13 ? 94  ARG A NE  1 
ATOM   643  C CZ  . ARG A 1 84  ? -14.777 -6.542  -5.575  1.00 17.62 ? 94  ARG A CZ  1 
ATOM   644  N NH1 . ARG A 1 84  ? -15.334 -6.410  -4.377  1.00 18.87 ? 94  ARG A NH1 1 
ATOM   645  N NH2 . ARG A 1 84  ? -14.745 -7.734  -6.163  1.00 18.19 ? 94  ARG A NH2 1 
ATOM   646  N N   . ILE A 1 85  ? -8.317  -3.957  -7.611  1.00 8.07  ? 95  ILE A N   1 
ATOM   647  C CA  . ILE A 1 85  ? -6.947  -3.926  -7.121  1.00 8.14  ? 95  ILE A CA  1 
ATOM   648  C C   . ILE A 1 85  ? -6.307  -2.572  -7.462  1.00 7.65  ? 95  ILE A C   1 
ATOM   649  O O   . ILE A 1 85  ? -5.670  -1.944  -6.620  1.00 7.36  ? 95  ILE A O   1 
ATOM   650  C CB  . ILE A 1 85  ? -6.115  -5.073  -7.728  1.00 8.56  ? 95  ILE A CB  1 
ATOM   651  C CG1 . ILE A 1 85  ? -6.619  -6.421  -7.221  1.00 8.98  ? 95  ILE A CG1 1 
ATOM   652  C CG2 . ILE A 1 85  ? -4.639  -4.888  -7.376  1.00 7.91  ? 95  ILE A CG2 1 
ATOM   653  C CD1 . ILE A 1 85  ? -6.178  -7.594  -8.067  1.00 9.28  ? 95  ILE A CD1 1 
ATOM   654  N N   . CYS A 1 86  ? -6.468  -2.116  -8.698  1.00 7.45  ? 96  CYS A N   1 
ATOM   655  C CA  . CYS A 1 86  ? -5.900  -0.842  -9.103  1.00 8.11  ? 96  CYS A CA  1 
ATOM   656  C C   . CYS A 1 86  ? -6.405  0.292   -8.198  1.00 8.00  ? 96  CYS A C   1 
ATOM   657  O O   . CYS A 1 86  ? -5.635  1.147   -7.764  1.00 8.19  ? 96  CYS A O   1 
ATOM   658  C CB  . CYS A 1 86  ? -6.204  -0.555  -10.573 1.00 8.21  ? 96  CYS A CB  1 
ATOM   659  S SG  . CYS A 1 86  ? -5.428  0.966   -11.181 1.00 9.32  ? 96  CYS A SG  1 
ATOM   660  N N   . GLU A 1 87  ? -7.697  0.312   -7.905  1.00 8.06  ? 97  GLU A N   1 
ATOM   661  C CA  . GLU A 1 87  ? -8.251  1.368   -7.058  1.00 8.48  ? 97  GLU A CA  1 
ATOM   662  C C   . GLU A 1 87  ? -7.657  1.316   -5.649  1.00 8.15  ? 97  GLU A C   1 
ATOM   663  O O   . GLU A 1 87  ? -7.413  2.357   -5.035  1.00 8.55  ? 97  GLU A O   1 
ATOM   664  C CB  . GLU A 1 87  ? -9.775  1.306   -7.024  1.00 8.98  ? 97  GLU A CB  1 
ATOM   665  C CG  . GLU A 1 87  ? -10.416 1.680   -8.360  1.00 11.47 ? 97  GLU A CG  1 
ATOM   666  C CD  . GLU A 1 87  ? -10.197 3.129   -8.768  1.00 12.74 ? 97  GLU A CD  1 
ATOM   667  O OE1 . GLU A 1 87  ? -9.975  3.985   -7.877  1.00 14.21 ? 97  GLU A OE1 1 
ATOM   668  O OE2 . GLU A 1 87  ? -10.243 3.421   -9.988  1.00 13.77 ? 97  GLU A OE2 1 
ATOM   669  N N   . CYS A 1 88  ? -7.409  0.122   -5.130  1.00 7.69  ? 98  CYS A N   1 
ATOM   670  C CA  . CYS A 1 88  ? -6.766  0.000   -3.828  1.00 7.72  ? 98  CYS A CA  1 
ATOM   671  C C   . CYS A 1 88  ? -5.357  0.573   -3.851  1.00 7.80  ? 98  CYS A C   1 
ATOM   672  O O   . CYS A 1 88  ? -4.947  1.277   -2.929  1.00 7.47  ? 98  CYS A O   1 
ATOM   673  C CB  . CYS A 1 88  ? -6.678  -1.460  -3.396  1.00 7.41  ? 98  CYS A CB  1 
ATOM   674  S SG  . CYS A 1 88  ? -8.251  -2.245  -2.954  1.00 8.52  ? 98  CYS A SG  1 
ATOM   675  N N   . ASP A 1 89  ? -4.597  0.241   -4.889  1.00 7.18  ? 99  ASP A N   1 
ATOM   676  C CA  . ASP A 1 89  ? -3.205  0.672   -4.990  1.00 7.20  ? 99  ASP A CA  1 
ATOM   677  C C   . ASP A 1 89  ? -3.129  2.174   -5.211  1.00 7.58  ? 99  ASP A C   1 
ATOM   678  O O   . ASP A 1 89  ? -2.302  2.848   -4.599  1.00 7.27  ? 99  ASP A O   1 
ATOM   679  C CB  . ASP A 1 89  ? -2.476  -0.065  -6.115  1.00 7.04  ? 99  ASP A CB  1 
ATOM   680  C CG  . ASP A 1 89  ? -2.179  -1.499  -5.791  1.00 7.22  ? 99  ASP A CG  1 
ATOM   681  O OD1 . ASP A 1 89  ? -2.557  -1.980  -4.696  1.00 7.94  ? 99  ASP A OD1 1 
ATOM   682  O OD2 . ASP A 1 89  ? -1.571  -2.211  -6.621  1.00 8.28  ? 99  ASP A OD2 1 
ATOM   683  N N   . LYS A 1 90  ? -3.977  2.693   -6.097  1.00 7.43  ? 100 LYS A N   1 
ATOM   684  C CA  . LYS A 1 90  ? -4.064  4.129   -6.365  1.00 7.76  ? 100 LYS A CA  1 
ATOM   685  C C   . LYS A 1 90  ? -4.292  4.901   -5.063  1.00 7.86  ? 100 LYS A C   1 
ATOM   686  O O   . LYS A 1 90  ? -3.612  5.894   -4.786  1.00 8.17  ? 100 LYS A O   1 
ATOM   687  C CB  . LYS A 1 90  ? -5.207  4.400   -7.346  1.00 7.93  ? 100 LYS A CB  1 
ATOM   688  C CG  . LYS A 1 90  ? -5.555  5.872   -7.495  1.00 8.11  ? 100 LYS A CG  1 
ATOM   689  C CD  . LYS A 1 90  ? -6.658  6.102   -8.496  1.00 8.92  ? 100 LYS A CD  1 
ATOM   690  C CE  . LYS A 1 90  ? -7.112  7.543   -8.493  1.00 10.05 ? 100 LYS A CE  1 
ATOM   691  N NZ  . LYS A 1 90  ? -8.218  7.775   -9.466  1.00 12.69 ? 100 LYS A NZ  1 
ATOM   692  N N   . ALA A 1 91  ? -5.252  4.451   -4.268  1.00 7.54  ? 101 ALA A N   1 
ATOM   693  C CA  . ALA A 1 91  ? -5.561  5.115   -3.017  1.00 7.54  ? 101 ALA A CA  1 
ATOM   694  C C   . ALA A 1 91  ? -4.338  5.117   -2.098  1.00 7.50  ? 101 ALA A C   1 
ATOM   695  O O   . ALA A 1 91  ? -4.012  6.129   -1.489  1.00 7.81  ? 101 ALA A O   1 
ATOM   696  C CB  . ALA A 1 91  ? -6.737  4.446   -2.346  1.00 7.37  ? 101 ALA A CB  1 
ATOM   697  N N   . ALA A 1 92  ? -3.668  3.980   -1.981  1.00 7.68  ? 102 ALA A N   1 
ATOM   698  C CA  . ALA A 1 92  ? -2.508  3.888   -1.103  1.00 7.77  ? 102 ALA A CA  1 
ATOM   699  C C   . ALA A 1 92  ? -1.375  4.800   -1.568  1.00 8.11  ? 102 ALA A C   1 
ATOM   700  O O   . ALA A 1 92  ? -0.734  5.461   -0.751  1.00 8.23  ? 102 ALA A O   1 
ATOM   701  C CB  . ALA A 1 92  ? -2.033  2.453   -1.012  1.00 7.72  ? 102 ALA A CB  1 
ATOM   702  N N   . ALA A 1 93  ? -1.121  4.844   -2.871  1.00 8.49  ? 103 ALA A N   1 
ATOM   703  C CA  . ALA A 1 93  ? -0.059  5.692   -3.401  1.00 9.16  ? 103 ALA A CA  1 
ATOM   704  C C   . ALA A 1 93  ? -0.354  7.172   -3.125  1.00 9.48  ? 103 ALA A C   1 
ATOM   705  O O   . ALA A 1 93  ? 0.528   7.936   -2.728  1.00 9.96  ? 103 ALA A O   1 
ATOM   706  C CB  . ALA A 1 93  ? 0.116   5.442   -4.893  1.00 9.51  ? 103 ALA A CB  1 
ATOM   707  N N   . ILE A 1 94  ? -1.593  7.583   -3.340  1.00 9.20  ? 104 ILE A N   1 
ATOM   708  C CA  . ILE A 1 94  ? -2.022  8.939   -3.019  1.00 9.67  ? 104 ILE A CA  1 
ATOM   709  C C   . ILE A 1 94  ? -1.879  9.190   -1.516  1.00 9.52  ? 104 ILE A C   1 
ATOM   710  O O   . ILE A 1 94  ? -1.428  10.253  -1.087  1.00 9.97  ? 104 ILE A O   1 
ATOM   711  C CB  . ILE A 1 94  ? -3.474  9.149   -3.467  1.00 10.06 ? 104 ILE A CB  1 
ATOM   712  C CG1 . ILE A 1 94  ? -3.526  9.173   -4.999  1.00 11.52 ? 104 ILE A CG1 1 
ATOM   713  C CG2 . ILE A 1 94  ? -4.027  10.412  -2.868  1.00 11.71 ? 104 ILE A CG2 1 
ATOM   714  C CD1 . ILE A 1 94  ? -4.907  9.141   -5.591  1.00 12.65 ? 104 ILE A CD1 1 
ATOM   715  N N   . CYS A 1 95  ? -2.270  8.214   -0.710  1.00 8.95  ? 105 CYS A N   1 
ATOM   716  C CA  . CYS A 1 95  ? -2.173  8.337   0.738   1.00 8.87  ? 105 CYS A CA  1 
ATOM   717  C C   . CYS A 1 95  ? -0.707  8.512   1.165   1.00 8.58  ? 105 CYS A C   1 
ATOM   718  O O   . CYS A 1 95  ? -0.402  9.349   2.018   1.00 8.57  ? 105 CYS A O   1 
ATOM   719  C CB  . CYS A 1 95  ? -2.835  7.129   1.391   1.00 8.69  ? 105 CYS A CB  1 
ATOM   720  S SG  . CYS A 1 95  ? -2.936  7.208   3.182   1.00 9.04  ? 105 CYS A SG  1 
ATOM   721  N N   . PHE A 1 96  ? 0.201   7.742   0.570   1.00 8.94  ? 106 PHE A N   1 
ATOM   722  C CA  . PHE A 1 96  ? 1.617   7.883   0.906   1.00 8.93  ? 106 PHE A CA  1 
ATOM   723  C C   . PHE A 1 96  ? 2.090   9.298   0.569   1.00 9.14  ? 106 PHE A C   1 
ATOM   724  O O   . PHE A 1 96  ? 2.795   9.928   1.358   1.00 9.10  ? 106 PHE A O   1 
ATOM   725  C CB  . PHE A 1 96  ? 2.506   6.876   0.173   1.00 9.20  ? 106 PHE A CB  1 
ATOM   726  C CG  . PHE A 1 96  ? 2.337   5.440   0.607   1.00 8.65  ? 106 PHE A CG  1 
ATOM   727  C CD1 . PHE A 1 96  ? 2.053   5.085   1.915   1.00 9.13  ? 106 PHE A CD1 1 
ATOM   728  C CD2 . PHE A 1 96  ? 2.530   4.428   -0.320  1.00 9.74  ? 106 PHE A CD2 1 
ATOM   729  C CE1 . PHE A 1 96  ? 1.929   3.745   2.270   1.00 9.10  ? 106 PHE A CE1 1 
ATOM   730  C CE2 . PHE A 1 96  ? 2.405   3.094   0.030   1.00 10.85 ? 106 PHE A CE2 1 
ATOM   731  C CZ  . PHE A 1 96  ? 2.106   2.749   1.316   1.00 10.28 ? 106 PHE A CZ  1 
ATOM   732  N N   . ARG A 1 97  ? 1.703   9.802   -0.597  1.00 9.31  ? 107 ARG A N   1 
ATOM   733  C CA  . ARG A 1 97  ? 2.058   11.159  -1.013  1.00 9.83  ? 107 ARG A CA  1 
ATOM   734  C C   . ARG A 1 97  ? 1.510   12.199  -0.038  1.00 9.75  ? 107 ARG A C   1 
ATOM   735  O O   . ARG A 1 97  ? 2.208   13.162  0.317   1.00 10.47 ? 107 ARG A O   1 
ATOM   736  C CB  . ARG A 1 97  ? 1.520   11.452  -2.411  1.00 10.21 ? 107 ARG A CB  1 
ATOM   737  C CG  . ARG A 1 97  ? 1.874   12.847  -2.905  1.00 11.84 ? 107 ARG A CG  1 
ATOM   738  C CD  . ARG A 1 97  ? 3.335   13.000  -3.238  1.00 12.68 ? 107 ARG A CD  1 
ATOM   739  N NE  . ARG A 1 97  ? 3.726   14.369  -3.565  1.00 15.75 ? 107 ARG A NE  1 
ATOM   740  C CZ  . ARG A 1 97  ? 4.045   15.286  -2.655  1.00 17.82 ? 107 ARG A CZ  1 
ATOM   741  N NH1 . ARG A 1 97  ? 4.414   16.502  -3.040  1.00 20.25 ? 107 ARG A NH1 1 
ATOM   742  N NH2 . ARG A 1 97  ? 3.989   15.001  -1.361  1.00 18.78 ? 107 ARG A NH2 1 
ATOM   743  N N   . GLN A 1 98  ? 0.265   12.028  0.389   1.00 10.14 ? 108 GLN A N   1 
ATOM   744  C CA  . GLN A 1 98  ? -0.382  12.961  1.293   1.00 10.71 ? 108 GLN A CA  1 
ATOM   745  C C   . GLN A 1 98  ? 0.271   12.972  2.668   1.00 10.54 ? 108 GLN A C   1 
ATOM   746  O O   . GLN A 1 98  ? 0.105   13.935  3.419   1.00 12.11 ? 108 GLN A O   1 
ATOM   747  C CB  . GLN A 1 98  ? -1.855  12.579  1.416   1.00 11.17 ? 108 GLN A CB  1 
ATOM   748  C CG  . GLN A 1 98  ? -2.695  13.557  2.150   1.00 12.92 ? 108 GLN A CG  1 
ATOM   749  C CD  . GLN A 1 98  ? -4.131  13.526  1.651   1.00 15.62 ? 108 GLN A CD  1 
ATOM   750  O OE1 . GLN A 1 98  ? -4.755  12.461  1.598   1.00 15.32 ? 108 GLN A OE1 1 
ATOM   751  N NE2 . GLN A 1 98  ? -4.654  14.685  1.268   1.00 17.51 ? 108 GLN A NE2 1 
ATOM   752  N N   . ASN A 1 99  ? 1.002   11.917  3.011   1.00 10.57 ? 109 ASN A N   1 
ATOM   753  C CA  . ASN A 1 99  ? 1.586   11.796  4.341   1.00 10.47 ? 109 ASN A CA  1 
ATOM   754  C C   . ASN A 1 99  ? 3.112   11.732  4.372   1.00 10.78 ? 109 ASN A C   1 
ATOM   755  O O   . ASN A 1 99  ? 3.705   11.389  5.390   1.00 10.41 ? 109 ASN A O   1 
ATOM   756  C CB  . ASN A 1 99  ? 0.958   10.602  5.035   1.00 9.83  ? 109 ASN A CB  1 
ATOM   757  C CG  . ASN A 1 99  ? -0.494  10.846  5.347   1.00 10.39 ? 109 ASN A CG  1 
ATOM   758  O OD1 . ASN A 1 99  ? -0.815  11.693  6.177   1.00 10.70 ? 109 ASN A OD1 1 
ATOM   759  N ND2 . ASN A 1 99  ? -1.389  10.146  4.658   1.00 9.96  ? 109 ASN A ND2 1 
ATOM   760  N N   . LEU A 1 100 ? 3.746   12.073  3.260   1.00 11.59 ? 110 LEU A N   1 
ATOM   761  C CA  . LEU A 1 100 ? 5.204   12.112  3.206   1.00 13.34 ? 110 LEU A CA  1 
ATOM   762  C C   . LEU A 1 100 ? 5.764   13.060  4.256   1.00 14.32 ? 110 LEU A C   1 
ATOM   763  O O   . LEU A 1 100 ? 6.872   12.865  4.753   1.00 15.56 ? 110 LEU A O   1 
ATOM   764  C CB  . LEU A 1 100 ? 5.686   12.604  1.851   1.00 14.14 ? 110 LEU A CB  1 
ATOM   765  C CG  . LEU A 1 100 ? 5.948   11.550  0.792   1.00 15.20 ? 110 LEU A CG  1 
ATOM   766  C CD1 . LEU A 1 100 ? 6.462   12.249  -0.451  1.00 15.86 ? 110 LEU A CD1 1 
ATOM   767  C CD2 . LEU A 1 100 ? 6.940   10.482  1.251   1.00 14.99 ? 110 LEU A CD2 1 
ATOM   768  N N   . ASN A 1 101 ? 4.998   14.095  4.574   1.00 14.97 ? 111 ASN A N   1 
ATOM   769  C CA  . ASN A 1 101 ? 5.431   15.115  5.512   1.00 16.05 ? 111 ASN A CA  1 
ATOM   770  C C   . ASN A 1 101 ? 5.638   14.588  6.923   1.00 15.53 ? 111 ASN A C   1 
ATOM   771  O O   . ASN A 1 101 ? 6.264   15.259  7.744   1.00 17.06 ? 111 ASN A O   1 
ATOM   772  C CB  . ASN A 1 101 ? 4.489   16.342  5.498   1.00 16.56 ? 111 ASN A CB  1 
ATOM   773  C CG  . ASN A 1 101 ? 3.048   16.033  5.933   1.00 17.69 ? 111 ASN A CG  1 
ATOM   774  O OD1 . ASN A 1 101 ? 2.309   16.947  6.306   1.00 21.94 ? 111 ASN A OD1 1 
ATOM   775  N ND2 . ASN A 1 101 ? 2.630   14.770  5.843   1.00 18.99 ? 111 ASN A ND2 1 
ATOM   776  N N   . THR A 1 102 ? 5.092   13.414  7.238   1.00 14.34 ? 112 THR A N   1 
ATOM   777  C CA  . THR A 1 102 ? 5.303   12.831  8.566   1.00 13.62 ? 112 THR A CA  1 
ATOM   778  C C   . THR A 1 102 ? 5.990   11.471  8.501   1.00 12.79 ? 112 THR A C   1 
ATOM   779  O O   . THR A 1 102 ? 6.112   10.812  9.519   1.00 12.78 ? 112 THR A O   1 
ATOM   780  C CB  . THR A 1 102 ? 3.990   12.698  9.370   1.00 13.73 ? 112 THR A CB  1 
ATOM   781  O OG1 . THR A 1 102 ? 3.046   11.878  8.662   1.00 13.46 ? 112 THR A OG1 1 
ATOM   782  C CG2 . THR A 1 102 ? 3.286   14.045  9.530   1.00 14.40 ? 112 THR A CG2 1 
ATOM   783  N N   . TYR A 1 103 ? 6.421   11.056  7.312   1.00 12.39 ? 113 TYR A N   1 
ATOM   784  C CA  . TYR A 1 103 ? 7.083   9.770   7.159   1.00 12.20 ? 113 TYR A CA  1 
ATOM   785  C C   . TYR A 1 103 ? 8.300   9.789   8.089   1.00 12.37 ? 113 TYR A C   1 
ATOM   786  O O   . TYR A 1 103 ? 9.023   10.786  8.122   1.00 12.76 ? 113 TYR A O   1 
ATOM   787  C CB  . TYR A 1 103 ? 7.518   9.576   5.705   1.00 12.08 ? 113 TYR A CB  1 
ATOM   788  C CG  . TYR A 1 103 ? 8.280   8.292   5.446   1.00 11.98 ? 113 TYR A CG  1 
ATOM   789  C CD1 . TYR A 1 103 ? 9.627   8.186   5.775   1.00 12.68 ? 113 TYR A CD1 1 
ATOM   790  C CD2 . TYR A 1 103 ? 7.660   7.199   4.852   1.00 12.58 ? 113 TYR A CD2 1 
ATOM   791  C CE1 . TYR A 1 103 ? 10.322  7.032   5.553   1.00 13.14 ? 113 TYR A CE1 1 
ATOM   792  C CE2 . TYR A 1 103 ? 8.354   6.024   4.624   1.00 12.77 ? 113 TYR A CE2 1 
ATOM   793  C CZ  . TYR A 1 103 ? 9.689   5.948   4.980   1.00 12.63 ? 113 TYR A CZ  1 
ATOM   794  O OH  . TYR A 1 103 ? 10.422  4.799   4.760   1.00 13.18 ? 113 TYR A OH  1 
ATOM   795  N N   . SER A 1 104 ? 8.522   8.719   8.844   1.00 12.35 ? 114 SER A N   1 
ATOM   796  C CA  . SER A 1 104 ? 9.658   8.659   9.776   1.00 13.14 ? 114 SER A CA  1 
ATOM   797  C C   . SER A 1 104 ? 10.478  7.390   9.569   1.00 13.69 ? 114 SER A C   1 
ATOM   798  O O   . SER A 1 104 ? 9.972   6.282   9.716   1.00 13.38 ? 114 SER A O   1 
ATOM   799  C CB  . SER A 1 104 ? 9.171   8.713   11.220  1.00 13.22 ? 114 SER A CB  1 
ATOM   800  O OG  . SER A 1 104 ? 8.578   9.961   11.528  1.00 16.80 ? 114 SER A OG  1 
ATOM   801  N N   . LYS A 1 105 ? 11.764  7.559   9.265   1.00 15.00 ? 115 LYS A N   1 
ATOM   802  C CA  . LYS A 1 105 ? 12.660  6.422   9.038   1.00 15.99 ? 115 LYS A CA  1 
ATOM   803  C C   . LYS A 1 105 ? 12.750  5.487   10.254  1.00 16.12 ? 115 LYS A C   1 
ATOM   804  O O   . LYS A 1 105 ? 13.078  4.317   10.098  1.00 16.79 ? 115 LYS A O   1 
ATOM   805  C CB  . LYS A 1 105 ? 14.073  6.887   8.647   1.00 16.79 ? 115 LYS A CB  1 
ATOM   806  C CG  . LYS A 1 105 ? 14.246  7.463   7.242   1.00 19.21 ? 115 LYS A CG  1 
ATOM   807  C CD  . LYS A 1 105 ? 15.675  8.036   7.070   1.00 21.88 ? 115 LYS A CD  1 
ATOM   808  C CE  . LYS A 1 105 ? 16.324  7.817   5.700   1.00 24.01 ? 115 LYS A CE  1 
ATOM   809  N NZ  . LYS A 1 105 ? 15.484  8.229   4.544   1.00 26.04 ? 115 LYS A NZ  1 
ATOM   810  N N   . LYS A 1 106 ? 12.444  5.974   11.449  1.00 16.17 ? 116 LYS A N   1 
ATOM   811  C CA  . LYS A 1 106 ? 12.512  5.130   12.642  1.00 16.67 ? 116 LYS A CA  1 
ATOM   812  C C   . LYS A 1 106 ? 11.499  3.983   12.602  1.00 15.96 ? 116 LYS A C   1 
ATOM   813  O O   . LYS A 1 106 ? 11.610  3.042   13.391  1.00 16.66 ? 116 LYS A O   1 
ATOM   814  C CB  . LYS A 1 106 ? 12.305  5.939   13.915  1.00 17.32 ? 116 LYS A CB  1 
ATOM   815  C CG  . LYS A 1 106 ? 10.866  6.263   14.182  1.00 18.87 ? 116 LYS A CG  1 
ATOM   816  C CD  . LYS A 1 106 ? 10.747  7.271   15.271  1.00 21.31 ? 116 LYS A CD  1 
ATOM   817  C CE  . LYS A 1 106 ? 9.400   7.914   15.242  1.00 22.27 ? 116 LYS A CE  1 
ATOM   818  N NZ  . LYS A 1 106 ? 9.273   8.841   16.393  1.00 24.46 ? 116 LYS A NZ  1 
ATOM   819  N N   . TYR A 1 107 ? 10.512  4.052   11.704  1.00 15.08 ? 117 TYR A N   1 
ATOM   820  C CA  . TYR A 1 107 ? 9.519   2.975   11.581  1.00 14.16 ? 117 TYR A CA  1 
ATOM   821  C C   . TYR A 1 107 ? 9.890   1.933   10.525  1.00 13.86 ? 117 TYR A C   1 
ATOM   822  O O   . TYR A 1 107 ? 9.172   0.957   10.352  1.00 13.28 ? 117 TYR A O   1 
ATOM   823  C CB  . TYR A 1 107 ? 8.112   3.526   11.332  1.00 13.95 ? 117 TYR A CB  1 
ATOM   824  C CG  . TYR A 1 107 ? 7.578   4.314   12.501  1.00 13.92 ? 117 TYR A CG  1 
ATOM   825  C CD1 . TYR A 1 107 ? 7.637   3.815   13.798  1.00 14.21 ? 117 TYR A CD1 1 
ATOM   826  C CD2 . TYR A 1 107 ? 7.027   5.565   12.315  1.00 13.99 ? 117 TYR A CD2 1 
ATOM   827  C CE1 . TYR A 1 107 ? 7.151   4.544   14.869  1.00 15.87 ? 117 TYR A CE1 1 
ATOM   828  C CE2 . TYR A 1 107 ? 6.537   6.291   13.374  1.00 15.67 ? 117 TYR A CE2 1 
ATOM   829  C CZ  . TYR A 1 107 ? 6.598   5.787   14.646  1.00 15.79 ? 117 TYR A CZ  1 
ATOM   830  O OH  . TYR A 1 107 ? 6.107   6.522   15.710  1.00 18.82 ? 117 TYR A OH  1 
ATOM   831  N N   . MET A 1 108 ? 11.005  2.127   9.820   1.00 13.98 ? 118 MET A N   1 
ATOM   832  C CA  . MET A 1 108 ? 11.486  1.095   8.890   1.00 14.34 ? 118 MET A CA  1 
ATOM   833  C C   . MET A 1 108 ? 12.012  -0.101  9.701   1.00 13.95 ? 118 MET A C   1 
ATOM   834  O O   . MET A 1 108 ? 12.666  0.089   10.730  1.00 14.92 ? 118 MET A O   1 
ATOM   835  C CB  . MET A 1 108 ? 12.594  1.641   7.993   1.00 14.71 ? 118 MET A CB  1 
ATOM   836  C CG  . MET A 1 108 ? 12.114  2.740   7.049   1.00 15.32 ? 118 MET A CG  1 
ATOM   837  S SD  . MET A 1 108 ? 13.431  3.586   6.163   1.00 18.18 ? 118 MET A SD  1 
ATOM   838  C CE  . MET A 1 108 ? 14.170  2.205   5.275   1.00 16.93 ? 118 MET A CE  1 
ATOM   839  N N   . LEU A 1 109 ? 11.731  -1.319  9.240   1.00 14.42 ? 119 LEU A N   1 
ATOM   840  C CA  . LEU A 1 109 ? 12.142  -2.543  9.939   1.00 14.69 ? 119 LEU A CA  1 
ATOM   841  C C   . LEU A 1 109 ? 11.566  -2.579  11.347  1.00 14.91 ? 119 LEU A C   1 
ATOM   842  O O   . LEU A 1 109 ? 12.203  -3.076  12.277  1.00 16.24 ? 119 LEU A O   1 
ATOM   843  C CB  . LEU A 1 109 ? 13.672  -2.676  9.986   1.00 14.60 ? 119 LEU A CB  1 
ATOM   844  C CG  . LEU A 1 109 ? 14.334  -2.713  8.605   1.00 15.87 ? 119 LEU A CG  1 
ATOM   845  C CD1 . LEU A 1 109 ? 15.845  -2.794  8.717   1.00 17.37 ? 119 LEU A CD1 1 
ATOM   846  C CD2 . LEU A 1 109 ? 13.803  -3.872  7.762   1.00 16.70 ? 119 LEU A CD2 1 
ATOM   847  N N   . TYR A 1 110 ? 10.351  -2.065  11.508  1.00 14.68 ? 120 TYR A N   1 
ATOM   848  C CA  . TYR A 1 110 ? 9.726   -1.998  12.818  1.00 14.05 ? 120 TYR A CA  1 
ATOM   849  C C   . TYR A 1 110 ? 9.491   -3.426  13.317  1.00 13.55 ? 120 TYR A C   1 
ATOM   850  O O   . TYR A 1 110 ? 8.943   -4.251  12.595  1.00 13.40 ? 120 TYR A O   1 
ATOM   851  C CB  . TYR A 1 110 ? 8.410   -1.215  12.733  1.00 14.00 ? 120 TYR A CB  1 
ATOM   852  C CG  . TYR A 1 110 ? 7.911   -0.721  14.067  1.00 14.63 ? 120 TYR A CG  1 
ATOM   853  C CD1 . TYR A 1 110 ? 8.598   0.255   14.772  1.00 16.36 ? 120 TYR A CD1 1 
ATOM   854  C CD2 . TYR A 1 110 ? 6.746   -1.229  14.617  1.00 14.81 ? 120 TYR A CD2 1 
ATOM   855  C CE1 . TYR A 1 110 ? 8.142   0.706   15.986  1.00 15.57 ? 120 TYR A CE1 1 
ATOM   856  C CE2 . TYR A 1 110 ? 6.275   -0.782  15.826  1.00 15.09 ? 120 TYR A CE2 1 
ATOM   857  C CZ  . TYR A 1 110 ? 6.972   0.181   16.512  1.00 15.71 ? 120 TYR A CZ  1 
ATOM   858  O OH  . TYR A 1 110 ? 6.489   0.614   17.726  1.00 17.72 ? 120 TYR A OH  1 
ATOM   859  N N   . PRO A 1 111 ? 9.924   -3.733  14.535  1.00 13.44 ? 121 PRO A N   1 
ATOM   860  C CA  . PRO A 1 111 ? 9.783   -5.091  15.079  1.00 13.16 ? 121 PRO A CA  1 
ATOM   861  C C   . PRO A 1 111 ? 8.345   -5.532  15.372  1.00 12.45 ? 121 PRO A C   1 
ATOM   862  O O   . PRO A 1 111 ? 7.557   -4.779  15.952  1.00 12.68 ? 121 PRO A O   1 
ATOM   863  C CB  . PRO A 1 111 ? 10.602  -5.046  16.378  1.00 13.36 ? 121 PRO A CB  1 
ATOM   864  C CG  . PRO A 1 111 ? 11.158  -3.682  16.507  1.00 15.91 ? 121 PRO A CG  1 
ATOM   865  C CD  . PRO A 1 111 ? 10.635  -2.829  15.446  1.00 14.10 ? 121 PRO A CD  1 
ATOM   866  N N   . ASP A 1 112 ? 8.028   -6.767  15.003  1.00 11.65 ? 122 ASP A N   1 
ATOM   867  C CA  . ASP A 1 112 ? 6.697   -7.331  15.170  1.00 12.19 ? 122 ASP A CA  1 
ATOM   868  C C   . ASP A 1 112 ? 6.131   -7.175  16.587  1.00 12.57 ? 122 ASP A C   1 
ATOM   869  O O   . ASP A 1 112 ? 4.925   -6.965  16.769  1.00 12.46 ? 122 ASP A O   1 
ATOM   870  C CB  . ASP A 1 112 ? 6.739   -8.808  14.813  1.00 12.66 ? 122 ASP A CB  1 
ATOM   871  C CG  . ASP A 1 112 ? 5.378   -9.455  14.883  1.00 13.43 ? 122 ASP A CG  1 
ATOM   872  O OD1 . ASP A 1 112 ? 5.083   -10.093 15.908  1.00 14.86 ? 122 ASP A OD1 1 
ATOM   873  O OD2 . ASP A 1 112 ? 4.564   -9.371  13.955  1.00 17.05 ? 122 ASP A OD2 1 
ATOM   874  N N   . PHE A 1 113 ? 7.044   -7.408  17.659  1.00 13.03 ? 124 PHE A N   1 
ATOM   875  C CA  . PHE A 1 113 ? 6.440   -7.526  18.984  1.00 13.46 ? 124 PHE A CA  1 
ATOM   876  C C   . PHE A 1 113 ? 5.824   -6.207  19.453  1.00 14.00 ? 124 PHE A C   1 
ATOM   877  O O   . PHE A 1 113 ? 5.049   -6.217  20.403  1.00 13.79 ? 124 PHE A O   1 
ATOM   878  C CB  . PHE A 1 113 ? 7.471   -8.037  20.000  1.00 13.53 ? 124 PHE A CB  1 
ATOM   879  C CG  . PHE A 1 113 ? 8.399   -6.987  20.503  1.00 14.30 ? 124 PHE A CG  1 
ATOM   880  C CD1 . PHE A 1 113 ? 9.413   -6.492  19.707  1.00 14.45 ? 124 PHE A CD1 1 
ATOM   881  C CD2 . PHE A 1 113 ? 8.245   -6.469  21.781  1.00 16.94 ? 124 PHE A CD2 1 
ATOM   882  C CE1 . PHE A 1 113 ? 10.277  -5.524  20.174  1.00 15.13 ? 124 PHE A CE1 1 
ATOM   883  C CE2 . PHE A 1 113 ? 9.105   -5.491  22.252  1.00 16.39 ? 124 PHE A CE2 1 
ATOM   884  C CZ  . PHE A 1 113 ? 10.111  -5.015  21.450  1.00 16.93 ? 124 PHE A CZ  1 
ATOM   885  N N   . LEU A 1 114 ? 6.157   -5.102  18.787  1.00 14.53 ? 125 LEU A N   1 
ATOM   886  C CA  . LEU A 1 114 ? 5.609   -3.782  19.114  1.00 15.19 ? 125 LEU A CA  1 
ATOM   887  C C   . LEU A 1 114 ? 4.273   -3.544  18.414  1.00 15.27 ? 125 LEU A C   1 
ATOM   888  O O   . LEU A 1 114 ? 3.677   -2.470  18.540  1.00 16.33 ? 125 LEU A O   1 
ATOM   889  C CB  . LEU A 1 114 ? 6.598   -2.677  18.748  1.00 15.35 ? 125 LEU A CB  1 
ATOM   890  C CG  . LEU A 1 114 ? 7.866   -2.659  19.610  1.00 17.25 ? 125 LEU A CG  1 
ATOM   891  C CD1 . LEU A 1 114 ? 8.814   -1.578  19.138  1.00 18.26 ? 125 LEU A CD1 1 
ATOM   892  C CD2 . LEU A 1 114 ? 7.532   -2.469  21.079  1.00 19.15 ? 125 LEU A CD2 1 
ATOM   893  N N   . CYS A 1 115 ? 3.793   -4.555  17.701  1.00 15.41 ? 126 CYS A N   1 
ATOM   894  C CA  . CYS A 1 115 ? 2.532   -4.471  16.978  1.00 15.95 ? 126 CYS A CA  1 
ATOM   895  C C   . CYS A 1 115 ? 1.598   -5.499  17.559  1.00 17.69 ? 126 CYS A C   1 
ATOM   896  O O   . CYS A 1 115 ? 1.665   -6.667  17.199  1.00 18.39 ? 126 CYS A O   1 
ATOM   897  C CB  . CYS A 1 115 ? 2.764   -4.761  15.514  1.00 15.48 ? 126 CYS A CB  1 
ATOM   898  S SG  . CYS A 1 115 ? 3.842   -3.524  14.797  1.00 12.98 ? 126 CYS A SG  1 
ATOM   899  N N   . LYS A 1 116 ? 0.734   -5.064  18.463  1.00 19.46 ? 127 LYS A N   1 
ATOM   900  C CA  . LYS A 1 116 ? -0.133  -5.990  19.167  1.00 21.10 ? 127 LYS A CA  1 
ATOM   901  C C   . LYS A 1 116 ? -1.573  -5.511  19.090  1.00 21.88 ? 127 LYS A C   1 
ATOM   902  O O   . LYS A 1 116 ? -1.845  -4.319  19.174  1.00 22.53 ? 127 LYS A O   1 
ATOM   903  C CB  . LYS A 1 116 ? 0.250   -6.112  20.661  1.00 21.67 ? 127 LYS A CB  1 
ATOM   904  C CG  . LYS A 1 116 ? 1.736   -6.033  21.061  1.00 23.80 ? 127 LYS A CG  1 
ATOM   905  C CD  . LYS A 1 116 ? 1.866   -5.271  22.423  1.00 26.10 ? 127 LYS A CD  1 
ATOM   906  C CE  . LYS A 1 116 ? 2.623   -3.950  22.369  1.00 27.52 ? 127 LYS A CE  1 
ATOM   907  N NZ  . LYS A 1 116 ? 4.067   -4.189  22.670  1.00 28.89 ? 127 LYS A NZ  1 
ATOM   908  N N   . GLY A 1 117 ? -2.494  -6.447  18.939  1.00 22.91 ? 128 GLY A N   1 
ATOM   909  C CA  . GLY A 1 117 ? -3.901  -6.107  18.978  1.00 23.49 ? 128 GLY A CA  1 
ATOM   910  C C   . GLY A 1 117 ? -4.500  -6.081  17.598  1.00 24.00 ? 128 GLY A C   1 
ATOM   911  O O   . GLY A 1 117 ? -3.850  -5.722  16.623  1.00 24.54 ? 128 GLY A O   1 
ATOM   912  N N   . GLU A 1 118 ? -5.756  -6.479  17.509  1.00 24.56 ? 129 GLU A N   1 
ATOM   913  C CA  . GLU A 1 118 ? -6.426  -6.473  16.231  1.00 24.62 ? 129 GLU A CA  1 
ATOM   914  C C   . GLU A 1 118 ? -7.223  -5.175  16.155  1.00 23.75 ? 129 GLU A C   1 
ATOM   915  O O   . GLU A 1 118 ? -7.772  -4.711  17.157  1.00 24.19 ? 129 GLU A O   1 
ATOM   916  C CB  . GLU A 1 118 ? -7.264  -7.740  16.058  1.00 25.23 ? 129 GLU A CB  1 
ATOM   917  C CG  . GLU A 1 118 ? -6.409  -8.908  15.562  1.00 27.32 ? 129 GLU A CG  1 
ATOM   918  C CD  . GLU A 1 118 ? -6.426  -10.114 16.488  1.00 29.76 ? 129 GLU A CD  1 
ATOM   919  O OE1 . GLU A 1 118 ? -5.405  -10.350 17.177  1.00 31.81 ? 129 GLU A OE1 1 
ATOM   920  O OE2 . GLU A 1 118 ? -7.451  -10.830 16.538  1.00 31.97 ? 129 GLU A OE2 1 
ATOM   921  N N   . LEU A 1 119 ? -7.197  -4.556  14.983  1.00 22.43 ? 130 LEU A N   1 
ATOM   922  C CA  . LEU A 1 119 ? -7.916  -3.321  14.726  1.00 21.61 ? 130 LEU A CA  1 
ATOM   923  C C   . LEU A 1 119 ? -8.830  -3.699  13.569  1.00 20.02 ? 130 LEU A C   1 
ATOM   924  O O   . LEU A 1 119 ? -8.366  -4.189  12.539  1.00 19.60 ? 130 LEU A O   1 
ATOM   925  C CB  . LEU A 1 119 ? -6.934  -2.211  14.342  1.00 22.02 ? 130 LEU A CB  1 
ATOM   926  C CG  . LEU A 1 119 ? -7.231  -0.755  14.700  1.00 24.23 ? 130 LEU A CG  1 
ATOM   927  C CD1 . LEU A 1 119 ? -5.911  -0.014  14.817  1.00 25.05 ? 130 LEU A CD1 1 
ATOM   928  C CD2 . LEU A 1 119 ? -8.122  -0.082  13.679  1.00 25.06 ? 130 LEU A CD2 1 
ATOM   929  N N   . LYS A 1 120 ? -10.131 -3.517  13.746  1.00 18.33 ? 131 LYS A N   1 
ATOM   930  C CA  . LYS A 1 120 ? -11.090 -3.933  12.732  1.00 17.44 ? 131 LYS A CA  1 
ATOM   931  C C   . LYS A 1 120 ? -11.104 -2.973  11.555  1.00 16.43 ? 131 LYS A C   1 
ATOM   932  O O   . LYS A 1 120 ? -10.963 -1.766  11.716  1.00 14.89 ? 131 LYS A O   1 
ATOM   933  C CB  . LYS A 1 120 ? -12.488 -4.060  13.335  1.00 17.61 ? 131 LYS A CB  1 
ATOM   934  C CG  . LYS A 1 120 ? -12.556 -5.091  14.453  1.00 18.84 ? 131 LYS A CG  1 
ATOM   935  C CD  . LYS A 1 120 ? -13.972 -5.308  14.962  1.00 19.27 ? 131 LYS A CD  1 
ATOM   936  C CE  . LYS A 1 120 ? -14.028 -6.445  15.981  1.00 20.59 ? 131 LYS A CE  1 
ATOM   937  N NZ  . LYS A 1 120 ? -15.350 -6.549  16.687  1.00 20.72 ? 131 LYS A NZ  1 
ATOM   938  N N   . CYS A 1 121 ? -11.185 -3.475  10.259  1.00 13.03 ? 133 CYS A N   1 
ATOM   939  C CA  . CYS A 1 121 ? -11.328 -2.659  9.062   1.00 13.25 ? 133 CYS A CA  1 
ATOM   940  C C   . CYS A 1 121 ? -12.648 -1.903  9.035   1.00 14.09 ? 133 CYS A C   1 
ATOM   941  O O   . CYS A 1 121 ? -12.680 -0.801  8.522   1.00 14.60 ? 133 CYS A O   1 
ATOM   942  C CB  . CYS A 1 121 ? -11.238 -3.557  7.836   1.00 12.76 ? 133 CYS A CB  1 
ATOM   943  S SG  . CYS A 1 121 ? -9.585  -4.242  7.598   1.00 12.03 ? 133 CYS A SG  1 
ATOM   944  O OXT . CYS A 1 121 ? -13.667 -2.432  9.498   1.00 16.42 ? 133 CYS A OXT 1 
HETATM 945  C C1  . PHQ B 2 1   ? 10.059  -11.657 -4.195  0.50 29.45 ? 1   PHQ C C1  1 
HETATM 946  O O1  . PHQ B 2 1   ? 9.714   -12.759 -3.785  0.50 29.71 ? 1   PHQ C O1  1 
HETATM 947  O O2  . PHQ B 2 1   ? 11.231  -11.619 -5.091  0.50 29.42 ? 1   PHQ C O2  1 
HETATM 948  C C2  . PHQ B 2 1   ? 12.653  -11.946 -4.928  0.50 28.95 ? 1   PHQ C C2  1 
HETATM 949  C C3  . PHQ B 2 1   ? 13.779  -12.677 -5.612  0.50 28.35 ? 1   PHQ C C3  1 
HETATM 950  C C4  . PHQ B 2 1   ? 14.852  -11.856 -5.958  0.50 28.39 ? 1   PHQ C C4  1 
HETATM 951  C C5  . PHQ B 2 1   ? 15.961  -12.386 -6.593  0.50 28.09 ? 1   PHQ C C5  1 
HETATM 952  C C6  . PHQ B 2 1   ? 16.008  -13.742 -6.872  0.50 28.07 ? 1   PHQ C C6  1 
HETATM 953  C C7  . PHQ B 2 1   ? 14.940  -14.565 -6.522  0.50 27.93 ? 1   PHQ C C7  1 
HETATM 954  C C8  . PHQ B 2 1   ? 13.824  -14.036 -5.883  0.50 28.20 ? 1   PHQ C C8  1 
ATOM   955  N N   . LEU B 2 2   ? 9.419   -10.424 -4.163  0.50 27.83 ? 2   LEU C N   1 
ATOM   956  C CA  . LEU B 2 2   ? 9.528   -9.193  -3.293  0.50 27.78 ? 2   LEU C CA  1 
ATOM   957  C C   . LEU B 2 2   ? 8.284   -8.932  -2.256  0.50 27.99 ? 2   LEU C C   1 
ATOM   958  O O   . LEU B 2 2   ? 7.821   -9.922  -1.703  0.50 27.99 ? 2   LEU C O   1 
ATOM   959  C CB  . LEU B 2 2   ? 10.043  -8.160  -3.991  0.50 27.71 ? 2   LEU C CB  1 
ATOM   960  C CG  . LEU B 2 2   ? 10.136  -7.888  -5.474  0.50 27.23 ? 2   LEU C CG  1 
ATOM   961  C CD1 . LEU B 2 2   ? 8.885   -7.206  -5.878  0.50 27.08 ? 2   LEU C CD1 1 
ATOM   962  C CD2 . LEU B 2 2   ? 11.334  -6.955  -5.540  0.50 26.99 ? 2   LEU C CD2 1 
ATOM   963  N N   . VAL B 2 3   ? 7.894   -7.681  -1.879  0.50 28.08 ? 3   VAL C N   1 
ATOM   964  C CA  . VAL B 2 3   ? 6.807   -7.183  -0.856  0.50 28.13 ? 3   VAL C CA  1 
ATOM   965  C C   . VAL B 2 3   ? 5.329   -7.913  -0.522  0.50 28.22 ? 3   VAL C C   1 
ATOM   966  O O   . VAL B 2 3   ? 4.927   -8.786  -1.291  0.50 28.35 ? 3   VAL C O   1 
ATOM   967  C CB  . VAL B 2 3   ? 6.789   -5.573  -1.059  0.50 28.10 ? 3   VAL C CB  1 
ATOM   968  C CG1 . VAL B 2 3   ? 6.844   -4.733  0.238   0.50 28.00 ? 3   VAL C CG1 1 
ATOM   969  C CG2 . VAL B 2 3   ? 8.002   -5.167  -1.946  0.50 28.02 ? 3   VAL C CG2 1 
ATOM   970  N N   . ARG B 2 4   ? 4.589   -7.593  0.605   0.50 28.37 ? 4   ARG C N   1 
ATOM   971  C CA  . ARG B 2 4   ? 3.278   -8.281  1.107   0.50 28.32 ? 4   ARG C CA  1 
ATOM   972  C C   . ARG B 2 4   ? 2.194   -7.545  1.981   0.50 28.25 ? 4   ARG C C   1 
ATOM   973  O O   . ARG B 2 4   ? 1.917   -8.026  3.079   0.50 28.46 ? 4   ARG C O   1 
ATOM   974  C CB  . ARG B 2 4   ? 3.579   -9.466  2.068   0.50 28.38 ? 4   ARG C CB  1 
ATOM   975  C CG  . ARG B 2 4   ? 2.623   -10.435 2.747   0.50 28.36 ? 4   ARG C CG  1 
ATOM   976  C CD  . ARG B 2 4   ? 2.437   -10.433 4.272   0.50 28.50 ? 4   ARG C CD  1 
ATOM   977  N NE  . ARG B 2 4   ? 1.970   -10.773 5.692   0.50 28.47 ? 4   ARG C NE  1 
ATOM   978  C CZ  . ARG B 2 4   ? 1.821   -10.892 7.015   0.50 28.30 ? 4   ARG C CZ  1 
ATOM   979  N NH1 . ARG B 2 4   ? 1.978   -9.878  7.855   0.50 28.44 ? 4   ARG C NH1 1 
ATOM   980  N NH2 . ARG B 2 4   ? 1.499   -12.082 7.504   0.50 28.18 ? 4   ARG C NH2 1 
ATOM   981  N N   . TYR B 2 5   ? 1.592   -6.425  1.585   0.50 28.14 ? 5   TYR C N   1 
ATOM   982  C CA  . TYR B 2 5   ? 0.523   -5.800  2.397   0.50 27.94 ? 5   TYR C CA  1 
ATOM   983  C C   . TYR B 2 5   ? -0.783  -5.830  1.617   0.50 27.78 ? 5   TYR C C   1 
ATOM   984  O O   . TYR B 2 5   ? -1.204  -4.818  1.063   0.50 27.81 ? 5   TYR C O   1 
ATOM   985  C CB  . TYR B 2 5   ? 0.809   -4.347  2.842   0.50 27.92 ? 5   TYR C CB  1 
ATOM   986  C CG  . TYR B 2 5   ? 1.846   -3.516  2.106   0.50 27.67 ? 5   TYR C CG  1 
ATOM   987  C CD1 . TYR B 2 5   ? 2.158   -2.254  2.583   0.50 27.48 ? 5   TYR C CD1 1 
ATOM   988  C CD2 . TYR B 2 5   ? 2.518   -3.965  0.974   0.50 28.02 ? 5   TYR C CD2 1 
ATOM   989  C CE1 . TYR B 2 5   ? 3.096   -1.465  1.982   0.50 27.86 ? 5   TYR C CE1 1 
ATOM   990  C CE2 . TYR B 2 5   ? 3.469   -3.167  0.352   0.50 27.97 ? 5   TYR C CE2 1 
ATOM   991  C CZ  . TYR B 2 5   ? 3.750   -1.917  0.869   0.50 27.96 ? 5   TYR C CZ  1 
ATOM   992  O OH  . TYR B 2 5   ? 4.685   -1.106  0.275   0.50 28.66 ? 5   TYR C OH  1 
HETATM 993  S S   . SO4 C 3 .   ? -1.306  9.933   14.492  1.00 40.59 ? 301 SO4 A S   1 
HETATM 994  O O1  . SO4 C 3 .   ? -0.066  10.607  14.831  1.00 40.88 ? 301 SO4 A O1  1 
HETATM 995  O O2  . SO4 C 3 .   ? -1.814  10.479  13.233  1.00 40.44 ? 301 SO4 A O2  1 
HETATM 996  O O3  . SO4 C 3 .   ? -2.301  10.163  15.539  1.00 40.82 ? 301 SO4 A O3  1 
HETATM 997  O O4  . SO4 C 3 .   ? -1.057  8.501   14.360  1.00 40.23 ? 301 SO4 A O4  1 
HETATM 998  S S   . SO4 D 3 .   ? 3.083   -4.232  -16.839 1.00 16.79 ? 302 SO4 A S   1 
HETATM 999  O O1  . SO4 D 3 .   ? 3.149   -5.566  -17.442 1.00 17.87 ? 302 SO4 A O1  1 
HETATM 1000 O O2  . SO4 D 3 .   ? 4.231   -3.442  -17.281 1.00 18.33 ? 302 SO4 A O2  1 
HETATM 1001 O O3  . SO4 D 3 .   ? 3.129   -4.352  -15.380 1.00 17.18 ? 302 SO4 A O3  1 
HETATM 1002 O O4  . SO4 D 3 .   ? 1.834   -3.583  -17.247 1.00 17.09 ? 302 SO4 A O4  1 
HETATM 1003 S S   . SO4 E 3 .   ? 13.134  10.988  9.559   1.00 32.01 ? 303 SO4 A S   1 
HETATM 1004 O O1  . SO4 E 3 .   ? 12.778  9.990   8.555   1.00 30.83 ? 303 SO4 A O1  1 
HETATM 1005 O O2  . SO4 E 3 .   ? 12.797  12.318  9.058   1.00 32.23 ? 303 SO4 A O2  1 
HETATM 1006 O O3  . SO4 E 3 .   ? 14.566  10.912  9.851   1.00 32.11 ? 303 SO4 A O3  1 
HETATM 1007 O O4  . SO4 E 3 .   ? 12.391  10.720  10.782  1.00 31.83 ? 303 SO4 A O4  1 
HETATM 1008 C C   . ACY F 4 .   ? 5.857   4.718   19.550  1.00 48.15 ? 304 ACY A C   1 
HETATM 1009 O O   . ACY F 4 .   ? 4.874   3.947   19.580  1.00 48.18 ? 304 ACY A O   1 
HETATM 1010 O OXT . ACY F 4 .   ? 6.587   4.898   18.549  1.00 48.17 ? 304 ACY A OXT 1 
HETATM 1011 C CH3 . ACY F 4 .   ? 6.163   5.465   20.812  1.00 48.19 ? 304 ACY A CH3 1 
HETATM 1012 C C   . MOH G 5 .   ? -14.414 -5.485  -17.203 1.00 35.73 ? 305 MOH A C   1 
HETATM 1013 O O   . MOH G 5 .   ? -14.278 -4.939  -15.942 1.00 35.48 ? 305 MOH A O   1 
HETATM 1014 C C   . MOH H 5 .   ? -8.180  11.847  -8.976  1.00 37.04 ? 306 MOH A C   1 
HETATM 1015 O O   . MOH H 5 .   ? -7.185  11.209  -8.264  1.00 37.03 ? 306 MOH A O   1 
HETATM 1016 O O   . HOH I 6 .   ? -4.481  3.175   1.423   1.00 8.73  ? 307 HOH A O   1 
HETATM 1017 O O   . HOH I 6 .   ? 3.424   9.180   8.294   1.00 10.31 ? 308 HOH A O   1 
HETATM 1018 O O   . HOH I 6 .   ? -1.461  -4.944  -7.163  1.00 9.73  ? 309 HOH A O   1 
HETATM 1019 O O   . HOH I 6 .   ? -12.567 -13.681 -8.625  1.00 9.50  ? 310 HOH A O   1 
HETATM 1020 O O   . HOH I 6 .   ? -1.814  -10.354 -14.903 1.00 10.84 ? 311 HOH A O   1 
HETATM 1021 O O   . HOH I 6 .   ? -8.167  -10.982 -13.090 1.00 7.86  ? 312 HOH A O   1 
HETATM 1022 O O   . HOH I 6 .   ? -5.999  1.527   -0.213  1.00 8.08  ? 313 HOH A O   1 
HETATM 1023 O O   . HOH I 6 .   ? -9.500  2.534   -2.630  1.00 10.12 ? 314 HOH A O   1 
HETATM 1024 O O   . HOH I 6 .   ? -3.466  7.601   6.336   1.00 10.09 ? 315 HOH A O   1 
HETATM 1025 O O   . HOH I 6 .   ? -4.973  8.253   8.499   1.00 11.28 ? 316 HOH A O   1 
HETATM 1026 O O   . HOH I 6 .   ? -14.024 -9.526  -14.845 1.00 11.76 ? 317 HOH A O   1 
HETATM 1027 O O   . HOH I 6 .   ? -7.047  -11.219 -9.230  1.00 9.08  ? 318 HOH A O   1 
HETATM 1028 O O   . HOH I 6 .   ? 4.436   8.384   3.147   1.00 10.65 ? 319 HOH A O   1 
HETATM 1029 O O   . HOH I 6 .   ? 0.925   13.170  7.637   1.00 13.51 ? 320 HOH A O   1 
HETATM 1030 O O   . HOH I 6 .   ? -8.668  4.860   -5.576  1.00 10.42 ? 321 HOH A O   1 
HETATM 1031 O O   . HOH I 6 .   ? -2.874  4.950   14.202  1.00 14.90 ? 322 HOH A O   1 
HETATM 1032 O O   . HOH I 6 .   ? -11.204 -1.445  -4.716  1.00 11.21 ? 323 HOH A O   1 
HETATM 1033 O O   . HOH I 6 .   ? -8.577  2.488   -0.041  1.00 8.55  ? 324 HOH A O   1 
HETATM 1034 O O   . HOH I 6 .   ? 9.641   9.336   -8.862  1.00 16.31 ? 325 HOH A O   1 
HETATM 1035 O O   . HOH I 6 .   ? -12.971 -10.999 -4.390  1.00 14.69 ? 326 HOH A O   1 
HETATM 1036 O O   . HOH I 6 .   ? -12.503 -10.444 -11.825 1.00 12.55 ? 327 HOH A O   1 
HETATM 1037 O O   . HOH I 6 .   ? 5.723   9.440   11.888  1.00 15.21 ? 328 HOH A O   1 
HETATM 1038 O O   . HOH I 6 .   ? -4.257  9.835   4.936   1.00 12.02 ? 329 HOH A O   1 
HETATM 1039 O O   . HOH I 6 .   ? -10.078 1.360   -20.235 1.00 16.87 ? 330 HOH A O   1 
HETATM 1040 O O   . HOH I 6 .   ? -8.966  5.494   -11.480 1.00 13.25 ? 331 HOH A O   1 
HETATM 1041 O O   . HOH I 6 .   ? 13.639  4.932   -0.893  1.00 14.63 ? 332 HOH A O   1 
HETATM 1042 O O   . HOH I 6 .   ? 1.333   10.728  11.259  1.00 16.06 ? 333 HOH A O   1 
HETATM 1043 O O   . HOH I 6 .   ? -15.750 -7.500  -15.797 1.00 18.49 ? 334 HOH A O   1 
HETATM 1044 O O   . HOH I 6 .   ? 12.674  5.794   3.453   1.00 17.01 ? 335 HOH A O   1 
HETATM 1045 O O   . HOH I 6 .   ? -7.179  4.818   -21.834 1.00 15.43 ? 336 HOH A O   1 
HETATM 1046 O O   . HOH I 6 .   ? 10.002  -0.046  5.243   1.00 17.28 ? 337 HOH A O   1 
HETATM 1047 O O   . HOH I 6 .   ? -15.943 -14.404 -6.699  1.00 20.78 ? 338 HOH A O   1 
HETATM 1048 O O   . HOH I 6 .   ? -5.027  9.726   2.279   1.00 12.28 ? 339 HOH A O   1 
HETATM 1049 O O   . HOH I 6 .   ? 10.923  -1.044  -4.848  1.00 13.59 ? 340 HOH A O   1 
HETATM 1050 O O   . HOH I 6 .   ? -3.774  -6.442  -17.225 1.00 14.58 ? 341 HOH A O   1 
HETATM 1051 O O   . HOH I 6 .   ? -0.101  0.634   -16.769 1.00 16.94 ? 342 HOH A O   1 
HETATM 1052 O O   . HOH I 6 .   ? 13.681  9.532   -6.237  1.00 23.19 ? 343 HOH A O   1 
HETATM 1053 O O   . HOH I 6 .   ? -7.044  -0.753  -13.727 1.00 18.35 ? 344 HOH A O   1 
HETATM 1054 O O   . HOH I 6 .   ? -15.300 -3.685  -12.627 1.00 26.30 ? 345 HOH A O   1 
HETATM 1055 O O   . HOH I 6 .   ? -3.225  12.580  7.105   1.00 19.45 ? 346 HOH A O   1 
HETATM 1056 O O   . HOH I 6 .   ? 13.603  -1.621  -5.059  1.00 26.31 ? 347 HOH A O   1 
HETATM 1057 O O   . HOH I 6 .   ? 6.298   -4.792  11.985  1.00 27.86 ? 348 HOH A O   1 
HETATM 1058 O O   . HOH I 6 .   ? -13.854 -9.096  -8.622  1.00 26.48 ? 349 HOH A O   1 
HETATM 1059 O O   . HOH I 6 .   ? -0.894  15.973  4.820   1.00 24.38 ? 350 HOH A O   1 
HETATM 1060 O O   . HOH I 6 .   ? 0.980   2.671   17.698  1.00 30.19 ? 351 HOH A O   1 
HETATM 1061 O O   . HOH I 6 .   ? 2.826   15.251  2.219   1.00 21.74 ? 352 HOH A O   1 
HETATM 1062 O O   . HOH I 6 .   ? 3.977   -7.090  -12.429 1.00 18.13 ? 353 HOH A O   1 
HETATM 1063 O O   . HOH I 6 .   ? -6.557  12.754  3.730   1.00 17.73 ? 354 HOH A O   1 
HETATM 1064 O O   . HOH I 6 .   ? -10.552 6.750   -8.007  1.00 17.50 ? 355 HOH A O   1 
HETATM 1065 O O   . HOH I 6 .   ? -11.584 -3.374  -2.343  1.00 15.91 ? 356 HOH A O   1 
HETATM 1066 O O   . HOH I 6 .   ? -13.719 -11.438 -7.301  1.00 17.31 ? 357 HOH A O   1 
HETATM 1067 O O   . HOH I 6 .   ? -11.267 -2.239  16.214  1.00 26.92 ? 358 HOH A O   1 
HETATM 1068 O O   . HOH I 6 .   ? 14.040  9.365   -2.364  1.00 26.99 ? 359 HOH A O   1 
HETATM 1069 O O   . HOH I 6 .   ? 4.705   16.548  1.004   1.00 22.73 ? 360 HOH A O   1 
HETATM 1070 O O   . HOH I 6 .   ? -7.012  10.165  -21.218 1.00 33.03 ? 361 HOH A O   1 
HETATM 1071 O O   . HOH I 6 .   ? -3.607  10.618  -20.467 1.00 38.86 ? 362 HOH A O   1 
HETATM 1072 O O   . HOH I 6 .   ? -7.154  -5.568  10.381  1.00 21.59 ? 363 HOH A O   1 
HETATM 1073 O O   . HOH I 6 .   ? -10.684 4.781   -13.961 1.00 40.35 ? 364 HOH A O   1 
HETATM 1074 O O   . HOH I 6 .   ? -6.923  -11.985 -15.434 1.00 10.18 ? 365 HOH A O   1 
HETATM 1075 O O   . HOH I 6 .   ? -5.409  10.910  7.980   1.00 18.23 ? 366 HOH A O   1 
HETATM 1076 O O   . HOH I 6 .   ? 9.454   -2.996  -5.940  1.00 19.17 ? 367 HOH A O   1 
HETATM 1077 O O   . HOH I 6 .   ? -6.724  -6.356  6.359   1.00 19.02 ? 368 HOH A O   1 
HETATM 1078 O O   . HOH I 6 .   ? -5.891  -4.346  7.991   1.00 15.66 ? 369 HOH A O   1 
HETATM 1079 O O   . HOH I 6 .   ? 2.881   -0.322  -14.298 1.00 18.06 ? 370 HOH A O   1 
HETATM 1080 O O   . HOH I 6 .   ? 3.419   11.008  12.887  1.00 21.33 ? 371 HOH A O   1 
HETATM 1081 O O   . HOH I 6 .   ? -9.319  -7.442  5.947   1.00 18.77 ? 372 HOH A O   1 
HETATM 1082 O O   . HOH I 6 .   ? -4.500  13.922  5.054   1.00 23.48 ? 373 HOH A O   1 
HETATM 1083 O O   . HOH I 6 .   ? 5.102   -1.645  -15.170 1.00 21.75 ? 374 HOH A O   1 
HETATM 1084 O O   . HOH I 6 .   ? 14.635  6.643   -4.061  1.00 25.99 ? 375 HOH A O   1 
HETATM 1085 O O   . HOH I 6 .   ? -5.835  1.217   18.030  1.00 29.72 ? 376 HOH A O   1 
HETATM 1086 O O   . HOH I 6 .   ? 2.965   6.139   17.359  1.00 26.75 ? 377 HOH A O   1 
HETATM 1087 O O   . HOH I 6 .   ? -3.512  6.264   16.583  1.00 34.57 ? 378 HOH A O   1 
HETATM 1088 O O   . HOH I 6 .   ? -8.383  -13.782 -9.200  1.00 9.63  ? 379 HOH A O   1 
HETATM 1089 O O   . HOH I 6 .   ? -12.695 2.203   -20.458 1.00 23.65 ? 380 HOH A O   1 
HETATM 1090 O O   . HOH I 6 .   ? -9.403  3.871   -21.057 1.00 20.05 ? 381 HOH A O   1 
HETATM 1091 O O   . HOH I 6 .   ? -11.611 4.544   -22.435 1.00 33.30 ? 382 HOH A O   1 
HETATM 1092 O O   . HOH I 6 .   ? -4.827  11.153  10.545  1.00 18.81 ? 383 HOH A O   1 
HETATM 1093 O O   . HOH I 6 .   ? -9.596  5.020   -18.619 1.00 32.81 ? 384 HOH A O   1 
HETATM 1094 O O   . HOH I 6 .   ? 16.264  0.254   7.818   1.00 27.97 ? 385 HOH A O   1 
HETATM 1095 O O   . HOH I 6 .   ? -7.896  10.159  -11.418 1.00 31.29 ? 386 HOH A O   1 
HETATM 1096 O O   . HOH I 6 .   ? -5.571  6.212   5.068   1.00 15.80 ? 387 HOH A O   1 
HETATM 1097 O O   . HOH I 6 .   ? 3.904   -0.092  19.700  1.00 29.61 ? 388 HOH A O   1 
HETATM 1098 O O   . HOH I 6 .   ? 0.810   -1.591  -15.551 1.00 17.68 ? 389 HOH A O   1 
HETATM 1099 O O   . HOH I 6 .   ? 14.893  8.590   1.849   1.00 40.05 ? 390 HOH A O   1 
HETATM 1100 O O   . HOH I 6 .   ? 14.611  7.508   -0.519  1.00 20.94 ? 391 HOH A O   1 
HETATM 1101 O O   . HOH I 6 .   ? -11.161 -5.996  4.617   1.00 18.66 ? 392 HOH A O   1 
HETATM 1102 O O   . HOH I 6 .   ? 0.719   17.100  2.801   1.00 26.81 ? 393 HOH A O   1 
HETATM 1103 O O   . HOH I 6 .   ? -6.427  -1.375  -20.643 1.00 34.76 ? 394 HOH A O   1 
HETATM 1104 O O   . HOH I 6 .   ? 9.873   1.975   -11.063 0.50 20.18 ? 395 HOH A O   1 
HETATM 1105 O O   . HOH I 6 .   ? -1.908  2.605   -20.518 1.00 25.46 ? 396 HOH A O   1 
HETATM 1106 O O   . HOH I 6 .   ? 0.359   -6.036  -4.344  1.00 15.77 ? 397 HOH A O   1 
HETATM 1107 O O   . HOH I 6 .   ? -3.682  -6.125  8.183   1.00 21.47 ? 398 HOH A O   1 
HETATM 1108 O O   . HOH I 6 .   ? -4.265  -0.957  -21.881 1.00 36.09 ? 399 HOH A O   1 
HETATM 1109 O O   . HOH I 6 .   ? 11.389  -4.675  -6.616  1.00 34.19 ? 400 HOH A O   1 
HETATM 1110 O O   . HOH I 6 .   ? -4.087  9.085   16.027  0.50 19.13 ? 401 HOH A O   1 
HETATM 1111 O O   . HOH I 6 .   ? 1.210   15.052  11.841  0.50 27.91 ? 402 HOH A O   1 
HETATM 1112 O O   . HOH I 6 .   ? -15.620 -14.807 -1.664  1.00 28.42 ? 403 HOH A O   1 
HETATM 1113 O O   . HOH I 6 .   ? 9.560   4.251   17.841  1.00 25.29 ? 404 HOH A O   1 
HETATM 1114 O O   . HOH I 6 .   ? 4.517   -8.485  -8.527  1.00 16.86 ? 405 HOH A O   1 
HETATM 1115 O O   . HOH I 6 .   ? 2.716   -10.269 -12.228 1.00 17.49 ? 406 HOH A O   1 
HETATM 1116 O O   . HOH I 6 .   ? 9.675   1.196   -5.997  1.00 14.03 ? 407 HOH A O   1 
HETATM 1117 O O   . HOH I 6 .   ? 5.545   -3.811  8.601   1.00 22.23 ? 408 HOH A O   1 
HETATM 1118 O O   . HOH I 6 .   ? -3.541  12.136  -7.433  1.00 28.38 ? 409 HOH A O   1 
HETATM 1119 O O   . HOH I 6 .   ? 7.909   2.187   19.022  1.00 25.89 ? 410 HOH A O   1 
HETATM 1120 O O   . HOH I 6 .   ? 11.962  0.293   13.472  1.00 20.60 ? 411 HOH A O   1 
HETATM 1121 O O   . HOH I 6 .   ? -0.086  8.190   -18.931 1.00 28.36 ? 412 HOH A O   1 
HETATM 1122 O O   . HOH I 6 .   ? 2.585   6.662   -14.481 1.00 27.60 ? 413 HOH A O   1 
HETATM 1123 O O   . HOH I 6 .   ? 2.459   8.966   15.096  1.00 24.13 ? 414 HOH A O   1 
HETATM 1124 O O   . HOH I 6 .   ? -1.083  11.219  -23.853 1.00 33.17 ? 415 HOH A O   1 
HETATM 1125 O O   . HOH I 6 .   ? -13.509 6.156   -11.021 1.00 34.11 ? 416 HOH A O   1 
HETATM 1126 O O   . HOH I 6 .   ? 7.543   -4.435  -4.499  1.00 27.80 ? 417 HOH A O   1 
HETATM 1127 O O   . HOH I 6 .   ? 5.169   -5.229  -13.905 1.00 22.69 ? 418 HOH A O   1 
HETATM 1128 O O   . HOH I 6 .   ? -0.549  4.766   -21.037 1.00 23.73 ? 419 HOH A O   1 
HETATM 1129 O O   . HOH I 6 .   ? 11.157  0.889   -8.499  1.00 26.05 ? 420 HOH A O   1 
HETATM 1130 O O   . HOH I 6 .   ? 3.204   1.061   -11.896 1.00 16.26 ? 421 HOH A O   1 
HETATM 1131 O O   . HOH I 6 .   ? 4.762   -9.137  -11.320 1.00 22.88 ? 422 HOH A O   1 
HETATM 1132 O O   . HOH I 6 .   ? 5.794   -2.814  -12.814 1.00 24.50 ? 423 HOH A O   1 
HETATM 1133 O O   . HOH I 6 .   ? -5.791  -9.959  1.502   1.00 31.16 ? 424 HOH A O   1 
HETATM 1134 O O   . HOH I 6 .   ? -5.326  -10.503 -0.817  1.00 27.79 ? 425 HOH A O   1 
HETATM 1135 O O   . HOH I 6 .   ? -1.214  12.560  -7.023  1.00 27.98 ? 426 HOH A O   1 
HETATM 1136 O O   . HOH I 6 .   ? 1.952   -13.696 -13.614 1.00 18.30 ? 427 HOH A O   1 
HETATM 1137 O O   . HOH I 6 .   ? 4.599   -12.644 -14.521 1.00 20.30 ? 428 HOH A O   1 
HETATM 1138 O O   . HOH I 6 .   ? -10.904 6.892   -12.716 1.00 28.79 ? 429 HOH A O   1 
HETATM 1139 O O   . HOH I 6 .   ? 6.550   -12.778 -12.619 1.00 25.63 ? 430 HOH A O   1 
HETATM 1140 O O   . HOH I 6 .   ? 7.077   -10.478 -11.459 1.00 34.44 ? 431 HOH A O   1 
HETATM 1141 O O   . HOH I 6 .   ? -4.335  10.324  -8.737  1.00 20.33 ? 432 HOH A O   1 
HETATM 1142 O O   . HOH I 6 .   ? 17.565  -1.142  11.911  1.00 24.94 ? 433 HOH A O   1 
HETATM 1143 O O   . HOH I 6 .   ? 13.987  -0.087  15.129  1.00 26.93 ? 434 HOH A O   1 
HETATM 1144 O O   . HOH I 6 .   ? -11.159 4.133   -16.371 0.50 21.21 ? 435 HOH A O   1 
HETATM 1145 O O   . HOH I 6 .   ? -18.530 -5.276  -4.828  1.00 30.30 ? 436 HOH A O   1 
HETATM 1146 O O   . HOH I 6 .   ? 2.999   11.022  -17.157 1.00 24.51 ? 437 HOH A O   1 
HETATM 1147 O O   . HOH I 6 .   ? 6.642   -8.840  -6.751  1.00 26.59 ? 438 HOH A O   1 
HETATM 1148 O O   . HOH I 6 .   ? 3.581   8.054   -16.594 1.00 29.24 ? 439 HOH A O   1 
HETATM 1149 O O   . HOH I 6 .   ? 2.245   1.935   -15.935 1.00 31.71 ? 440 HOH A O   1 
HETATM 1150 O O   . HOH I 6 .   ? 1.385   4.377   -16.267 1.00 32.75 ? 441 HOH A O   1 
HETATM 1151 O O   . HOH I 6 .   ? 11.427  2.837   16.158  1.00 28.03 ? 442 HOH A O   1 
HETATM 1152 O O   . HOH I 6 .   ? 4.270   -11.275 -9.350  1.00 28.18 ? 443 HOH A O   1 
HETATM 1153 O O   . HOH I 6 .   ? 15.669  2.152   14.634  1.00 31.94 ? 444 HOH A O   1 
HETATM 1154 O O   . HOH I 6 .   ? 9.657   -4.403  -13.758 1.00 34.72 ? 445 HOH A O   1 
HETATM 1155 O O   . HOH I 6 .   ? -14.790 -2.881  1.824   1.00 23.20 ? 446 HOH A O   1 
HETATM 1156 O O   . HOH I 6 .   ? 8.373   -2.117  -8.160  1.00 22.11 ? 447 HOH A O   1 
HETATM 1157 O O   . HOH I 6 .   ? 3.954   -13.081 -7.928  1.00 29.99 ? 448 HOH A O   1 
HETATM 1158 O O   . HOH I 6 .   ? -7.170  -9.606  -2.322  1.00 22.92 ? 449 HOH A O   1 
HETATM 1159 O O   . HOH I 6 .   ? -2.643  9.332   -22.640 1.00 27.28 ? 450 HOH A O   1 
HETATM 1160 O O   . HOH I 6 .   ? -18.837 -14.908 -6.418  1.00 31.47 ? 451 HOH A O   1 
HETATM 1161 O O   . HOH I 6 .   ? -10.619 -11.052 3.092   1.00 22.27 ? 452 HOH A O   1 
HETATM 1162 O O   . HOH I 6 .   ? -15.641 -10.745 -3.630  1.00 32.40 ? 453 HOH A O   1 
HETATM 1163 O O   . HOH I 6 .   ? 0.064   5.101   17.041  1.00 33.07 ? 454 HOH A O   1 
HETATM 1164 O O   . HOH I 6 .   ? 1.152   -0.919  -20.997 1.00 29.42 ? 455 HOH A O   1 
HETATM 1165 O O   . HOH I 6 .   ? 8.556   -2.482  -12.553 1.00 31.19 ? 456 HOH A O   1 
HETATM 1166 O O   . HOH I 6 .   ? -0.757  7.558   -21.303 1.00 23.78 ? 457 HOH A O   1 
HETATM 1167 O O   . HOH I 6 .   ? 5.622   -2.742  -4.015  1.00 25.24 ? 458 HOH A O   1 
HETATM 1168 O O   . HOH I 6 .   ? -0.049  -11.925 -13.606 1.00 13.15 ? 459 HOH A O   1 
HETATM 1169 O O   . HOH I 6 .   ? -0.338  -1.954  -13.304 1.00 23.53 ? 460 HOH A O   1 
HETATM 1170 O O   . HOH I 6 .   ? -9.106  -1.132  -21.072 1.00 19.63 ? 461 HOH A O   1 
HETATM 1171 O O   . HOH I 6 .   ? -6.381  -3.048  -16.219 1.00 18.58 ? 462 HOH A O   1 
HETATM 1172 O O   . HOH I 6 .   ? -4.265  17.141  -0.566  1.00 23.21 ? 463 HOH A O   1 
HETATM 1173 O O   . HOH I 6 .   ? 1.531   -6.240  12.415  1.00 23.89 ? 464 HOH A O   1 
HETATM 1174 O O   . HOH I 6 .   ? -9.771  8.258   -19.462 1.00 40.75 ? 465 HOH A O   1 
HETATM 1175 O O   . HOH I 6 .   ? -2.267  -12.071 -4.252  1.00 15.17 ? 466 HOH A O   1 
HETATM 1176 O O   . HOH I 6 .   ? 0.169   1.169   -19.422 1.00 23.08 ? 467 HOH A O   1 
HETATM 1177 O O   . HOH I 6 .   ? -11.315 -6.579  9.743   1.00 28.59 ? 468 HOH A O   1 
HETATM 1178 O O   . HOH I 6 .   ? -1.466  -13.325 16.842  1.00 42.20 ? 469 HOH A O   1 
HETATM 1179 O O   . HOH I 6 .   ? -0.481  -2.186  2.457   1.00 14.09 ? 470 HOH A O   1 
HETATM 1180 O O   . HOH I 6 .   ? -1.996  -9.244  18.903  1.00 42.36 ? 471 HOH A O   1 
HETATM 1181 O O   . HOH I 6 .   ? -11.280 1.304   -11.378 1.00 32.04 ? 472 HOH A O   1 
HETATM 1182 O O   . HOH I 6 .   ? -3.941  -2.290  18.991  1.00 42.39 ? 473 HOH A O   1 
HETATM 1183 O O   . HOH I 6 .   ? 16.242  9.620   -5.813  1.00 30.22 ? 474 HOH A O   1 
HETATM 1184 O O   . HOH I 6 .   ? -10.625 0.240   -13.864 1.00 25.41 ? 475 HOH A O   1 
HETATM 1185 O O   . HOH I 6 .   ? 7.099   9.792   13.987  1.00 34.11 ? 476 HOH A O   1 
HETATM 1186 O O   . HOH I 6 .   ? -7.821  -2.958  -14.386 1.00 22.10 ? 477 HOH A O   1 
HETATM 1187 O O   . HOH I 6 .   ? -3.575  -17.619 -2.900  1.00 37.64 ? 478 HOH A O   1 
HETATM 1188 O O   . HOH I 6 .   ? -3.598  -14.377 -3.185  1.00 34.67 ? 479 HOH A O   1 
HETATM 1189 O O   . HOH I 6 .   ? 6.899   12.632  11.796  1.00 40.22 ? 480 HOH A O   1 
HETATM 1190 O O   . HOH I 6 .   ? -13.056 -5.229  -19.462 1.00 32.96 ? 481 HOH A O   1 
HETATM 1191 O O   . HOH I 6 .   ? -0.385  -2.106  18.928  1.00 33.90 ? 482 HOH A O   1 
HETATM 1192 O O   . HOH I 6 .   ? -13.084 0.457   -15.592 1.00 35.75 ? 483 HOH A O   1 
HETATM 1193 O O   . HOH I 6 .   ? -5.199  5.063   18.040  1.00 41.02 ? 484 HOH A O   1 
HETATM 1194 O O   . HOH I 6 .   ? 1.480   -0.447  17.696  1.00 29.94 ? 485 HOH A O   1 
HETATM 1195 O O   . HOH I 6 .   ? 3.137   -11.686 13.896  1.00 32.55 ? 486 HOH A O   1 
HETATM 1196 O O   . HOH I 6 .   ? 11.684  11.192  4.361   0.50 28.63 ? 487 HOH A O   1 
HETATM 1197 O O   . HOH I 6 .   ? 12.396  10.609  0.124   0.50 23.58 ? 488 HOH A O   1 
HETATM 1198 O O   . HOH I 6 .   ? -5.329  -5.625  12.780  0.50 14.06 ? 489 HOH A O   1 
HETATM 1199 O O   . HOH I 6 .   ? 9.745   8.388   18.961  1.00 30.43 ? 490 HOH A O   1 
HETATM 1200 O O   . HOH I 6 .   ? 15.348  0.670   10.741  1.00 27.53 ? 491 HOH A O   1 
HETATM 1201 O O   . HOH I 6 .   ? 2.269   -8.318  14.511  1.00 29.84 ? 492 HOH A O   1 
HETATM 1202 O O   . HOH I 6 .   ? 0.166   15.877  7.695   1.00 33.58 ? 493 HOH A O   1 
HETATM 1203 O O   . HOH I 6 .   ? -2.867  13.592  9.589   1.00 25.03 ? 494 HOH A O   1 
HETATM 1204 O O   . HOH I 6 .   ? 11.803  -5.836  -11.614 1.00 41.87 ? 495 HOH A O   1 
HETATM 1205 O O   . HOH I 6 .   ? -0.101  12.912  10.464  1.00 27.18 ? 496 HOH A O   1 
HETATM 1206 O O   . HOH I 6 .   ? 12.915  8.930   11.944  1.00 33.86 ? 497 HOH A O   1 
HETATM 1207 O O   . HOH I 6 .   ? -1.707  16.258  12.383  1.00 46.05 ? 498 HOH A O   1 
HETATM 1208 O O   . HOH I 6 .   ? 11.463  8.416   -10.559 0.50 24.22 ? 499 HOH A O   1 
HETATM 1209 O O   . HOH I 6 .   ? 11.022  11.478  -1.872  0.50 28.03 ? 500 HOH A O   1 
HETATM 1210 O O   . HOH I 6 .   ? 15.539  -0.954  -3.864  0.50 25.76 ? 501 HOH A O   1 
HETATM 1211 O O   . HOH I 6 .   ? 2.998   -9.470  17.796  0.50 23.98 ? 502 HOH A O   1 
HETATM 1212 O O   . HOH I 6 .   ? 8.626   13.259  7.140   0.50 22.42 ? 503 HOH A O   1 
HETATM 1213 O O   . HOH I 6 .   ? 0.730   -7.365  -2.102  0.50 26.03 ? 504 HOH A O   1 
HETATM 1214 O O   . HOH I 6 .   ? 13.156  8.480   -8.598  0.50 33.06 ? 505 HOH A O   1 
HETATM 1215 O O   . HOH I 6 .   ? -1.259  -10.141 7.949   1.00 24.95 ? 506 HOH A O   1 
HETATM 1216 O O   . HOH I 6 .   ? -2.350  -8.139  6.549   1.00 33.01 ? 507 HOH A O   1 
HETATM 1217 O O   . HOH I 6 .   ? -4.898  -8.686  5.730   1.00 30.26 ? 508 HOH A O   1 
HETATM 1218 O O   . HOH I 6 .   ? -5.250  -7.947  3.195   1.00 19.65 ? 509 HOH A O   1 
HETATM 1219 O O   . HOH J 6 .   ? 10.940  -9.232  -7.740  1.00 32.01 ? 185 HOH C O   1 
HETATM 1220 O O   . HOH J 6 .   ? -1.138  -8.883  -0.737  1.00 30.95 ? 194 HOH C O   1 
HETATM 1221 O O   . HOH J 6 .   ? -2.566  -7.704  2.022   1.00 35.80 ? 206 HOH C O   1 
HETATM 1222 O O   . HOH J 6 .   ? 0.560   -4.502  -0.809  1.00 22.74 ? 207 HOH C O   1 
# 
